data_9O85
#
_entry.id   9O85
#
_cell.length_a   1.00
_cell.length_b   1.00
_cell.length_c   1.00
_cell.angle_alpha   90.00
_cell.angle_beta   90.00
_cell.angle_gamma   90.00
#
_symmetry.space_group_name_H-M   'P 1'
#
loop_
_entity.id
_entity.type
_entity.pdbx_description
1 polymer 'Small conductance calcium-activated potassium channel protein 2'
2 polymer Calmodulin-1
3 non-polymer 'POTASSIUM ION'
4 non-polymer Rimtuzalcap
5 non-polymer 'CALCIUM ION'
6 water water
#
loop_
_entity_poly.entity_id
_entity_poly.type
_entity_poly.pdbx_seq_one_letter_code
_entity_poly.pdbx_strand_id
1 'polypeptide(L)'
;KLGHRRALFEKRKRLSDYALIFGMFGIVVMVIETELSWGAYDKASLYSLALKCLISLSTIILLGLIIVYHAREIQLFMVD
NGADDWRIAMTYERIFFICLEILVCAIHPIPGNYTFTWTARLAFSYAPSTTTADVDIILSIPMFLRLYLIARVMLLHSKL
FTDASSRSIGALNKINFNTRFVMKTLMTICPGTVLLVFSISLWIIAAWTVRACERYHDQQDVTSNFLGAMWLISITFLSI
GYGDMVPNTYCGKGVCLLTGIMGAGCTALVVAVVARKLELTKAEKHVHNFMMDTQLTKRVKNAAANVLRETWLIYKNTKL
VKKIDHAKVRKHQRKFLQAIHQLRSVKMEQRKLNDQANTLVDLAKTQNIMYDMISDLNER
;
A,B,C,D
2 'polypeptide(L)'
;LTEEQIAEFKEAFSLFDKDGDGTITTKELGTVMRSLGQNPTEAELQDMINEVDADGNGTIDFPEFLTMMARKMKDTDSEE
EIREAFRVFDKDGNGYISAAELRHVMTNLGEKLTDEEVDEMIREADIDGDGQVNYEEFVQMMTA
;
E,F,G,H
#
loop_
_chem_comp.id
_chem_comp.type
_chem_comp.name
_chem_comp.formula
A1B92 non-polymer Rimtuzalcap 'C18 H24 F2 N6 O'
CA non-polymer 'CALCIUM ION' 'Ca 2'
K non-polymer 'POTASSIUM ION' 'K 1'
#
# COMPACT_ATOMS: atom_id res chain seq x y z
N LYS A 1 46.47 -5.07 18.23
CA LYS A 1 46.10 -3.87 17.50
C LYS A 1 46.68 -3.87 16.09
N LEU A 2 45.90 -4.37 15.13
CA LEU A 2 46.21 -4.47 13.71
C LEU A 2 47.31 -5.48 13.41
N GLY A 3 47.90 -6.10 14.42
CA GLY A 3 48.90 -7.12 14.20
C GLY A 3 48.37 -8.51 14.51
N HIS A 4 47.57 -8.61 15.57
CA HIS A 4 46.96 -9.87 15.98
C HIS A 4 45.49 -9.94 15.61
N ARG A 5 45.00 -9.01 14.79
CA ARG A 5 43.61 -8.95 14.37
C ARG A 5 43.41 -9.29 12.90
N ARG A 6 44.24 -8.73 12.02
CA ARG A 6 44.20 -9.10 10.61
C ARG A 6 44.59 -10.57 10.42
N ALA A 7 45.56 -11.03 11.20
CA ALA A 7 45.98 -12.43 11.11
C ALA A 7 44.89 -13.39 11.56
N LEU A 8 43.95 -12.94 12.38
CA LEU A 8 42.81 -13.77 12.78
C LEU A 8 41.66 -13.65 11.79
N PHE A 9 41.43 -12.46 11.25
CA PHE A 9 40.42 -12.30 10.20
C PHE A 9 40.77 -13.15 8.97
N GLU A 10 42.04 -13.12 8.56
CA GLU A 10 42.46 -13.95 7.43
C GLU A 10 42.34 -15.43 7.74
N LYS A 11 42.67 -15.83 8.96
CA LYS A 11 42.53 -17.24 9.34
C LYS A 11 41.08 -17.69 9.28
N ARG A 12 40.16 -16.85 9.78
CA ARG A 12 38.73 -17.20 9.69
C ARG A 12 38.27 -17.28 8.24
N LYS A 13 38.71 -16.33 7.41
CA LYS A 13 38.33 -16.35 6.00
C LYS A 13 38.84 -17.61 5.31
N ARG A 14 40.07 -18.03 5.63
CA ARG A 14 40.62 -19.24 5.04
C ARG A 14 39.91 -20.49 5.55
N LEU A 15 39.51 -20.51 6.82
CA LEU A 15 38.82 -21.67 7.38
C LEU A 15 37.37 -21.78 6.93
N SER A 16 36.76 -20.67 6.48
CA SER A 16 35.34 -20.71 6.15
C SER A 16 35.05 -21.59 4.94
N ASP A 17 35.84 -21.47 3.87
CA ASP A 17 35.52 -22.15 2.62
C ASP A 17 36.03 -23.58 2.55
N TYR A 18 37.07 -23.91 3.33
CA TYR A 18 37.53 -25.29 3.37
C TYR A 18 36.46 -26.20 3.97
N ALA A 19 35.59 -25.66 4.82
CA ALA A 19 34.46 -26.44 5.30
C ALA A 19 33.38 -26.57 4.23
N LEU A 20 33.18 -25.52 3.44
CA LEU A 20 32.21 -25.57 2.35
C LEU A 20 32.56 -26.63 1.32
N ILE A 21 33.85 -26.74 0.99
CA ILE A 21 34.29 -27.71 -0.01
C ILE A 21 33.91 -29.12 0.43
N PHE A 22 34.26 -29.48 1.66
CA PHE A 22 33.95 -30.82 2.17
C PHE A 22 32.47 -31.01 2.43
N GLY A 23 31.73 -29.93 2.71
CA GLY A 23 30.29 -30.06 2.84
C GLY A 23 29.61 -30.39 1.52
N MET A 24 30.04 -29.74 0.43
CA MET A 24 29.43 -30.01 -0.87
C MET A 24 29.91 -31.31 -1.47
N PHE A 25 31.13 -31.76 -1.12
CA PHE A 25 31.61 -33.05 -1.59
C PHE A 25 30.67 -34.17 -1.17
N GLY A 26 30.28 -34.17 0.11
CA GLY A 26 29.38 -35.20 0.60
C GLY A 26 28.02 -35.18 -0.07
N ILE A 27 27.51 -33.98 -0.35
CA ILE A 27 26.22 -33.87 -1.02
C ILE A 27 26.30 -34.43 -2.44
N VAL A 28 27.37 -34.10 -3.17
CA VAL A 28 27.54 -34.65 -4.51
C VAL A 28 27.61 -36.16 -4.45
N VAL A 29 28.39 -36.70 -3.51
CA VAL A 29 28.55 -38.14 -3.42
C VAL A 29 27.23 -38.83 -3.04
N MET A 30 26.46 -38.24 -2.11
CA MET A 30 25.20 -38.86 -1.75
C MET A 30 24.22 -38.87 -2.92
N VAL A 31 24.16 -37.77 -3.70
CA VAL A 31 23.28 -37.75 -4.86
C VAL A 31 23.69 -38.83 -5.85
N ILE A 32 24.99 -38.92 -6.15
CA ILE A 32 25.46 -39.90 -7.12
C ILE A 32 25.16 -41.33 -6.64
N GLU A 33 25.42 -41.60 -5.36
CA GLU A 33 25.21 -42.96 -4.84
C GLU A 33 23.74 -43.32 -4.81
N THR A 34 22.87 -42.39 -4.38
CA THR A 34 21.45 -42.69 -4.32
C THR A 34 20.86 -42.86 -5.71
N GLU A 35 21.38 -42.15 -6.72
CA GLU A 35 20.89 -42.36 -8.08
C GLU A 35 21.40 -43.69 -8.65
N LEU A 36 22.64 -44.05 -8.36
CA LEU A 36 23.21 -45.27 -8.95
C LEU A 36 22.71 -46.53 -8.27
N SER A 37 22.38 -46.48 -6.97
CA SER A 37 22.03 -47.70 -6.25
C SER A 37 20.69 -48.29 -6.67
N TRP A 38 19.89 -47.57 -7.44
CA TRP A 38 18.56 -48.05 -7.83
C TRP A 38 18.59 -48.79 -9.16
N GLY A 39 19.42 -49.81 -9.26
CA GLY A 39 19.43 -50.65 -10.45
C GLY A 39 20.81 -51.01 -10.98
N ALA A 40 21.77 -50.10 -10.83
CA ALA A 40 23.13 -50.38 -11.33
C ALA A 40 23.81 -51.46 -10.48
N TYR A 41 23.71 -51.34 -9.16
CA TYR A 41 24.25 -52.35 -8.27
C TYR A 41 23.42 -52.39 -7.00
N ASP A 42 23.49 -53.52 -6.30
CA ASP A 42 22.71 -53.71 -5.08
C ASP A 42 23.44 -53.11 -3.88
N LYS A 43 22.85 -53.28 -2.70
CA LYS A 43 23.41 -52.69 -1.48
C LYS A 43 24.55 -53.52 -0.90
N ALA A 44 24.77 -54.75 -1.38
CA ALA A 44 25.83 -55.60 -0.88
C ALA A 44 27.12 -55.46 -1.69
N SER A 45 27.13 -54.64 -2.73
CA SER A 45 28.33 -54.48 -3.55
C SER A 45 29.38 -53.66 -2.82
N LEU A 46 30.62 -53.76 -3.31
CA LEU A 46 31.72 -52.99 -2.73
C LEU A 46 31.70 -51.52 -3.13
N TYR A 47 30.98 -51.19 -4.20
CA TYR A 47 30.91 -49.80 -4.64
C TYR A 47 30.24 -48.91 -3.59
N SER A 48 29.19 -49.42 -2.95
CA SER A 48 28.52 -48.65 -1.90
C SER A 48 29.46 -48.40 -0.72
N LEU A 49 30.21 -49.42 -0.31
CA LEU A 49 31.18 -49.23 0.77
C LEU A 49 32.23 -48.20 0.40
N ALA A 50 32.75 -48.29 -0.83
CA ALA A 50 33.77 -47.35 -1.27
C ALA A 50 33.24 -45.92 -1.32
N LEU A 51 31.98 -45.76 -1.74
CA LEU A 51 31.40 -44.42 -1.87
C LEU A 51 30.85 -43.89 -0.55
N LYS A 52 30.73 -44.72 0.48
CA LYS A 52 30.28 -44.24 1.79
C LYS A 52 31.44 -43.97 2.75
N CYS A 53 32.55 -44.70 2.61
CA CYS A 53 33.73 -44.38 3.42
C CYS A 53 34.22 -42.98 3.13
N LEU A 54 34.12 -42.54 1.87
CA LEU A 54 34.50 -41.18 1.51
C LEU A 54 33.65 -40.15 2.23
N ILE A 55 32.34 -40.39 2.30
CA ILE A 55 31.44 -39.48 3.00
C ILE A 55 31.80 -39.42 4.48
N SER A 56 32.08 -40.59 5.09
CA SER A 56 32.47 -40.61 6.50
C SER A 56 33.73 -39.78 6.73
N LEU A 57 34.74 -39.97 5.88
CA LEU A 57 35.98 -39.22 6.02
C LEU A 57 35.74 -37.72 5.87
N SER A 58 34.95 -37.33 4.87
CA SER A 58 34.66 -35.91 4.67
C SER A 58 33.96 -35.31 5.87
N THR A 59 33.05 -36.07 6.50
CA THR A 59 32.41 -35.60 7.71
C THR A 59 33.41 -35.40 8.83
N ILE A 60 34.37 -36.33 8.97
CA ILE A 60 35.38 -36.20 10.02
C ILE A 60 36.17 -34.90 9.84
N ILE A 61 36.67 -34.65 8.62
CA ILE A 61 37.44 -33.43 8.39
C ILE A 61 36.57 -32.18 8.55
N LEU A 62 35.29 -32.25 8.16
CA LEU A 62 34.42 -31.09 8.34
C LEU A 62 34.26 -30.73 9.82
N LEU A 63 34.04 -31.75 10.66
CA LEU A 63 33.95 -31.49 12.10
C LEU A 63 35.25 -30.93 12.64
N GLY A 64 36.39 -31.48 12.19
CA GLY A 64 37.67 -30.97 12.63
C GLY A 64 37.87 -29.51 12.27
N LEU A 65 37.42 -29.10 11.09
CA LEU A 65 37.54 -27.70 10.69
C LEU A 65 36.62 -26.80 11.52
N ILE A 66 35.41 -27.28 11.81
CA ILE A 66 34.45 -26.46 12.57
C ILE A 66 34.97 -26.20 13.98
N ILE A 67 35.52 -27.23 14.62
CA ILE A 67 35.93 -27.12 16.03
C ILE A 67 37.18 -26.26 16.16
N VAL A 68 37.77 -25.85 15.03
CA VAL A 68 38.89 -24.92 15.03
C VAL A 68 38.44 -23.51 14.65
N TYR A 69 37.47 -23.40 13.72
CA TYR A 69 36.89 -22.09 13.42
C TYR A 69 36.27 -21.48 14.67
N HIS A 70 35.61 -22.29 15.49
CA HIS A 70 35.02 -21.75 16.71
C HIS A 70 36.11 -21.26 17.67
N ALA A 71 37.23 -21.97 17.76
CA ALA A 71 38.33 -21.52 18.61
C ALA A 71 38.90 -20.19 18.11
N ARG A 72 39.02 -20.04 16.79
CA ARG A 72 39.49 -18.77 16.24
C ARG A 72 38.53 -17.64 16.59
N GLU A 73 37.22 -17.89 16.50
CA GLU A 73 36.25 -16.87 16.89
C GLU A 73 36.38 -16.52 18.37
N ILE A 74 36.61 -17.51 19.22
CA ILE A 74 36.80 -17.25 20.65
C ILE A 74 38.03 -16.38 20.88
N GLN A 75 39.12 -16.67 20.17
CA GLN A 75 40.33 -15.85 20.29
C GLN A 75 40.07 -14.41 19.86
N LEU A 76 39.32 -14.23 18.77
CA LEU A 76 38.98 -12.88 18.33
C LEU A 76 38.14 -12.16 19.38
N PHE A 77 37.19 -12.86 19.99
CA PHE A 77 36.39 -12.25 21.06
C PHE A 77 37.28 -11.82 22.22
N MET A 78 38.23 -12.67 22.61
CA MET A 78 39.14 -12.32 23.70
C MET A 78 39.98 -11.10 23.33
N VAL A 79 40.43 -11.03 22.08
CA VAL A 79 41.23 -9.88 21.64
C VAL A 79 40.40 -8.60 21.70
N ASP A 80 39.16 -8.66 21.21
CA ASP A 80 38.34 -7.45 21.15
C ASP A 80 37.89 -7.01 22.54
N ASN A 81 37.14 -7.86 23.24
CA ASN A 81 36.68 -7.54 24.60
C ASN A 81 37.80 -7.88 25.58
N GLY A 82 38.30 -6.86 26.28
CA GLY A 82 39.40 -7.03 27.21
C GLY A 82 39.20 -8.13 28.22
N ALA A 83 39.97 -9.20 28.10
CA ALA A 83 39.85 -10.35 28.99
C ALA A 83 41.17 -11.10 29.01
N ASP A 84 41.33 -11.95 30.01
CA ASP A 84 42.52 -12.79 30.16
C ASP A 84 42.23 -14.27 30.08
N ASP A 85 41.15 -14.74 30.70
CA ASP A 85 40.76 -16.14 30.67
C ASP A 85 39.70 -16.37 29.62
N TRP A 86 39.77 -17.52 28.94
CA TRP A 86 38.85 -17.83 27.86
C TRP A 86 37.48 -18.26 28.35
N ARG A 87 37.32 -18.60 29.63
CA ARG A 87 36.03 -19.03 30.15
C ARG A 87 35.04 -17.87 30.28
N ILE A 88 35.50 -16.63 30.10
CA ILE A 88 34.58 -15.49 30.13
C ILE A 88 33.63 -15.55 28.94
N ALA A 89 34.11 -16.01 27.79
CA ALA A 89 33.33 -16.01 26.56
C ALA A 89 32.40 -17.20 26.42
N MET A 90 32.40 -18.13 27.38
CA MET A 90 31.62 -19.36 27.28
C MET A 90 30.33 -19.20 28.08
N THR A 91 29.25 -18.84 27.38
CA THR A 91 27.94 -18.74 27.96
C THR A 91 27.10 -19.95 27.54
N TYR A 92 25.82 -19.95 27.92
CA TYR A 92 24.94 -21.06 27.55
C TYR A 92 24.57 -21.02 26.08
N GLU A 93 24.32 -19.81 25.55
CA GLU A 93 23.92 -19.67 24.15
C GLU A 93 25.01 -20.17 23.21
N ARG A 94 26.27 -19.81 23.47
CA ARG A 94 27.37 -20.24 22.61
C ARG A 94 27.50 -21.75 22.60
N ILE A 95 27.46 -22.38 23.78
CA ILE A 95 27.58 -23.83 23.86
C ILE A 95 26.42 -24.50 23.15
N PHE A 96 25.20 -23.99 23.36
CA PHE A 96 24.03 -24.57 22.70
C PHE A 96 24.14 -24.49 21.19
N PHE A 97 24.58 -23.34 20.67
CA PHE A 97 24.71 -23.20 19.22
C PHE A 97 25.82 -24.08 18.66
N ILE A 98 26.93 -24.21 19.37
CA ILE A 98 28.00 -25.09 18.92
C ILE A 98 27.53 -26.54 18.88
N CYS A 99 26.81 -26.97 19.91
CA CYS A 99 26.29 -28.33 19.94
C CYS A 99 25.29 -28.55 18.81
N LEU A 100 24.42 -27.56 18.54
CA LEU A 100 23.47 -27.69 17.45
C LEU A 100 24.17 -27.80 16.10
N GLU A 101 25.21 -26.98 15.89
CA GLU A 101 25.96 -27.06 14.64
C GLU A 101 26.64 -28.42 14.48
N ILE A 102 27.24 -28.93 15.55
CA ILE A 102 27.89 -30.24 15.48
C ILE A 102 26.87 -31.33 15.16
N LEU A 103 25.72 -31.29 15.83
CA LEU A 103 24.70 -32.31 15.59
C LEU A 103 24.17 -32.23 14.16
N VAL A 104 23.98 -31.02 13.64
CA VAL A 104 23.49 -30.87 12.26
C VAL A 104 24.54 -31.38 11.27
N CYS A 105 25.81 -31.08 11.51
CA CYS A 105 26.86 -31.44 10.56
C CYS A 105 27.39 -32.86 10.77
N ALA A 106 26.88 -33.61 11.74
CA ALA A 106 27.36 -34.95 12.05
C ALA A 106 26.33 -36.02 11.70
N ILE A 107 25.65 -35.88 10.56
CA ILE A 107 24.68 -36.86 10.09
C ILE A 107 25.07 -37.29 8.68
N HIS A 108 25.18 -38.59 8.47
CA HIS A 108 25.52 -39.16 7.16
C HIS A 108 25.15 -40.63 7.16
N PRO A 109 24.98 -41.24 5.98
CA PRO A 109 24.71 -42.69 5.93
C PRO A 109 25.94 -43.51 6.27
N ILE A 110 25.90 -44.21 7.39
CA ILE A 110 27.03 -45.03 7.85
C ILE A 110 27.13 -46.28 6.98
N PRO A 111 28.32 -46.84 6.79
CA PRO A 111 28.44 -48.09 6.02
C PRO A 111 27.70 -49.22 6.71
N GLY A 112 27.17 -50.13 5.90
CA GLY A 112 26.43 -51.26 6.38
C GLY A 112 25.22 -51.53 5.51
N ASN A 113 24.40 -52.49 5.94
CA ASN A 113 23.19 -52.86 5.21
C ASN A 113 22.09 -53.15 6.22
N TYR A 114 21.11 -52.26 6.30
CA TYR A 114 19.99 -52.42 7.22
C TYR A 114 18.69 -52.09 6.48
N THR A 115 17.60 -52.70 6.93
CA THR A 115 16.30 -52.55 6.29
C THR A 115 15.21 -52.45 7.35
N PHE A 116 14.05 -51.93 6.92
CA PHE A 116 12.88 -51.83 7.79
C PHE A 116 11.63 -52.03 6.95
N THR A 117 10.48 -51.95 7.60
CA THR A 117 9.19 -52.20 6.96
C THR A 117 8.44 -50.90 6.77
N TRP A 118 7.92 -50.69 5.55
CA TRP A 118 7.22 -49.45 5.19
C TRP A 118 5.86 -49.79 4.61
N THR A 119 4.82 -49.13 5.10
CA THR A 119 3.46 -49.31 4.59
C THR A 119 2.83 -47.95 4.34
N ALA A 120 1.97 -47.89 3.33
CA ALA A 120 1.30 -46.65 2.97
C ALA A 120 0.00 -46.97 2.24
N ARG A 121 -0.88 -45.98 2.18
CA ARG A 121 -2.16 -46.09 1.50
C ARG A 121 -2.12 -45.27 0.22
N LEU A 122 -2.48 -45.91 -0.90
CA LEU A 122 -2.43 -45.24 -2.20
C LEU A 122 -3.50 -44.15 -2.28
N ALA A 123 -3.14 -43.06 -2.96
CA ALA A 123 -4.07 -41.95 -3.15
C ALA A 123 -5.03 -42.24 -4.30
N PHE A 124 -6.26 -41.75 -4.17
CA PHE A 124 -7.34 -41.87 -5.14
C PHE A 124 -7.86 -43.30 -5.27
N SER A 125 -7.27 -44.27 -4.57
CA SER A 125 -7.71 -45.66 -4.64
C SER A 125 -7.89 -46.31 -3.27
N TYR A 126 -7.25 -45.81 -2.22
CA TYR A 126 -7.40 -46.33 -0.86
C TYR A 126 -7.04 -47.82 -0.79
N ALA A 127 -5.93 -48.19 -1.41
CA ALA A 127 -5.45 -49.56 -1.41
C ALA A 127 -4.14 -49.64 -0.65
N PRO A 128 -4.04 -50.51 0.37
CA PRO A 128 -2.78 -50.62 1.12
C PRO A 128 -1.66 -51.18 0.26
N SER A 129 -0.44 -50.78 0.58
CA SER A 129 0.75 -51.25 -0.12
C SER A 129 1.91 -51.30 0.87
N THR A 130 2.70 -52.37 0.80
CA THR A 130 3.81 -52.57 1.71
C THR A 130 5.05 -52.99 0.92
N THR A 131 6.22 -52.64 1.45
CA THR A 131 7.49 -52.99 0.84
C THR A 131 8.58 -52.92 1.90
N THR A 132 9.74 -53.50 1.57
CA THR A 132 10.91 -53.46 2.44
C THR A 132 11.83 -52.36 1.96
N ALA A 133 12.05 -51.36 2.81
CA ALA A 133 12.81 -50.18 2.46
C ALA A 133 14.20 -50.25 3.09
N ASP A 134 14.97 -49.18 2.93
CA ASP A 134 16.33 -49.09 3.47
C ASP A 134 16.39 -48.00 4.53
N VAL A 135 17.29 -48.20 5.50
CA VAL A 135 17.46 -47.23 6.57
C VAL A 135 18.24 -46.00 6.10
N ASP A 136 19.07 -46.14 5.08
CA ASP A 136 19.92 -45.03 4.64
C ASP A 136 19.11 -43.86 4.09
N ILE A 137 17.88 -44.09 3.63
CA ILE A 137 17.06 -43.00 3.10
C ILE A 137 16.67 -42.04 4.22
N ILE A 138 16.53 -42.55 5.45
CA ILE A 138 16.16 -41.69 6.57
C ILE A 138 17.29 -40.73 6.91
N LEU A 139 18.54 -41.19 6.81
CA LEU A 139 19.69 -40.36 7.17
C LEU A 139 20.25 -39.56 6.00
N SER A 140 19.91 -39.94 4.76
CA SER A 140 20.46 -39.23 3.61
C SER A 140 19.81 -37.86 3.42
N ILE A 141 18.50 -37.77 3.61
CA ILE A 141 17.79 -36.50 3.36
C ILE A 141 18.29 -35.37 4.25
N PRO A 142 18.47 -35.54 5.58
CA PRO A 142 18.83 -34.39 6.42
C PRO A 142 20.19 -33.78 6.11
N MET A 143 20.93 -34.33 5.15
CA MET A 143 22.23 -33.78 4.79
C MET A 143 22.12 -32.45 4.05
N PHE A 144 20.92 -32.05 3.63
CA PHE A 144 20.73 -30.78 2.96
C PHE A 144 20.80 -29.59 3.90
N LEU A 145 20.88 -29.82 5.22
CA LEU A 145 20.96 -28.75 6.19
C LEU A 145 22.31 -28.06 6.20
N ARG A 146 23.30 -28.57 5.47
CA ARG A 146 24.64 -27.99 5.43
C ARG A 146 24.75 -26.77 4.52
N LEU A 147 23.62 -26.17 4.13
CA LEU A 147 23.61 -25.07 3.17
C LEU A 147 23.80 -23.70 3.82
N TYR A 148 23.87 -23.63 5.16
CA TYR A 148 24.14 -22.35 5.81
C TYR A 148 25.59 -21.93 5.67
N LEU A 149 26.49 -22.85 5.33
CA LEU A 149 27.88 -22.50 5.11
C LEU A 149 28.03 -21.57 3.89
N ILE A 150 27.17 -21.72 2.89
CA ILE A 150 27.20 -20.80 1.75
C ILE A 150 26.89 -19.38 2.21
N ALA A 151 25.87 -19.23 3.06
CA ALA A 151 25.53 -17.90 3.59
C ALA A 151 26.66 -17.35 4.44
N ARG A 152 27.28 -18.21 5.25
CA ARG A 152 28.41 -17.76 6.09
C ARG A 152 29.56 -17.26 5.22
N VAL A 153 29.91 -18.01 4.18
CA VAL A 153 31.00 -17.62 3.29
C VAL A 153 30.66 -16.31 2.58
N MET A 154 29.43 -16.19 2.09
CA MET A 154 29.03 -14.97 1.40
C MET A 154 29.08 -13.76 2.33
N LEU A 155 28.65 -13.94 3.58
CA LEU A 155 28.73 -12.86 4.56
C LEU A 155 30.18 -12.47 4.84
N LEU A 156 31.06 -13.46 5.00
CA LEU A 156 32.44 -13.16 5.36
C LEU A 156 33.24 -12.61 4.18
N HIS A 157 32.82 -12.86 2.95
CA HIS A 157 33.51 -12.34 1.77
C HIS A 157 32.86 -11.10 1.19
N SER A 158 31.88 -10.52 1.87
CA SER A 158 31.25 -9.30 1.39
C SER A 158 32.22 -8.13 1.45
N LYS A 159 32.18 -7.27 0.44
CA LYS A 159 33.05 -6.11 0.39
C LYS A 159 32.47 -4.89 1.08
N LEU A 160 31.13 -4.79 1.14
CA LEU A 160 30.51 -3.65 1.79
C LEU A 160 30.73 -3.68 3.31
N PHE A 161 30.50 -4.83 3.93
CA PHE A 161 30.61 -4.91 5.39
C PHE A 161 32.06 -4.77 5.84
N THR A 162 33.00 -5.40 5.14
CA THR A 162 34.40 -5.42 5.55
C THR A 162 35.12 -4.14 5.08
N ASP A 163 34.65 -3.01 5.61
CA ASP A 163 35.27 -1.72 5.36
C ASP A 163 35.45 -1.01 6.69
N ALA A 164 36.68 -0.56 6.95
CA ALA A 164 36.99 0.04 8.26
C ALA A 164 36.21 1.33 8.48
N SER A 165 36.14 2.20 7.47
CA SER A 165 35.43 3.46 7.61
C SER A 165 33.94 3.24 7.85
N SER A 166 33.35 2.27 7.14
CA SER A 166 31.93 1.97 7.35
C SER A 166 31.69 1.45 8.75
N ARG A 167 32.57 0.58 9.26
CA ARG A 167 32.42 0.08 10.62
C ARG A 167 32.53 1.20 11.64
N SER A 168 33.49 2.11 11.45
CA SER A 168 33.65 3.23 12.37
C SER A 168 32.42 4.12 12.36
N ILE A 169 31.89 4.43 11.18
CA ILE A 169 30.70 5.26 11.08
C ILE A 169 29.49 4.59 11.71
N GLY A 170 29.32 3.28 11.48
CA GLY A 170 28.24 2.56 12.11
C GLY A 170 28.35 2.43 13.62
N ALA A 171 29.57 2.32 14.15
CA ALA A 171 29.79 2.33 15.58
C ALA A 171 29.56 3.70 16.21
N LEU A 172 29.82 4.78 15.47
CA LEU A 172 29.48 6.11 15.96
C LEU A 172 27.96 6.26 16.12
N ASN A 173 27.18 5.70 15.20
CA ASN A 173 25.73 5.75 15.26
C ASN A 173 25.12 4.66 16.11
N LYS A 174 25.95 3.78 16.71
CA LYS A 174 25.50 2.73 17.61
C LYS A 174 24.52 1.77 16.94
N ILE A 175 25.03 1.09 15.90
CA ILE A 175 24.31 0.01 15.24
C ILE A 175 25.24 -1.20 15.17
N ASN A 176 24.65 -2.35 14.85
CA ASN A 176 25.39 -3.61 14.79
C ASN A 176 25.31 -4.20 13.39
N PHE A 177 26.41 -4.81 12.96
CA PHE A 177 26.51 -5.41 11.64
C PHE A 177 26.26 -6.92 11.71
N ASN A 178 25.04 -7.28 12.07
CA ASN A 178 24.65 -8.67 12.18
C ASN A 178 24.10 -9.17 10.84
N THR A 179 23.53 -10.37 10.82
CA THR A 179 23.03 -10.95 9.57
C THR A 179 21.75 -10.26 9.12
N ARG A 180 20.92 -9.79 10.05
CA ARG A 180 19.69 -9.12 9.68
C ARG A 180 19.97 -7.85 8.90
N PHE A 181 20.98 -7.09 9.31
CA PHE A 181 21.35 -5.87 8.59
C PHE A 181 21.77 -6.19 7.16
N VAL A 182 22.57 -7.23 6.98
CA VAL A 182 23.01 -7.62 5.64
C VAL A 182 21.82 -8.06 4.79
N MET A 183 20.92 -8.87 5.37
CA MET A 183 19.74 -9.31 4.63
C MET A 183 18.88 -8.13 4.20
N LYS A 184 18.67 -7.17 5.10
CA LYS A 184 17.87 -5.99 4.76
C LYS A 184 18.55 -5.16 3.69
N THR A 185 19.88 -5.01 3.76
CA THR A 185 20.60 -4.26 2.74
C THR A 185 20.48 -4.92 1.37
N LEU A 186 20.65 -6.24 1.32
CA LEU A 186 20.51 -6.95 0.05
C LEU A 186 19.08 -6.85 -0.50
N MET A 187 18.08 -6.95 0.37
CA MET A 187 16.70 -6.76 -0.08
C MET A 187 16.47 -5.34 -0.56
N THR A 188 17.21 -4.37 -0.01
CA THR A 188 17.05 -2.99 -0.44
C THR A 188 17.68 -2.74 -1.81
N ILE A 189 18.85 -3.31 -2.07
CA ILE A 189 19.58 -3.00 -3.30
C ILE A 189 19.17 -3.92 -4.44
N CYS A 190 19.10 -5.23 -4.20
CA CYS A 190 18.77 -6.21 -5.24
C CYS A 190 17.68 -7.15 -4.72
N PRO A 191 16.42 -6.72 -4.78
CA PRO A 191 15.33 -7.55 -4.23
C PRO A 191 14.85 -8.66 -5.14
N GLY A 192 15.20 -8.64 -6.42
CA GLY A 192 14.67 -9.64 -7.36
C GLY A 192 15.59 -10.81 -7.58
N THR A 193 16.90 -10.55 -7.64
CA THR A 193 17.87 -11.61 -7.90
C THR A 193 17.85 -12.66 -6.79
N VAL A 194 17.77 -12.22 -5.53
CA VAL A 194 17.76 -13.16 -4.42
C VAL A 194 16.50 -14.02 -4.45
N LEU A 195 15.35 -13.40 -4.74
CA LEU A 195 14.11 -14.16 -4.84
C LEU A 195 14.18 -15.19 -5.96
N LEU A 196 14.70 -14.78 -7.11
CA LEU A 196 14.82 -15.70 -8.24
C LEU A 196 15.73 -16.88 -7.91
N VAL A 197 16.88 -16.60 -7.31
CA VAL A 197 17.82 -17.65 -6.97
C VAL A 197 17.21 -18.62 -5.96
N PHE A 198 16.56 -18.06 -4.92
CA PHE A 198 15.95 -18.91 -3.90
C PHE A 198 14.89 -19.81 -4.51
N SER A 199 14.00 -19.25 -5.33
CA SER A 199 12.94 -20.04 -5.95
C SER A 199 13.51 -21.13 -6.85
N ILE A 200 14.51 -20.77 -7.67
CA ILE A 200 15.07 -21.75 -8.60
C ILE A 200 15.72 -22.89 -7.84
N SER A 201 16.52 -22.58 -6.82
CA SER A 201 17.17 -23.65 -6.05
C SER A 201 16.15 -24.53 -5.35
N LEU A 202 15.14 -23.90 -4.72
CA LEU A 202 14.13 -24.68 -4.01
C LEU A 202 13.36 -25.60 -4.95
N TRP A 203 13.14 -25.16 -6.19
CA TRP A 203 12.40 -25.98 -7.14
C TRP A 203 13.07 -27.34 -7.34
N ILE A 204 14.36 -27.33 -7.70
CA ILE A 204 15.05 -28.60 -7.96
C ILE A 204 15.24 -29.38 -6.67
N ILE A 205 15.56 -28.70 -5.56
CA ILE A 205 15.78 -29.42 -4.31
C ILE A 205 14.51 -30.17 -3.90
N ALA A 206 13.36 -29.50 -3.94
CA ALA A 206 12.11 -30.13 -3.54
C ALA A 206 11.70 -31.22 -4.53
N ALA A 207 11.92 -31.00 -5.82
CA ALA A 207 11.56 -32.02 -6.80
C ALA A 207 12.36 -33.30 -6.58
N TRP A 208 13.68 -33.16 -6.37
CA TRP A 208 14.51 -34.33 -6.13
C TRP A 208 14.12 -35.02 -4.82
N THR A 209 13.81 -34.23 -3.78
CA THR A 209 13.42 -34.83 -2.50
C THR A 209 12.12 -35.64 -2.65
N VAL A 210 11.13 -35.08 -3.36
CA VAL A 210 9.87 -35.79 -3.57
C VAL A 210 10.10 -37.06 -4.38
N ARG A 211 10.91 -36.98 -5.43
CA ARG A 211 11.19 -38.15 -6.25
C ARG A 211 11.86 -39.25 -5.42
N ALA A 212 12.85 -38.88 -4.62
CA ALA A 212 13.55 -39.85 -3.79
C ALA A 212 12.61 -40.48 -2.77
N CYS A 213 11.75 -39.67 -2.14
CA CYS A 213 10.84 -40.22 -1.15
C CYS A 213 9.81 -41.16 -1.77
N GLU A 214 9.29 -40.81 -2.94
CA GLU A 214 8.15 -41.54 -3.51
C GLU A 214 8.54 -42.52 -4.62
N ARG A 215 9.84 -42.75 -4.84
CA ARG A 215 10.22 -43.81 -5.77
C ARG A 215 9.92 -45.21 -5.26
N TYR A 216 9.58 -45.36 -3.98
CA TYR A 216 9.39 -46.69 -3.40
C TYR A 216 7.99 -47.23 -3.68
N HIS A 217 6.95 -46.46 -3.32
CA HIS A 217 5.57 -46.92 -3.42
C HIS A 217 4.90 -46.50 -4.72
N ASP A 218 5.68 -46.36 -5.80
CA ASP A 218 5.15 -45.98 -7.10
C ASP A 218 5.46 -47.08 -8.11
N GLN A 219 4.43 -47.55 -8.81
CA GLN A 219 4.59 -48.59 -9.81
C GLN A 219 4.09 -48.20 -11.19
N GLN A 220 3.49 -47.01 -11.35
CA GLN A 220 2.98 -46.56 -12.63
C GLN A 220 3.79 -45.40 -13.21
N ASP A 221 4.90 -45.03 -12.56
CA ASP A 221 5.78 -43.95 -13.01
C ASP A 221 5.00 -42.65 -13.20
N VAL A 222 4.44 -42.17 -12.10
CA VAL A 222 3.65 -40.92 -12.09
C VAL A 222 4.34 -39.86 -11.25
N THR A 223 4.51 -40.11 -9.95
CA THR A 223 5.17 -39.17 -9.05
C THR A 223 6.65 -39.48 -8.84
N SER A 224 7.14 -40.59 -9.39
CA SER A 224 8.55 -40.96 -9.32
C SER A 224 9.31 -40.53 -10.57
N ASN A 225 8.79 -39.53 -11.29
CA ASN A 225 9.40 -39.00 -12.49
C ASN A 225 9.87 -37.58 -12.20
N PHE A 226 11.09 -37.25 -12.64
CA PHE A 226 11.64 -35.93 -12.37
C PHE A 226 10.78 -34.82 -12.98
N LEU A 227 10.35 -35.02 -14.22
CA LEU A 227 9.43 -34.07 -14.84
C LEU A 227 8.01 -34.18 -14.30
N GLY A 228 7.69 -35.27 -13.59
CA GLY A 228 6.40 -35.40 -12.96
C GLY A 228 6.34 -34.71 -11.61
N ALA A 229 7.51 -34.49 -11.01
CA ALA A 229 7.62 -33.76 -9.76
C ALA A 229 7.93 -32.28 -9.96
N MET A 230 8.70 -31.94 -10.99
CA MET A 230 8.93 -30.54 -11.32
C MET A 230 7.63 -29.82 -11.67
N TRP A 231 6.62 -30.56 -12.13
CA TRP A 231 5.31 -30.02 -12.45
C TRP A 231 4.44 -29.90 -11.20
N LEU A 232 4.47 -30.93 -10.34
CA LEU A 232 3.70 -30.88 -9.09
C LEU A 232 4.18 -29.75 -8.19
N ILE A 233 5.50 -29.60 -8.04
CA ILE A 233 6.03 -28.55 -7.20
C ILE A 233 5.65 -27.18 -7.75
N SER A 234 5.71 -27.03 -9.08
CA SER A 234 5.34 -25.75 -9.69
C SER A 234 3.87 -25.41 -9.48
N ILE A 235 2.98 -26.41 -9.63
CA ILE A 235 1.56 -26.12 -9.48
C ILE A 235 1.20 -25.88 -8.02
N THR A 236 1.86 -26.55 -7.07
CA THR A 236 1.58 -26.28 -5.66
C THR A 236 2.20 -24.96 -5.20
N PHE A 237 3.28 -24.52 -5.83
CA PHE A 237 3.88 -23.24 -5.48
C PHE A 237 2.94 -22.08 -5.78
N LEU A 238 2.22 -22.16 -6.89
CA LEU A 238 1.34 -21.09 -7.34
C LEU A 238 -0.08 -21.20 -6.79
N SER A 239 -0.34 -22.16 -5.90
CA SER A 239 -1.63 -22.35 -5.26
C SER A 239 -2.74 -22.73 -6.22
N ILE A 240 -2.40 -23.21 -7.42
CA ILE A 240 -3.42 -23.68 -8.35
C ILE A 240 -4.09 -24.94 -7.78
N GLY A 241 -3.30 -25.89 -7.31
CA GLY A 241 -3.79 -27.11 -6.73
C GLY A 241 -3.34 -28.33 -7.50
N TYR A 242 -3.52 -29.48 -6.84
CA TYR A 242 -3.14 -30.75 -7.44
C TYR A 242 -4.08 -31.11 -8.58
N GLY A 243 -3.58 -31.92 -9.50
CA GLY A 243 -4.40 -32.46 -10.57
C GLY A 243 -4.68 -33.93 -10.35
N ASP A 244 -3.99 -34.78 -11.11
CA ASP A 244 -4.03 -36.22 -10.89
C ASP A 244 -2.83 -36.74 -10.12
N MET A 245 -1.94 -35.86 -9.69
CA MET A 245 -0.72 -36.23 -8.98
C MET A 245 -0.84 -35.75 -7.53
N VAL A 246 -1.20 -36.68 -6.64
CA VAL A 246 -1.29 -36.39 -5.21
C VAL A 246 -0.17 -37.17 -4.52
N PRO A 247 0.56 -36.57 -3.58
CA PRO A 247 1.64 -37.31 -2.91
C PRO A 247 1.11 -38.56 -2.24
N ASN A 248 1.90 -39.63 -2.32
CA ASN A 248 1.50 -40.94 -1.84
C ASN A 248 2.05 -41.28 -0.47
N THR A 249 3.04 -40.52 0.02
CA THR A 249 3.63 -40.74 1.33
C THR A 249 3.60 -39.44 2.12
N TYR A 250 4.08 -39.51 3.36
CA TYR A 250 4.08 -38.32 4.21
C TYR A 250 5.21 -37.35 3.84
N CYS A 251 6.32 -37.86 3.29
CA CYS A 251 7.40 -36.99 2.86
C CYS A 251 6.94 -36.04 1.76
N GLY A 252 6.22 -36.57 0.77
CA GLY A 252 5.72 -35.72 -0.29
C GLY A 252 4.75 -34.67 0.21
N LYS A 253 3.85 -35.06 1.12
CA LYS A 253 2.90 -34.10 1.68
C LYS A 253 3.60 -33.00 2.47
N GLY A 254 4.61 -33.38 3.27
CA GLY A 254 5.37 -32.37 4.00
C GLY A 254 6.10 -31.41 3.08
N VAL A 255 6.74 -31.95 2.04
CA VAL A 255 7.44 -31.09 1.08
C VAL A 255 6.47 -30.16 0.38
N CYS A 256 5.29 -30.67 0.00
CA CYS A 256 4.30 -29.82 -0.65
C CYS A 256 3.81 -28.73 0.28
N LEU A 257 3.61 -29.06 1.56
CA LEU A 257 3.22 -28.04 2.53
C LEU A 257 4.28 -26.96 2.65
N LEU A 258 5.55 -27.35 2.73
CA LEU A 258 6.62 -26.36 2.83
C LEU A 258 6.68 -25.47 1.58
N THR A 259 6.56 -26.08 0.40
CA THR A 259 6.60 -25.30 -0.84
C THR A 259 5.43 -24.33 -0.91
N GLY A 260 4.23 -24.78 -0.52
CA GLY A 260 3.09 -23.87 -0.53
C GLY A 260 3.25 -22.71 0.43
N ILE A 261 3.76 -22.99 1.64
CA ILE A 261 3.97 -21.94 2.62
C ILE A 261 4.99 -20.93 2.10
N MET A 262 6.08 -21.41 1.50
CA MET A 262 7.07 -20.49 0.95
C MET A 262 6.50 -19.67 -0.20
N GLY A 263 5.75 -20.31 -1.10
CA GLY A 263 5.21 -19.60 -2.25
C GLY A 263 4.20 -18.55 -1.87
N ALA A 264 3.40 -18.80 -0.82
CA ALA A 264 2.39 -17.84 -0.40
C ALA A 264 2.98 -16.48 -0.05
N GLY A 265 4.26 -16.42 0.29
CA GLY A 265 4.92 -15.16 0.55
C GLY A 265 5.80 -14.72 -0.60
N CYS A 266 6.42 -15.69 -1.29
CA CYS A 266 7.30 -15.35 -2.41
C CYS A 266 6.54 -14.68 -3.53
N THR A 267 5.35 -15.20 -3.87
CA THR A 267 4.56 -14.58 -4.94
C THR A 267 4.14 -13.17 -4.57
N ALA A 268 3.72 -12.96 -3.32
CA ALA A 268 3.30 -11.63 -2.88
C ALA A 268 4.45 -10.65 -2.93
N LEU A 269 5.65 -11.07 -2.53
CA LEU A 269 6.80 -10.17 -2.60
C LEU A 269 7.19 -9.86 -4.05
N VAL A 270 7.14 -10.87 -4.92
CA VAL A 270 7.50 -10.66 -6.32
C VAL A 270 6.52 -9.70 -6.99
N VAL A 271 5.23 -9.83 -6.66
CA VAL A 271 4.23 -8.93 -7.24
C VAL A 271 4.52 -7.49 -6.85
N ALA A 272 4.85 -7.25 -5.58
CA ALA A 272 5.18 -5.91 -5.14
C ALA A 272 6.43 -5.38 -5.84
N VAL A 273 7.45 -6.23 -5.99
CA VAL A 273 8.66 -5.78 -6.68
C VAL A 273 8.35 -5.38 -8.12
N VAL A 274 7.56 -6.19 -8.82
CA VAL A 274 7.20 -5.88 -10.20
C VAL A 274 6.39 -4.59 -10.26
N ALA A 275 5.46 -4.40 -9.31
CA ALA A 275 4.65 -3.20 -9.31
C ALA A 275 5.49 -1.95 -9.09
N ARG A 276 6.45 -2.00 -8.17
CA ARG A 276 7.32 -0.85 -7.95
C ARG A 276 8.36 -0.66 -9.04
N LYS A 277 8.63 -1.68 -9.86
CA LYS A 277 9.56 -1.50 -10.96
C LYS A 277 8.97 -0.77 -12.16
N LEU A 278 7.66 -0.50 -12.17
CA LEU A 278 6.99 0.13 -13.29
C LEU A 278 6.71 1.61 -13.08
N GLU A 279 7.28 2.22 -12.05
CA GLU A 279 7.00 3.61 -11.73
C GLU A 279 7.99 4.55 -12.41
N LEU A 280 7.52 5.78 -12.66
CA LEU A 280 8.36 6.81 -13.24
C LEU A 280 9.19 7.51 -12.16
N THR A 281 10.37 7.96 -12.55
CA THR A 281 11.23 8.71 -11.64
C THR A 281 10.87 10.20 -11.69
N LYS A 282 11.63 11.01 -10.96
CA LYS A 282 11.33 12.44 -10.86
C LYS A 282 11.65 13.15 -12.18
N ALA A 283 12.82 12.87 -12.75
CA ALA A 283 13.21 13.53 -14.00
C ALA A 283 12.28 13.16 -15.15
N GLU A 284 11.85 11.90 -15.23
CA GLU A 284 10.91 11.51 -16.27
C GLU A 284 9.55 12.16 -16.06
N LYS A 285 9.14 12.31 -14.80
CA LYS A 285 7.88 13.00 -14.50
C LYS A 285 7.94 14.46 -14.95
N HIS A 286 9.09 15.11 -14.74
CA HIS A 286 9.23 16.51 -15.12
C HIS A 286 9.10 16.73 -16.61
N VAL A 287 9.30 15.70 -17.43
CA VAL A 287 9.13 15.81 -18.88
C VAL A 287 7.74 15.36 -19.30
N HIS A 288 7.21 14.32 -18.65
CA HIS A 288 5.86 13.87 -18.94
C HIS A 288 4.85 14.97 -18.63
N ASN A 289 5.09 15.74 -17.58
CA ASN A 289 4.19 16.85 -17.26
C ASN A 289 4.20 17.89 -18.37
N PHE A 290 5.38 18.23 -18.90
CA PHE A 290 5.45 19.19 -20.00
C PHE A 290 4.73 18.68 -21.24
N MET A 291 4.92 17.40 -21.57
CA MET A 291 4.25 16.82 -22.73
C MET A 291 2.73 16.88 -22.57
N MET A 292 2.23 16.46 -21.41
CA MET A 292 0.79 16.47 -21.18
C MET A 292 0.24 17.90 -21.17
N ASP A 293 1.01 18.85 -20.65
CA ASP A 293 0.57 20.24 -20.65
C ASP A 293 0.42 20.76 -22.08
N THR A 294 1.40 20.46 -22.94
CA THR A 294 1.30 20.89 -24.33
C THR A 294 0.09 20.26 -25.02
N GLN A 295 -0.12 18.95 -24.82
CA GLN A 295 -1.24 18.28 -25.44
C GLN A 295 -2.57 18.87 -24.96
N LEU A 296 -2.70 19.12 -23.66
CA LEU A 296 -3.94 19.66 -23.12
C LEU A 296 -4.18 21.09 -23.61
N THR A 297 -3.12 21.89 -23.73
CA THR A 297 -3.28 23.23 -24.28
C THR A 297 -3.78 23.19 -25.71
N LYS A 298 -3.21 22.30 -26.53
CA LYS A 298 -3.69 22.16 -27.90
C LYS A 298 -5.16 21.73 -27.93
N ARG A 299 -5.54 20.77 -27.09
CA ARG A 299 -6.92 20.29 -27.08
C ARG A 299 -7.88 21.40 -26.66
N VAL A 300 -7.51 22.18 -25.63
CA VAL A 300 -8.37 23.26 -25.16
C VAL A 300 -8.52 24.32 -26.26
N LYS A 301 -7.43 24.67 -26.93
CA LYS A 301 -7.52 25.66 -28.00
C LYS A 301 -8.40 25.16 -29.13
N ASN A 302 -8.29 23.88 -29.48
CA ASN A 302 -9.14 23.32 -30.52
C ASN A 302 -10.61 23.35 -30.12
N ALA A 303 -10.90 23.00 -28.86
CA ALA A 303 -12.28 22.86 -28.41
C ALA A 303 -12.95 24.17 -28.04
N ALA A 304 -12.19 25.26 -27.88
CA ALA A 304 -12.76 26.52 -27.44
C ALA A 304 -13.35 27.37 -28.56
N ALA A 305 -13.25 26.95 -29.82
CA ALA A 305 -13.74 27.75 -30.94
C ALA A 305 -15.08 27.30 -31.47
N ASN A 306 -15.45 26.03 -31.28
CA ASN A 306 -16.74 25.55 -31.75
C ASN A 306 -17.89 26.27 -31.07
N VAL A 307 -17.71 26.67 -29.81
CA VAL A 307 -18.76 27.41 -29.10
C VAL A 307 -19.05 28.71 -29.83
N LEU A 308 -18.00 29.46 -30.18
CA LEU A 308 -18.18 30.69 -30.92
C LEU A 308 -18.78 30.44 -32.30
N ARG A 309 -18.31 29.40 -32.99
CA ARG A 309 -18.84 29.09 -34.31
C ARG A 309 -20.34 28.84 -34.26
N GLU A 310 -20.80 28.02 -33.32
CA GLU A 310 -22.22 27.71 -33.25
C GLU A 310 -23.04 28.89 -32.73
N THR A 311 -22.50 29.68 -31.78
CA THR A 311 -23.26 30.83 -31.32
C THR A 311 -23.34 31.92 -32.37
N TRP A 312 -22.46 31.91 -33.38
CA TRP A 312 -22.67 32.78 -34.54
C TRP A 312 -23.62 32.17 -35.56
N LEU A 313 -23.54 30.86 -35.78
CA LEU A 313 -24.39 30.21 -36.77
C LEU A 313 -25.86 30.26 -36.36
N ILE A 314 -26.16 30.07 -35.08
CA ILE A 314 -27.54 30.14 -34.63
C ILE A 314 -28.11 31.54 -34.83
N TYR A 315 -27.31 32.57 -34.56
CA TYR A 315 -27.76 33.94 -34.80
C TYR A 315 -27.99 34.19 -36.28
N LYS A 316 -27.07 33.70 -37.13
CA LYS A 316 -27.23 33.89 -38.57
C LYS A 316 -28.50 33.22 -39.08
N ASN A 317 -28.81 32.02 -38.58
CA ASN A 317 -30.00 31.31 -39.04
C ASN A 317 -31.28 31.81 -38.38
N THR A 318 -31.19 32.51 -37.25
CA THR A 318 -32.37 33.05 -36.59
C THR A 318 -32.73 34.42 -37.14
N LYS A 319 -31.82 35.38 -37.06
CA LYS A 319 -32.05 36.72 -37.57
C LYS A 319 -31.27 36.92 -38.87
N LEU A 320 -31.38 38.14 -39.42
CA LEU A 320 -30.64 38.55 -40.62
C LEU A 320 -30.93 37.64 -41.81
N VAL A 321 -32.13 37.05 -41.86
CA VAL A 321 -32.49 36.13 -42.93
C VAL A 321 -34.01 35.99 -42.93
N LYS A 322 -34.57 35.69 -44.09
CA LYS A 322 -36.00 35.45 -44.26
C LYS A 322 -36.23 33.96 -44.52
N LYS A 323 -37.49 33.54 -44.33
CA LYS A 323 -37.90 32.15 -44.49
C LYS A 323 -37.07 31.23 -43.58
N ILE A 324 -37.28 31.44 -42.27
CA ILE A 324 -36.48 30.76 -41.25
C ILE A 324 -36.66 29.26 -41.39
N ASP A 325 -35.56 28.56 -41.66
CA ASP A 325 -35.57 27.10 -41.67
C ASP A 325 -35.56 26.59 -40.23
N HIS A 326 -36.46 25.65 -39.94
CA HIS A 326 -36.69 25.21 -38.57
C HIS A 326 -35.88 23.98 -38.17
N ALA A 327 -35.04 23.46 -39.05
CA ALA A 327 -34.19 22.32 -38.73
C ALA A 327 -32.73 22.71 -38.49
N LYS A 328 -32.24 23.69 -39.24
CA LYS A 328 -30.86 24.14 -39.07
C LYS A 328 -30.65 24.73 -37.68
N VAL A 329 -31.62 25.49 -37.18
CA VAL A 329 -31.51 26.09 -35.86
C VAL A 329 -31.42 25.00 -34.79
N ARG A 330 -32.27 23.99 -34.87
CA ARG A 330 -32.25 22.90 -33.89
C ARG A 330 -30.94 22.12 -33.96
N LYS A 331 -30.47 21.83 -35.17
CA LYS A 331 -29.20 21.12 -35.30
C LYS A 331 -28.04 21.92 -34.72
N HIS A 332 -28.01 23.22 -34.98
CA HIS A 332 -26.93 24.05 -34.46
C HIS A 332 -27.03 24.24 -32.96
N GLN A 333 -28.25 24.25 -32.40
CA GLN A 333 -28.38 24.31 -30.95
C GLN A 333 -27.90 23.02 -30.29
N ARG A 334 -28.20 21.87 -30.90
CA ARG A 334 -27.68 20.61 -30.40
C ARG A 334 -26.16 20.59 -30.44
N LYS A 335 -25.58 21.06 -31.56
CA LYS A 335 -24.13 21.11 -31.66
C LYS A 335 -23.52 22.11 -30.69
N PHE A 336 -24.22 23.21 -30.41
CA PHE A 336 -23.75 24.16 -29.41
C PHE A 336 -23.72 23.54 -28.02
N LEU A 337 -24.76 22.80 -27.66
CA LEU A 337 -24.77 22.12 -26.37
C LEU A 337 -23.65 21.09 -26.29
N GLN A 338 -23.43 20.34 -27.37
CA GLN A 338 -22.34 19.36 -27.39
C GLN A 338 -20.98 20.04 -27.24
N ALA A 339 -20.78 21.17 -27.93
CA ALA A 339 -19.52 21.90 -27.81
C ALA A 339 -19.32 22.43 -26.41
N ILE A 340 -20.38 22.93 -25.78
CA ILE A 340 -20.28 23.41 -24.40
C ILE A 340 -19.87 22.28 -23.47
N HIS A 341 -20.52 21.11 -23.61
CA HIS A 341 -20.24 20.01 -22.71
C HIS A 341 -18.86 19.39 -22.96
N GLN A 342 -18.34 19.47 -24.19
CA GLN A 342 -16.99 19.00 -24.44
C GLN A 342 -15.93 20.02 -24.06
N LEU A 343 -16.28 21.32 -24.03
CA LEU A 343 -15.34 22.32 -23.54
C LEU A 343 -15.22 22.26 -22.02
N ARG A 344 -16.33 22.08 -21.31
CA ARG A 344 -16.26 22.00 -19.86
C ARG A 344 -15.51 20.78 -19.37
N SER A 345 -15.46 19.71 -20.16
CA SER A 345 -14.80 18.48 -19.73
C SER A 345 -13.27 18.58 -19.82
N VAL A 346 -12.76 19.33 -20.79
CA VAL A 346 -11.31 19.36 -21.02
C VAL A 346 -10.58 20.25 -20.03
N LYS A 347 -11.29 21.10 -19.29
CA LYS A 347 -10.66 22.01 -18.34
C LYS A 347 -10.55 21.41 -16.95
N MET A 348 -10.98 20.17 -16.74
CA MET A 348 -10.78 19.46 -15.48
C MET A 348 -9.46 18.72 -15.42
N GLU A 349 -9.00 18.17 -16.55
CA GLU A 349 -7.68 17.56 -16.59
C GLU A 349 -6.59 18.58 -16.36
N GLN A 350 -6.79 19.81 -16.85
CA GLN A 350 -5.81 20.87 -16.66
C GLN A 350 -5.61 21.23 -15.20
N ARG A 351 -6.58 20.96 -14.33
CA ARG A 351 -6.42 21.16 -12.90
C ARG A 351 -6.07 19.88 -12.15
N LYS A 352 -6.48 18.72 -12.66
CA LYS A 352 -6.01 17.46 -12.07
C LYS A 352 -4.50 17.32 -12.21
N LEU A 353 -3.96 17.68 -13.38
CA LEU A 353 -2.52 17.62 -13.59
C LEU A 353 -1.79 18.56 -12.62
N ASN A 354 -2.29 19.77 -12.45
CA ASN A 354 -1.65 20.70 -11.52
C ASN A 354 -1.72 20.19 -10.08
N ASP A 355 -2.87 19.65 -9.68
CA ASP A 355 -3.00 19.13 -8.33
C ASP A 355 -2.05 17.96 -8.07
N GLN A 356 -1.92 17.05 -9.04
CA GLN A 356 -1.02 15.92 -8.88
C GLN A 356 0.44 16.28 -9.07
N ALA A 357 0.75 17.41 -9.70
CA ALA A 357 2.13 17.84 -9.87
C ALA A 357 2.63 18.75 -8.76
N ASN A 358 1.72 19.40 -8.03
CA ASN A 358 2.15 20.29 -6.96
C ASN A 358 2.69 19.55 -5.74
N THR A 359 2.58 18.22 -5.70
CA THR A 359 3.02 17.44 -4.56
C THR A 359 4.48 17.02 -4.66
N LEU A 360 5.21 17.44 -5.69
CA LEU A 360 6.59 17.03 -5.90
C LEU A 360 7.60 18.02 -5.32
N VAL A 361 7.16 19.05 -4.60
CA VAL A 361 8.07 20.04 -4.06
C VAL A 361 8.86 19.43 -2.90
N ASP A 362 10.17 19.68 -2.89
CA ASP A 362 11.03 19.12 -1.84
C ASP A 362 10.67 19.70 -0.46
N LEU A 363 10.42 21.00 -0.39
CA LEU A 363 10.02 21.72 0.81
C LEU A 363 11.12 21.76 1.88
N ALA A 364 12.35 21.38 1.55
CA ALA A 364 13.47 21.43 2.48
C ALA A 364 14.52 22.47 2.12
N LYS A 365 14.84 22.60 0.82
CA LYS A 365 15.80 23.61 0.40
C LYS A 365 15.29 25.02 0.71
N THR A 366 14.01 25.27 0.40
CA THR A 366 13.42 26.57 0.71
C THR A 366 13.36 26.79 2.22
N GLN A 367 13.08 25.74 2.98
CA GLN A 367 13.07 25.83 4.44
C GLN A 367 14.45 26.27 4.95
N ASN A 368 15.50 25.63 4.45
CA ASN A 368 16.86 25.99 4.88
C ASN A 368 17.22 27.41 4.46
N ILE A 369 16.84 27.80 3.25
CA ILE A 369 17.14 29.16 2.79
C ILE A 369 16.44 30.20 3.67
N MET A 370 15.16 29.97 3.97
CA MET A 370 14.43 30.89 4.82
C MET A 370 15.02 30.92 6.23
N TYR A 371 15.43 29.76 6.74
CA TYR A 371 16.05 29.73 8.06
C TYR A 371 17.33 30.55 8.08
N ASP A 372 18.16 30.42 7.04
CA ASP A 372 19.40 31.19 6.97
C ASP A 372 19.11 32.69 6.86
N MET A 373 18.11 33.06 6.06
CA MET A 373 17.77 34.48 5.93
C MET A 373 17.27 35.07 7.25
N ILE A 374 16.43 34.33 7.97
CA ILE A 374 15.94 34.81 9.26
C ILE A 374 17.07 34.89 10.28
N SER A 375 17.99 33.93 10.24
CA SER A 375 19.16 33.97 11.13
C SER A 375 20.01 35.20 10.84
N ASP A 376 20.19 35.54 9.57
CA ASP A 376 20.93 36.75 9.22
C ASP A 376 20.18 38.00 9.68
N LEU A 377 18.87 38.02 9.51
CA LEU A 377 18.08 39.17 9.94
C LEU A 377 18.04 39.32 11.46
N ASN A 378 18.30 38.23 12.20
CA ASN A 378 18.29 38.31 13.66
C ASN A 378 19.33 39.30 14.17
N GLU A 379 20.52 39.32 13.57
CA GLU A 379 21.58 40.24 13.97
C GLU A 379 21.35 41.58 13.25
N ARG A 380 20.30 42.27 13.68
CA ARG A 380 19.95 43.56 13.09
C ARG A 380 20.95 44.64 13.47
N LYS B 1 22.57 19.37 -42.07
CA LYS B 1 21.75 18.45 -42.85
C LYS B 1 20.27 18.71 -42.63
N LEU B 2 19.68 17.97 -41.68
CA LEU B 2 18.28 18.06 -41.27
C LEU B 2 17.30 17.60 -42.33
N GLY B 3 17.76 17.20 -43.52
CA GLY B 3 16.88 16.65 -44.54
C GLY B 3 17.07 15.17 -44.72
N HIS B 4 18.33 14.71 -44.64
CA HIS B 4 18.64 13.31 -44.77
C HIS B 4 18.08 12.48 -43.62
N ARG B 5 18.09 13.03 -42.41
CA ARG B 5 17.49 12.37 -41.27
C ARG B 5 15.99 12.17 -41.47
N ARG B 6 15.29 13.20 -41.97
CA ARG B 6 13.88 13.07 -42.26
C ARG B 6 13.62 12.08 -43.39
N ALA B 7 14.49 12.05 -44.39
CA ALA B 7 14.36 11.08 -45.47
C ALA B 7 14.55 9.65 -45.00
N LEU B 8 15.41 9.43 -44.00
CA LEU B 8 15.61 8.09 -43.43
C LEU B 8 14.50 7.67 -42.49
N PHE B 9 13.93 8.60 -41.73
CA PHE B 9 12.85 8.26 -40.80
C PHE B 9 11.65 7.68 -41.53
N GLU B 10 11.26 8.30 -42.64
CA GLU B 10 10.10 7.81 -43.41
C GLU B 10 10.39 6.44 -44.01
N LYS B 11 11.63 6.22 -44.47
CA LYS B 11 12.00 4.91 -45.00
C LYS B 11 11.85 3.82 -43.94
N ARG B 12 12.35 4.09 -42.73
CA ARG B 12 12.19 3.12 -41.65
C ARG B 12 10.71 2.90 -41.33
N LYS B 13 9.93 3.98 -41.30
CA LYS B 13 8.51 3.87 -40.98
C LYS B 13 7.77 3.02 -41.99
N ARG B 14 8.13 3.12 -43.26
CA ARG B 14 7.47 2.32 -44.29
C ARG B 14 7.93 0.86 -44.23
N LEU B 15 9.23 0.64 -44.01
CA LEU B 15 9.75 -0.72 -43.94
C LEU B 15 9.12 -1.50 -42.79
N SER B 16 8.90 -0.83 -41.66
CA SER B 16 8.27 -1.51 -40.53
C SER B 16 6.87 -1.99 -40.87
N ASP B 17 6.08 -1.15 -41.55
CA ASP B 17 4.72 -1.54 -41.93
C ASP B 17 4.73 -2.70 -42.91
N TYR B 18 5.61 -2.65 -43.91
CA TYR B 18 5.66 -3.76 -44.87
C TYR B 18 6.08 -5.06 -44.18
N ALA B 19 7.04 -4.98 -43.26
CA ALA B 19 7.44 -6.18 -42.52
C ALA B 19 6.28 -6.73 -41.69
N LEU B 20 5.49 -5.84 -41.07
CA LEU B 20 4.33 -6.29 -40.31
C LEU B 20 3.33 -7.02 -41.19
N ILE B 21 3.05 -6.47 -42.38
CA ILE B 21 2.08 -7.10 -43.27
C ILE B 21 2.56 -8.49 -43.68
N PHE B 22 3.81 -8.58 -44.14
CA PHE B 22 4.34 -9.86 -44.58
C PHE B 22 4.52 -10.84 -43.43
N GLY B 23 4.60 -10.35 -42.18
CA GLY B 23 4.64 -11.25 -41.06
C GLY B 23 3.28 -11.83 -40.71
N MET B 24 2.24 -10.99 -40.74
CA MET B 24 0.92 -11.48 -40.38
C MET B 24 0.30 -12.37 -41.46
N PHE B 25 0.68 -12.16 -42.73
CA PHE B 25 0.17 -13.02 -43.79
C PHE B 25 0.48 -14.49 -43.51
N GLY B 26 1.71 -14.78 -43.11
CA GLY B 26 2.10 -16.16 -42.87
C GLY B 26 1.36 -16.79 -41.70
N ILE B 27 1.10 -16.00 -40.65
CA ILE B 27 0.34 -16.51 -39.51
C ILE B 27 -1.08 -16.85 -39.93
N VAL B 28 -1.71 -15.98 -40.72
CA VAL B 28 -3.06 -16.28 -41.20
C VAL B 28 -3.06 -17.58 -42.01
N VAL B 29 -2.07 -17.72 -42.91
CA VAL B 29 -2.03 -18.90 -43.77
C VAL B 29 -1.79 -20.16 -42.96
N MET B 30 -0.89 -20.10 -41.96
CA MET B 30 -0.63 -21.29 -41.16
C MET B 30 -1.87 -21.71 -40.37
N VAL B 31 -2.60 -20.74 -39.80
CA VAL B 31 -3.81 -21.10 -39.06
C VAL B 31 -4.81 -21.77 -40.00
N ILE B 32 -5.01 -21.19 -41.19
CA ILE B 32 -5.98 -21.77 -42.12
C ILE B 32 -5.57 -23.18 -42.53
N GLU B 33 -4.28 -23.37 -42.85
CA GLU B 33 -3.82 -24.67 -43.31
C GLU B 33 -3.91 -25.72 -42.21
N THR B 34 -3.51 -25.36 -40.98
CA THR B 34 -3.56 -26.31 -39.89
C THR B 34 -4.99 -26.69 -39.53
N GLU B 35 -5.94 -25.75 -39.66
CA GLU B 35 -7.32 -26.11 -39.40
C GLU B 35 -7.89 -26.98 -40.52
N LEU B 36 -7.53 -26.70 -41.77
CA LEU B 36 -8.10 -27.45 -42.89
C LEU B 36 -7.50 -28.84 -43.04
N SER B 37 -6.24 -29.04 -42.65
CA SER B 37 -5.56 -30.30 -42.93
C SER B 37 -6.10 -31.47 -42.10
N TRP B 38 -6.92 -31.21 -41.09
CA TRP B 38 -7.39 -32.26 -40.19
C TRP B 38 -8.74 -32.81 -40.66
N GLY B 39 -8.75 -33.37 -41.87
CA GLY B 39 -9.93 -34.03 -42.37
C GLY B 39 -10.36 -33.65 -43.78
N ALA B 40 -10.17 -32.38 -44.15
CA ALA B 40 -10.57 -31.94 -45.48
C ALA B 40 -9.71 -32.57 -46.56
N TYR B 41 -8.39 -32.61 -46.36
CA TYR B 41 -7.50 -33.26 -47.31
C TYR B 41 -6.28 -33.79 -46.56
N ASP B 42 -5.62 -34.76 -47.17
CA ASP B 42 -4.47 -35.41 -46.55
C ASP B 42 -3.21 -34.57 -46.79
N LYS B 43 -2.10 -34.99 -46.19
CA LYS B 43 -0.84 -34.25 -46.32
C LYS B 43 -0.16 -34.45 -47.67
N ALA B 44 -0.60 -35.43 -48.45
CA ALA B 44 0.01 -35.70 -49.75
C ALA B 44 -0.68 -34.96 -50.90
N SER B 45 -1.77 -34.24 -50.63
CA SER B 45 -2.48 -33.53 -51.68
C SER B 45 -1.71 -32.28 -52.10
N LEU B 46 -2.10 -31.73 -53.25
CA LEU B 46 -1.45 -30.55 -53.79
C LEU B 46 -1.82 -29.27 -53.04
N TYR B 47 -2.92 -29.28 -52.30
CA TYR B 47 -3.34 -28.09 -51.56
C TYR B 47 -2.31 -27.72 -50.51
N SER B 48 -1.74 -28.71 -49.82
CA SER B 48 -0.72 -28.42 -48.81
C SER B 48 0.51 -27.77 -49.44
N LEU B 49 0.96 -28.30 -50.57
CA LEU B 49 2.10 -27.70 -51.27
C LEU B 49 1.80 -26.27 -51.69
N ALA B 50 0.60 -26.05 -52.25
CA ALA B 50 0.23 -24.72 -52.69
C ALA B 50 0.17 -23.73 -51.53
N LEU B 51 -0.33 -24.17 -50.39
CA LEU B 51 -0.48 -23.29 -49.23
C LEU B 51 0.80 -23.15 -48.41
N LYS B 52 1.80 -24.00 -48.64
CA LYS B 52 3.08 -23.84 -47.95
C LYS B 52 4.12 -23.09 -48.77
N CYS B 53 4.05 -23.16 -50.11
CA CYS B 53 4.94 -22.35 -50.93
C CYS B 53 4.71 -20.85 -50.68
N LEU B 54 3.46 -20.46 -50.42
CA LEU B 54 3.17 -19.06 -50.12
C LEU B 54 3.87 -18.61 -48.83
N ILE B 55 3.84 -19.47 -47.80
CA ILE B 55 4.51 -19.14 -46.54
C ILE B 55 6.01 -19.02 -46.76
N SER B 56 6.58 -19.95 -47.54
CA SER B 56 8.01 -19.87 -47.84
C SER B 56 8.35 -18.56 -48.53
N LEU B 57 7.57 -18.17 -49.53
CA LEU B 57 7.83 -16.92 -50.24
C LEU B 57 7.72 -15.72 -49.30
N SER B 58 6.69 -15.71 -48.45
CA SER B 58 6.52 -14.60 -47.51
C SER B 58 7.72 -14.46 -46.59
N THR B 59 8.25 -15.60 -46.10
CA THR B 59 9.45 -15.55 -45.29
C THR B 59 10.63 -15.00 -46.09
N ILE B 60 10.75 -15.40 -47.37
CA ILE B 60 11.85 -14.92 -48.21
C ILE B 60 11.84 -13.41 -48.31
N ILE B 61 10.67 -12.81 -48.58
CA ILE B 61 10.61 -11.34 -48.65
C ILE B 61 10.80 -10.70 -47.28
N LEU B 62 10.29 -11.33 -46.22
CA LEU B 62 10.40 -10.74 -44.89
C LEU B 62 11.86 -10.62 -44.45
N LEU B 63 12.67 -11.63 -44.75
CA LEU B 63 14.09 -11.57 -44.38
C LEU B 63 14.78 -10.38 -45.04
N GLY B 64 14.53 -10.17 -46.33
CA GLY B 64 15.12 -9.03 -47.02
C GLY B 64 14.65 -7.71 -46.46
N LEU B 65 13.37 -7.62 -46.12
CA LEU B 65 12.87 -6.38 -45.51
C LEU B 65 13.58 -6.08 -44.21
N ILE B 66 13.79 -7.11 -43.38
CA ILE B 66 14.47 -6.91 -42.10
C ILE B 66 15.91 -6.45 -42.33
N ILE B 67 16.62 -7.11 -43.26
CA ILE B 67 18.02 -6.77 -43.45
C ILE B 67 18.19 -5.40 -44.13
N VAL B 68 17.16 -4.89 -44.80
CA VAL B 68 17.23 -3.53 -45.31
C VAL B 68 16.93 -2.52 -44.21
N TYR B 69 15.98 -2.85 -43.32
CA TYR B 69 15.69 -1.95 -42.20
C TYR B 69 16.90 -1.78 -41.31
N HIS B 70 17.64 -2.86 -41.06
CA HIS B 70 18.84 -2.75 -40.22
C HIS B 70 19.89 -1.85 -40.87
N ALA B 71 20.04 -1.94 -42.20
CA ALA B 71 20.98 -1.05 -42.89
C ALA B 71 20.55 0.40 -42.77
N ARG B 72 19.25 0.67 -42.87
CA ARG B 72 18.76 2.03 -42.70
C ARG B 72 19.06 2.55 -41.29
N GLU B 73 18.87 1.69 -40.27
CA GLU B 73 19.20 2.10 -38.91
C GLU B 73 20.69 2.39 -38.77
N ILE B 74 21.54 1.59 -39.41
CA ILE B 74 22.99 1.83 -39.36
C ILE B 74 23.32 3.17 -39.99
N GLN B 75 22.69 3.49 -41.12
CA GLN B 75 22.91 4.78 -41.76
C GLN B 75 22.48 5.94 -40.85
N LEU B 76 21.34 5.77 -40.16
CA LEU B 76 20.92 6.81 -39.22
C LEU B 76 21.92 6.97 -38.09
N PHE B 77 22.46 5.86 -37.57
CA PHE B 77 23.46 5.95 -36.51
C PHE B 77 24.70 6.69 -37.00
N MET B 78 25.14 6.40 -38.23
CA MET B 78 26.30 7.09 -38.79
C MET B 78 26.02 8.58 -38.94
N VAL B 79 24.81 8.95 -39.37
CA VAL B 79 24.46 10.35 -39.52
C VAL B 79 24.48 11.06 -38.18
N ASP B 80 23.90 10.43 -37.16
CA ASP B 80 23.79 11.07 -35.85
C ASP B 80 25.14 11.17 -35.17
N ASN B 81 25.78 10.04 -34.90
CA ASN B 81 27.09 10.03 -34.26
C ASN B 81 28.16 10.20 -35.33
N GLY B 82 28.92 11.29 -35.26
CA GLY B 82 29.92 11.62 -36.24
C GLY B 82 30.89 10.50 -36.54
N ALA B 83 30.81 9.93 -37.75
CA ALA B 83 31.67 8.83 -38.15
C ALA B 83 31.76 8.82 -39.67
N ASP B 84 32.76 8.09 -40.17
CA ASP B 84 32.98 7.95 -41.61
C ASP B 84 32.83 6.51 -42.06
N ASP B 85 33.44 5.56 -41.36
CA ASP B 85 33.35 4.15 -41.71
C ASP B 85 32.21 3.50 -40.94
N TRP B 86 31.48 2.61 -41.62
CA TRP B 86 30.32 1.96 -41.02
C TRP B 86 30.68 0.88 -40.00
N ARG B 87 31.94 0.43 -39.98
CA ARG B 87 32.34 -0.61 -39.04
C ARG B 87 32.45 -0.11 -37.60
N ILE B 88 32.37 1.21 -37.39
CA ILE B 88 32.35 1.73 -36.03
C ILE B 88 31.08 1.31 -35.31
N ALA B 89 29.96 1.22 -36.02
CA ALA B 89 28.66 0.90 -35.43
C ALA B 89 28.44 -0.58 -35.22
N MET B 90 29.35 -1.44 -35.67
CA MET B 90 29.18 -2.89 -35.60
C MET B 90 29.85 -3.40 -34.34
N THR B 91 29.07 -3.55 -33.27
CA THR B 91 29.53 -4.12 -32.02
C THR B 91 29.03 -5.56 -31.88
N TYR B 92 29.29 -6.17 -30.73
CA TYR B 92 28.87 -7.56 -30.52
C TYR B 92 27.37 -7.67 -30.30
N GLU B 93 26.79 -6.75 -29.51
CA GLU B 93 25.37 -6.82 -29.19
C GLU B 93 24.52 -6.63 -30.44
N ARG B 94 24.91 -5.71 -31.33
CA ARG B 94 24.15 -5.48 -32.55
C ARG B 94 24.11 -6.75 -33.41
N ILE B 95 25.27 -7.38 -33.61
CA ILE B 95 25.34 -8.59 -34.42
C ILE B 95 24.53 -9.70 -33.77
N PHE B 96 24.64 -9.85 -32.45
CA PHE B 96 23.90 -10.89 -31.76
C PHE B 96 22.40 -10.70 -31.90
N PHE B 97 21.92 -9.46 -31.76
CA PHE B 97 20.50 -9.19 -31.88
C PHE B 97 20.01 -9.40 -33.31
N ILE B 98 20.81 -9.00 -34.30
CA ILE B 98 20.42 -9.22 -35.69
C ILE B 98 20.31 -10.71 -35.98
N CYS B 99 21.28 -11.49 -35.51
CA CYS B 99 21.24 -12.94 -35.71
C CYS B 99 20.03 -13.55 -35.01
N LEU B 100 19.72 -13.09 -33.80
CA LEU B 100 18.56 -13.60 -33.09
C LEU B 100 17.27 -13.29 -33.83
N GLU B 101 17.14 -12.07 -34.35
CA GLU B 101 15.95 -11.70 -35.10
C GLU B 101 15.81 -12.55 -36.36
N ILE B 102 16.92 -12.76 -37.08
CA ILE B 102 16.87 -13.57 -38.29
C ILE B 102 16.45 -15.00 -37.96
N LEU B 103 17.04 -15.57 -36.90
CA LEU B 103 16.70 -16.94 -36.52
C LEU B 103 15.23 -17.05 -36.11
N VAL B 104 14.72 -16.06 -35.37
CA VAL B 104 13.33 -16.10 -34.95
C VAL B 104 12.39 -15.97 -36.16
N CYS B 105 12.72 -15.09 -37.10
CA CYS B 105 11.85 -14.85 -38.24
C CYS B 105 12.07 -15.83 -39.39
N ALA B 106 12.99 -16.78 -39.25
CA ALA B 106 13.29 -17.74 -40.32
C ALA B 106 12.85 -19.16 -39.96
N ILE B 107 11.67 -19.30 -39.36
CA ILE B 107 11.10 -20.60 -39.01
C ILE B 107 9.72 -20.71 -39.64
N HIS B 108 9.49 -21.78 -40.39
CA HIS B 108 8.21 -22.05 -41.01
C HIS B 108 8.17 -23.53 -41.39
N PRO B 109 6.96 -24.09 -41.59
CA PRO B 109 6.88 -25.50 -42.02
C PRO B 109 7.37 -25.71 -43.44
N ILE B 110 8.49 -26.40 -43.59
CA ILE B 110 9.07 -26.65 -44.91
C ILE B 110 8.16 -27.58 -45.71
N PRO B 111 7.92 -27.33 -46.99
CA PRO B 111 7.10 -28.25 -47.79
C PRO B 111 7.71 -29.64 -47.83
N GLY B 112 6.84 -30.64 -47.81
CA GLY B 112 7.24 -32.03 -47.80
C GLY B 112 6.26 -32.85 -47.00
N ASN B 113 6.67 -34.06 -46.65
CA ASN B 113 5.83 -34.99 -45.88
C ASN B 113 6.76 -35.83 -45.00
N TYR B 114 6.80 -35.51 -43.71
CA TYR B 114 7.62 -36.24 -42.75
C TYR B 114 6.80 -36.53 -41.50
N THR B 115 7.11 -37.65 -40.85
CA THR B 115 6.38 -38.10 -39.67
C THR B 115 7.35 -38.63 -38.63
N PHE B 116 6.88 -38.69 -37.39
CA PHE B 116 7.66 -39.23 -36.28
C PHE B 116 6.72 -39.96 -35.34
N THR B 117 7.28 -40.52 -34.27
CA THR B 117 6.54 -41.33 -33.31
C THR B 117 6.32 -40.54 -32.02
N TRP B 118 5.09 -40.53 -31.53
CA TRP B 118 4.71 -39.80 -30.33
C TRP B 118 4.09 -40.76 -29.33
N THR B 119 4.54 -40.67 -28.07
CA THR B 119 4.05 -41.52 -26.99
C THR B 119 3.76 -40.65 -25.78
N ALA B 120 2.60 -40.87 -25.15
CA ALA B 120 2.21 -40.11 -23.98
C ALA B 120 1.35 -40.99 -23.07
N ARG B 121 1.27 -40.59 -21.80
CA ARG B 121 0.49 -41.30 -20.81
C ARG B 121 -0.78 -40.51 -20.51
N LEU B 122 -1.93 -41.19 -20.63
CA LEU B 122 -3.21 -40.53 -20.38
C LEU B 122 -3.34 -40.16 -18.90
N ALA B 123 -3.97 -39.02 -18.66
CA ALA B 123 -4.17 -38.52 -17.31
C ALA B 123 -5.44 -39.08 -16.71
N PHE B 124 -5.43 -39.25 -15.39
CA PHE B 124 -6.52 -39.78 -14.56
C PHE B 124 -6.76 -41.27 -14.80
N SER B 125 -6.04 -41.89 -15.73
CA SER B 125 -6.17 -43.32 -15.99
C SER B 125 -4.85 -44.06 -16.12
N TYR B 126 -3.75 -43.37 -16.43
CA TYR B 126 -2.42 -43.96 -16.52
C TYR B 126 -2.38 -45.08 -17.55
N ALA B 127 -2.79 -44.75 -18.78
CA ALA B 127 -2.79 -45.69 -19.89
C ALA B 127 -1.95 -45.13 -21.03
N PRO B 128 -0.97 -45.89 -21.52
CA PRO B 128 -0.13 -45.37 -22.61
C PRO B 128 -0.89 -45.28 -23.92
N SER B 129 -0.41 -44.37 -24.79
CA SER B 129 -0.96 -44.19 -26.12
C SER B 129 0.19 -43.91 -27.08
N THR B 130 0.01 -44.35 -28.33
CA THR B 130 1.06 -44.19 -29.35
C THR B 130 0.41 -43.92 -30.68
N THR B 131 0.73 -42.76 -31.27
CA THR B 131 0.25 -42.40 -32.61
C THR B 131 1.42 -41.81 -33.39
N THR B 132 1.31 -41.88 -34.72
CA THR B 132 2.31 -41.31 -35.61
C THR B 132 1.91 -39.87 -35.93
N ALA B 133 2.69 -38.91 -35.44
CA ALA B 133 2.38 -37.51 -35.59
C ALA B 133 3.09 -36.94 -36.81
N ASP B 134 3.03 -35.63 -36.98
CA ASP B 134 3.67 -34.94 -38.09
C ASP B 134 4.77 -34.02 -37.58
N VAL B 135 5.78 -33.80 -38.41
CA VAL B 135 6.89 -32.92 -38.04
C VAL B 135 6.51 -31.46 -38.14
N ASP B 136 5.54 -31.11 -38.99
CA ASP B 136 5.17 -29.72 -39.20
C ASP B 136 4.59 -29.06 -37.95
N ILE B 137 4.04 -29.82 -37.02
CA ILE B 137 3.48 -29.22 -35.81
C ILE B 137 4.59 -28.66 -34.93
N ILE B 138 5.78 -29.25 -34.97
CA ILE B 138 6.90 -28.74 -34.18
C ILE B 138 7.33 -27.37 -34.67
N LEU B 139 7.33 -27.16 -35.99
CA LEU B 139 7.79 -25.89 -36.56
C LEU B 139 6.68 -24.86 -36.71
N SER B 140 5.41 -25.29 -36.66
CA SER B 140 4.31 -24.34 -36.86
C SER B 140 4.11 -23.45 -35.63
N ILE B 141 4.21 -24.02 -34.43
CA ILE B 141 3.94 -23.25 -33.21
C ILE B 141 4.88 -22.06 -33.04
N PRO B 142 6.22 -22.19 -33.21
CA PRO B 142 7.10 -21.05 -32.92
C PRO B 142 6.89 -19.83 -33.81
N MET B 143 5.98 -19.91 -34.79
CA MET B 143 5.73 -18.77 -35.65
C MET B 143 5.04 -17.63 -34.91
N PHE B 144 4.49 -17.88 -33.73
CA PHE B 144 3.83 -16.82 -32.96
C PHE B 144 4.82 -15.81 -32.39
N LEU B 145 6.12 -16.08 -32.47
CA LEU B 145 7.13 -15.15 -31.97
C LEU B 145 7.26 -13.88 -32.81
N ARG B 146 6.61 -13.83 -33.97
CA ARG B 146 6.65 -12.67 -34.86
C ARG B 146 5.81 -11.50 -34.38
N LEU B 147 5.30 -11.51 -33.14
CA LEU B 147 4.38 -10.48 -32.68
C LEU B 147 5.07 -9.23 -32.15
N TYR B 148 6.40 -9.22 -32.06
CA TYR B 148 7.11 -8.01 -31.65
C TYR B 148 7.10 -6.93 -32.71
N LEU B 149 6.81 -7.28 -33.97
CA LEU B 149 6.71 -6.27 -35.01
C LEU B 149 5.54 -5.33 -34.75
N ILE B 150 4.47 -5.82 -34.14
CA ILE B 150 3.36 -4.95 -33.77
C ILE B 150 3.82 -3.88 -32.78
N ALA B 151 4.58 -4.30 -31.76
CA ALA B 151 5.11 -3.34 -30.79
C ALA B 151 6.07 -2.35 -31.46
N ARG B 152 6.91 -2.84 -32.37
CA ARG B 152 7.83 -1.94 -33.07
C ARG B 152 7.08 -0.90 -33.89
N VAL B 153 6.06 -1.33 -34.62
CA VAL B 153 5.27 -0.39 -35.44
C VAL B 153 4.55 0.60 -34.55
N MET B 154 3.98 0.14 -33.44
CA MET B 154 3.29 1.04 -32.52
C MET B 154 4.24 2.08 -31.94
N LEU B 155 5.46 1.64 -31.57
CA LEU B 155 6.44 2.57 -31.05
C LEU B 155 6.84 3.60 -32.10
N LEU B 156 7.06 3.16 -33.34
CA LEU B 156 7.49 4.08 -34.38
C LEU B 156 6.37 5.00 -34.86
N HIS B 157 5.12 4.62 -34.65
CA HIS B 157 3.98 5.42 -35.08
C HIS B 157 3.39 6.28 -33.96
N SER B 158 4.02 6.30 -32.79
CA SER B 158 3.48 7.06 -31.67
C SER B 158 3.70 8.55 -31.90
N LYS B 159 2.62 9.32 -31.91
CA LYS B 159 2.73 10.76 -32.12
C LYS B 159 3.23 11.50 -30.89
N LEU B 160 2.97 10.95 -29.70
CA LEU B 160 3.37 11.62 -28.47
C LEU B 160 4.89 11.69 -28.34
N PHE B 161 5.57 10.57 -28.61
CA PHE B 161 7.02 10.51 -28.44
C PHE B 161 7.79 11.22 -29.55
N THR B 162 7.25 11.20 -30.78
CA THR B 162 7.97 11.71 -31.94
C THR B 162 7.96 13.24 -32.03
N ASP B 163 7.50 13.94 -31.00
CA ASP B 163 7.46 15.40 -31.05
C ASP B 163 8.89 15.96 -31.07
N ALA B 164 9.05 17.07 -31.80
CA ALA B 164 10.38 17.65 -31.96
C ALA B 164 10.86 18.34 -30.69
N SER B 165 9.98 19.10 -30.04
CA SER B 165 10.38 19.85 -28.85
C SER B 165 10.53 18.94 -27.64
N SER B 166 9.74 17.86 -27.56
CA SER B 166 9.85 16.94 -26.43
C SER B 166 11.21 16.27 -26.38
N ARG B 167 11.75 15.90 -27.55
CA ARG B 167 13.07 15.27 -27.58
C ARG B 167 14.14 16.22 -27.08
N SER B 168 14.10 17.48 -27.51
CA SER B 168 15.08 18.45 -27.04
C SER B 168 14.95 18.70 -25.55
N ILE B 169 13.71 18.82 -25.05
CA ILE B 169 13.48 19.01 -23.62
C ILE B 169 13.98 17.83 -22.80
N GLY B 170 13.72 16.61 -23.23
CA GLY B 170 14.23 15.43 -22.56
C GLY B 170 15.73 15.24 -22.66
N ALA B 171 16.35 15.69 -23.74
CA ALA B 171 17.80 15.69 -23.83
C ALA B 171 18.45 16.73 -22.96
N LEU B 172 17.77 17.85 -22.70
CA LEU B 172 18.26 18.80 -21.71
C LEU B 172 18.30 18.19 -20.32
N ASN B 173 17.30 17.37 -19.98
CA ASN B 173 17.25 16.69 -18.69
C ASN B 173 18.02 15.37 -18.68
N LYS B 174 18.62 14.99 -19.80
CA LYS B 174 19.48 13.80 -19.90
C LYS B 174 18.71 12.52 -19.54
N ILE B 175 17.70 12.22 -20.35
CA ILE B 175 16.95 10.98 -20.23
C ILE B 175 16.92 10.31 -21.60
N ASN B 176 16.61 9.01 -21.59
CA ASN B 176 16.60 8.19 -22.79
C ASN B 176 15.17 7.84 -23.17
N PHE B 177 14.85 7.97 -24.45
CA PHE B 177 13.53 7.64 -24.97
C PHE B 177 13.51 6.21 -25.53
N ASN B 178 13.81 5.26 -24.65
CA ASN B 178 13.85 3.86 -25.01
C ASN B 178 12.45 3.24 -24.86
N THR B 179 12.37 1.91 -24.96
CA THR B 179 11.07 1.25 -24.87
C THR B 179 10.53 1.23 -23.45
N ARG B 180 11.41 1.19 -22.45
CA ARG B 180 10.95 1.18 -21.06
C ARG B 180 10.22 2.47 -20.72
N PHE B 181 10.73 3.61 -21.21
CA PHE B 181 10.06 4.88 -20.97
C PHE B 181 8.65 4.88 -21.57
N VAL B 182 8.51 4.36 -22.79
CA VAL B 182 7.20 4.31 -23.43
C VAL B 182 6.25 3.39 -22.68
N MET B 183 6.76 2.22 -22.25
CA MET B 183 5.92 1.30 -21.48
C MET B 183 5.45 1.93 -20.18
N LYS B 184 6.35 2.61 -19.47
CA LYS B 184 5.98 3.26 -18.22
C LYS B 184 4.97 4.38 -18.47
N THR B 185 5.14 5.14 -19.54
CA THR B 185 4.18 6.20 -19.86
C THR B 185 2.81 5.64 -20.15
N LEU B 186 2.74 4.56 -20.95
CA LEU B 186 1.45 3.94 -21.25
C LEU B 186 0.81 3.37 -20.00
N MET B 187 1.60 2.73 -19.13
CA MET B 187 1.05 2.25 -17.87
C MET B 187 0.60 3.38 -16.96
N THR B 188 1.20 4.57 -17.09
CA THR B 188 0.78 5.72 -16.30
C THR B 188 -0.53 6.30 -16.81
N ILE B 189 -0.71 6.38 -18.13
CA ILE B 189 -1.88 7.07 -18.67
C ILE B 189 -3.10 6.15 -18.78
N CYS B 190 -2.91 4.89 -19.16
CA CYS B 190 -4.04 3.97 -19.37
C CYS B 190 -3.60 2.55 -19.07
N PRO B 191 -3.70 2.11 -17.81
CA PRO B 191 -3.31 0.73 -17.47
C PRO B 191 -4.39 -0.28 -17.84
N GLY B 192 -5.66 0.10 -17.67
CA GLY B 192 -6.74 -0.86 -17.84
C GLY B 192 -6.86 -1.35 -19.27
N THR B 193 -6.74 -0.46 -20.25
CA THR B 193 -6.84 -0.86 -21.64
C THR B 193 -5.71 -1.82 -22.00
N VAL B 194 -4.48 -1.52 -21.55
CA VAL B 194 -3.35 -2.39 -21.84
C VAL B 194 -3.56 -3.77 -21.22
N LEU B 195 -4.00 -3.81 -19.96
CA LEU B 195 -4.22 -5.09 -19.29
C LEU B 195 -5.31 -5.90 -20.00
N LEU B 196 -6.42 -5.25 -20.35
CA LEU B 196 -7.51 -5.96 -21.02
C LEU B 196 -7.06 -6.50 -22.38
N VAL B 197 -6.35 -5.68 -23.15
CA VAL B 197 -5.90 -6.11 -24.47
C VAL B 197 -4.94 -7.30 -24.34
N PHE B 198 -4.00 -7.21 -23.40
CA PHE B 198 -3.03 -8.29 -23.21
C PHE B 198 -3.73 -9.59 -22.82
N SER B 199 -4.65 -9.52 -21.85
CA SER B 199 -5.31 -10.73 -21.39
C SER B 199 -6.19 -11.35 -22.48
N ILE B 200 -6.96 -10.52 -23.20
CA ILE B 200 -7.84 -11.06 -24.23
C ILE B 200 -7.04 -11.63 -25.39
N SER B 201 -5.92 -10.99 -25.74
CA SER B 201 -5.08 -11.53 -26.81
C SER B 201 -4.43 -12.84 -26.39
N LEU B 202 -4.00 -12.95 -25.13
CA LEU B 202 -3.36 -14.18 -24.67
C LEU B 202 -4.35 -15.33 -24.59
N TRP B 203 -5.60 -15.04 -24.22
CA TRP B 203 -6.59 -16.09 -23.99
C TRP B 203 -6.78 -16.96 -25.22
N ILE B 204 -7.08 -16.33 -26.36
CA ILE B 204 -7.42 -17.08 -27.56
C ILE B 204 -6.20 -17.82 -28.10
N ILE B 205 -5.03 -17.17 -28.07
CA ILE B 205 -3.82 -17.82 -28.57
C ILE B 205 -3.50 -19.06 -27.74
N ALA B 206 -3.57 -18.94 -26.41
CA ALA B 206 -3.29 -20.08 -25.56
C ALA B 206 -4.31 -21.20 -25.77
N ALA B 207 -5.59 -20.85 -25.90
CA ALA B 207 -6.61 -21.86 -26.14
C ALA B 207 -6.37 -22.60 -27.45
N TRP B 208 -6.06 -21.86 -28.52
CA TRP B 208 -5.81 -22.50 -29.80
C TRP B 208 -4.55 -23.37 -29.75
N THR B 209 -3.51 -22.91 -29.06
CA THR B 209 -2.30 -23.71 -28.95
C THR B 209 -2.57 -25.02 -28.21
N VAL B 210 -3.33 -24.95 -27.11
CA VAL B 210 -3.67 -26.17 -26.36
C VAL B 210 -4.50 -27.11 -27.23
N ARG B 211 -5.49 -26.55 -27.96
CA ARG B 211 -6.32 -27.39 -28.82
C ARG B 211 -5.51 -28.06 -29.91
N ALA B 212 -4.58 -27.32 -30.52
CA ALA B 212 -3.74 -27.90 -31.58
C ALA B 212 -2.81 -28.97 -31.03
N CYS B 213 -2.24 -28.75 -29.84
CA CYS B 213 -1.33 -29.73 -29.26
C CYS B 213 -2.06 -31.00 -28.88
N GLU B 214 -3.20 -30.88 -28.19
CA GLU B 214 -3.91 -32.04 -27.65
C GLU B 214 -5.06 -32.46 -28.57
N ARG B 215 -4.71 -32.92 -29.76
CA ARG B 215 -5.69 -33.50 -30.67
C ARG B 215 -5.27 -34.86 -31.22
N TYR B 216 -4.07 -35.33 -30.89
CA TYR B 216 -3.62 -36.64 -31.33
C TYR B 216 -3.90 -37.74 -30.31
N HIS B 217 -3.90 -37.41 -29.02
CA HIS B 217 -4.08 -38.38 -27.95
C HIS B 217 -5.40 -38.17 -27.21
N ASP B 218 -6.39 -37.58 -27.87
CA ASP B 218 -7.69 -37.29 -27.24
C ASP B 218 -8.80 -37.72 -28.20
N GLN B 219 -9.19 -38.99 -28.11
CA GLN B 219 -10.36 -39.47 -28.84
C GLN B 219 -11.60 -39.46 -27.95
N GLN B 220 -11.86 -38.34 -27.28
CA GLN B 220 -13.07 -38.19 -26.48
C GLN B 220 -13.68 -36.79 -26.55
N ASP B 221 -13.09 -35.88 -27.32
CA ASP B 221 -13.58 -34.50 -27.46
C ASP B 221 -13.76 -33.84 -26.09
N VAL B 222 -12.65 -33.77 -25.35
CA VAL B 222 -12.66 -33.16 -24.03
C VAL B 222 -11.74 -31.95 -24.03
N THR B 223 -10.46 -32.17 -24.28
CA THR B 223 -9.47 -31.10 -24.32
C THR B 223 -9.16 -30.64 -25.74
N SER B 224 -9.73 -31.30 -26.75
CA SER B 224 -9.58 -30.89 -28.14
C SER B 224 -10.72 -30.00 -28.60
N ASN B 225 -11.65 -29.66 -27.70
CA ASN B 225 -12.76 -28.77 -28.00
C ASN B 225 -12.33 -27.34 -27.70
N PHE B 226 -12.66 -26.41 -28.60
CA PHE B 226 -12.24 -25.03 -28.44
C PHE B 226 -12.83 -24.42 -27.17
N LEU B 227 -14.11 -24.67 -26.91
CA LEU B 227 -14.73 -24.15 -25.69
C LEU B 227 -14.15 -24.80 -24.44
N GLY B 228 -13.84 -26.09 -24.50
CA GLY B 228 -13.20 -26.74 -23.36
C GLY B 228 -11.83 -26.17 -23.06
N ALA B 229 -11.03 -25.92 -24.11
CA ALA B 229 -9.73 -25.30 -23.91
C ALA B 229 -9.88 -23.88 -23.37
N MET B 230 -10.86 -23.14 -23.86
CA MET B 230 -11.11 -21.79 -23.35
C MET B 230 -11.46 -21.83 -21.87
N TRP B 231 -12.32 -22.77 -21.48
CA TRP B 231 -12.71 -22.91 -20.08
C TRP B 231 -11.51 -23.30 -19.21
N LEU B 232 -10.67 -24.21 -19.70
CA LEU B 232 -9.50 -24.63 -18.95
C LEU B 232 -8.53 -23.46 -18.75
N ILE B 233 -8.28 -22.69 -19.81
CA ILE B 233 -7.37 -21.55 -19.69
C ILE B 233 -7.95 -20.52 -18.73
N SER B 234 -9.27 -20.28 -18.80
CA SER B 234 -9.89 -19.32 -17.90
C SER B 234 -9.77 -19.74 -16.44
N ILE B 235 -10.01 -21.03 -16.15
CA ILE B 235 -9.95 -21.46 -14.75
C ILE B 235 -8.51 -21.51 -14.25
N THR B 236 -7.54 -21.85 -15.10
CA THR B 236 -6.15 -21.84 -14.65
C THR B 236 -5.59 -20.43 -14.51
N PHE B 237 -6.13 -19.47 -15.27
CA PHE B 237 -5.68 -18.09 -15.15
C PHE B 237 -6.01 -17.51 -13.78
N LEU B 238 -7.17 -17.86 -13.24
CA LEU B 238 -7.66 -17.32 -11.98
C LEU B 238 -7.21 -18.12 -10.76
N SER B 239 -6.38 -19.14 -10.96
CA SER B 239 -5.82 -19.97 -9.88
C SER B 239 -6.88 -20.79 -9.15
N ILE B 240 -8.05 -20.96 -9.74
CA ILE B 240 -9.06 -21.83 -9.13
C ILE B 240 -8.58 -23.27 -9.13
N GLY B 241 -8.07 -23.74 -10.27
CA GLY B 241 -7.55 -25.08 -10.40
C GLY B 241 -8.32 -25.88 -11.43
N TYR B 242 -7.71 -27.00 -11.81
CA TYR B 242 -8.31 -27.89 -12.80
C TYR B 242 -9.52 -28.61 -12.21
N GLY B 243 -10.41 -29.04 -13.10
CA GLY B 243 -11.55 -29.85 -12.71
C GLY B 243 -11.38 -31.28 -13.18
N ASP B 244 -12.09 -31.65 -14.25
CA ASP B 244 -11.92 -32.94 -14.89
C ASP B 244 -11.06 -32.86 -16.14
N MET B 245 -10.54 -31.68 -16.47
CA MET B 245 -9.73 -31.46 -17.66
C MET B 245 -8.30 -31.15 -17.24
N VAL B 246 -7.38 -32.06 -17.53
CA VAL B 246 -5.96 -31.83 -17.30
C VAL B 246 -5.22 -32.21 -18.58
N PRO B 247 -4.11 -31.53 -18.90
CA PRO B 247 -3.38 -31.85 -20.14
C PRO B 247 -2.88 -33.28 -20.17
N ASN B 248 -2.95 -33.89 -21.35
CA ASN B 248 -2.39 -35.22 -21.58
C ASN B 248 -0.96 -35.19 -22.08
N THR B 249 -0.47 -34.03 -22.53
CA THR B 249 0.87 -33.89 -23.07
C THR B 249 1.62 -32.80 -22.34
N TYR B 250 2.90 -32.66 -22.66
CA TYR B 250 3.73 -31.64 -22.03
C TYR B 250 3.47 -30.25 -22.59
N CYS B 251 2.99 -30.16 -23.83
CA CYS B 251 2.68 -28.85 -24.42
C CYS B 251 1.57 -28.15 -23.62
N GLY B 252 0.50 -28.88 -23.32
CA GLY B 252 -0.59 -28.28 -22.55
C GLY B 252 -0.15 -27.88 -21.16
N LYS B 253 0.69 -28.71 -20.52
CA LYS B 253 1.18 -28.38 -19.18
C LYS B 253 2.05 -27.12 -19.22
N GLY B 254 2.92 -26.99 -20.21
CA GLY B 254 3.72 -25.79 -20.34
C GLY B 254 2.87 -24.55 -20.57
N VAL B 255 1.87 -24.66 -21.44
CA VAL B 255 0.99 -23.52 -21.70
C VAL B 255 0.24 -23.13 -20.43
N CYS B 256 -0.25 -24.13 -19.68
CA CYS B 256 -0.95 -23.84 -18.44
C CYS B 256 -0.03 -23.16 -17.43
N LEU B 257 1.23 -23.61 -17.34
CA LEU B 257 2.19 -22.97 -16.45
C LEU B 257 2.40 -21.51 -16.84
N LEU B 258 2.57 -21.25 -18.13
CA LEU B 258 2.76 -19.86 -18.58
C LEU B 258 1.55 -19.00 -18.26
N THR B 259 0.34 -19.53 -18.51
CA THR B 259 -0.87 -18.76 -18.22
C THR B 259 -1.01 -18.48 -16.73
N GLY B 260 -0.72 -19.47 -15.89
CA GLY B 260 -0.78 -19.24 -14.45
C GLY B 260 0.22 -18.20 -13.98
N ILE B 261 1.44 -18.27 -14.50
CA ILE B 261 2.47 -17.31 -14.11
C ILE B 261 2.05 -15.89 -14.52
N MET B 262 1.50 -15.74 -15.73
CA MET B 262 1.05 -14.43 -16.16
C MET B 262 -0.13 -13.93 -15.31
N GLY B 263 -1.09 -14.80 -15.04
CA GLY B 263 -2.25 -14.42 -14.25
C GLY B 263 -1.93 -14.02 -12.83
N ALA B 264 -0.94 -14.68 -12.22
CA ALA B 264 -0.57 -14.38 -10.83
C ALA B 264 -0.16 -12.92 -10.64
N GLY B 265 0.26 -12.24 -11.71
CA GLY B 265 0.57 -10.82 -11.62
C GLY B 265 -0.50 -9.95 -12.25
N CYS B 266 -1.13 -10.46 -13.31
CA CYS B 266 -2.18 -9.70 -13.99
C CYS B 266 -3.36 -9.44 -13.05
N THR B 267 -3.77 -10.44 -12.28
CA THR B 267 -4.89 -10.26 -11.36
C THR B 267 -4.58 -9.21 -10.31
N ALA B 268 -3.38 -9.24 -9.75
CA ALA B 268 -3.00 -8.26 -8.74
C ALA B 268 -2.95 -6.85 -9.31
N LEU B 269 -2.40 -6.71 -10.53
CA LEU B 269 -2.36 -5.38 -11.15
C LEU B 269 -3.76 -4.85 -11.42
N VAL B 270 -4.66 -5.72 -11.91
CA VAL B 270 -6.03 -5.30 -12.17
C VAL B 270 -6.73 -4.90 -10.88
N VAL B 271 -6.49 -5.67 -9.81
CA VAL B 271 -7.10 -5.34 -8.51
C VAL B 271 -6.61 -3.99 -8.02
N ALA B 272 -5.31 -3.73 -8.15
CA ALA B 272 -4.78 -2.42 -7.74
C ALA B 272 -5.39 -1.29 -8.56
N VAL B 273 -5.52 -1.48 -9.87
CA VAL B 273 -6.08 -0.44 -10.72
C VAL B 273 -7.53 -0.15 -10.34
N VAL B 274 -8.34 -1.20 -10.16
CA VAL B 274 -9.75 -0.98 -9.82
C VAL B 274 -9.92 -0.46 -8.40
N ALA B 275 -8.97 -0.74 -7.51
CA ALA B 275 -9.02 -0.15 -6.17
C ALA B 275 -8.67 1.33 -6.20
N ARG B 276 -7.72 1.72 -7.06
CA ARG B 276 -7.37 3.12 -7.18
C ARG B 276 -8.42 3.93 -7.92
N LYS B 277 -9.17 3.30 -8.82
CA LYS B 277 -10.17 4.03 -9.60
C LYS B 277 -11.40 4.44 -8.78
N LEU B 278 -11.53 3.95 -7.55
CA LEU B 278 -12.70 4.25 -6.71
C LEU B 278 -12.44 5.35 -5.70
N GLU B 279 -11.46 6.22 -5.95
CA GLU B 279 -11.09 7.27 -5.01
C GLU B 279 -11.65 8.62 -5.45
N LEU B 280 -11.92 9.47 -4.46
CA LEU B 280 -12.41 10.81 -4.72
C LEU B 280 -11.25 11.76 -5.02
N THR B 281 -11.48 12.70 -5.92
CA THR B 281 -10.48 13.71 -6.23
C THR B 281 -10.50 14.82 -5.19
N LYS B 282 -9.64 15.82 -5.38
CA LYS B 282 -9.55 16.90 -4.41
C LYS B 282 -10.78 17.82 -4.49
N ALA B 283 -11.22 18.14 -5.70
CA ALA B 283 -12.41 18.97 -5.86
C ALA B 283 -13.65 18.30 -5.30
N GLU B 284 -13.80 16.99 -5.53
CA GLU B 284 -14.92 16.26 -4.96
C GLU B 284 -14.79 16.14 -3.45
N LYS B 285 -13.57 16.02 -2.94
CA LYS B 285 -13.37 15.97 -1.49
C LYS B 285 -13.77 17.28 -0.83
N HIS B 286 -13.45 18.41 -1.46
CA HIS B 286 -13.80 19.71 -0.89
C HIS B 286 -15.30 19.92 -0.82
N VAL B 287 -16.08 19.21 -1.64
CA VAL B 287 -17.53 19.30 -1.58
C VAL B 287 -18.11 18.26 -0.64
N HIS B 288 -17.51 17.07 -0.60
CA HIS B 288 -17.97 16.05 0.34
C HIS B 288 -17.74 16.47 1.79
N ASN B 289 -16.65 17.20 2.05
CA ASN B 289 -16.42 17.72 3.40
C ASN B 289 -17.52 18.69 3.81
N PHE B 290 -17.92 19.59 2.91
CA PHE B 290 -19.02 20.50 3.21
C PHE B 290 -20.33 19.75 3.38
N MET B 291 -20.56 18.72 2.56
CA MET B 291 -21.77 17.93 2.71
C MET B 291 -21.85 17.25 4.06
N MET B 292 -20.72 16.70 4.52
CA MET B 292 -20.70 16.07 5.84
C MET B 292 -20.80 17.08 6.97
N ASP B 293 -20.20 18.26 6.79
CA ASP B 293 -20.27 19.29 7.83
C ASP B 293 -21.63 19.95 7.90
N THR B 294 -22.42 19.90 6.82
CA THR B 294 -23.80 20.35 6.90
C THR B 294 -24.59 19.50 7.88
N GLN B 295 -24.39 18.19 7.85
CA GLN B 295 -24.87 17.31 8.90
C GLN B 295 -23.90 17.38 10.08
N LEU B 296 -24.06 16.47 11.04
CA LEU B 296 -23.26 16.42 12.27
C LEU B 296 -23.40 17.69 13.11
N THR B 297 -24.33 18.58 12.75
CA THR B 297 -24.71 19.72 13.57
C THR B 297 -26.17 19.64 14.01
N LYS B 298 -27.06 19.23 13.12
CA LYS B 298 -28.43 18.92 13.52
C LYS B 298 -28.44 17.80 14.54
N ARG B 299 -27.62 16.76 14.31
CA ARG B 299 -27.52 15.66 15.26
C ARG B 299 -26.98 16.14 16.60
N VAL B 300 -25.98 17.02 16.58
CA VAL B 300 -25.41 17.54 17.82
C VAL B 300 -26.45 18.33 18.60
N LYS B 301 -27.20 19.20 17.90
CA LYS B 301 -28.24 19.98 18.58
C LYS B 301 -29.33 19.08 19.14
N ASN B 302 -29.76 18.07 18.37
CA ASN B 302 -30.80 17.17 18.84
C ASN B 302 -30.34 16.38 20.07
N ALA B 303 -29.07 15.93 20.07
CA ALA B 303 -28.55 15.20 21.22
C ALA B 303 -28.36 16.11 22.43
N ALA B 304 -28.01 17.38 22.21
CA ALA B 304 -27.80 18.29 23.32
C ALA B 304 -29.10 18.75 23.95
N ALA B 305 -30.18 18.83 23.16
CA ALA B 305 -31.46 19.25 23.72
C ALA B 305 -32.06 18.22 24.66
N ASN B 306 -31.83 16.93 24.39
CA ASN B 306 -32.39 15.88 25.23
C ASN B 306 -31.82 15.92 26.63
N VAL B 307 -30.52 16.22 26.77
CA VAL B 307 -29.92 16.34 28.08
C VAL B 307 -30.59 17.45 28.89
N LEU B 308 -30.81 18.59 28.25
CA LEU B 308 -31.47 19.71 28.93
C LEU B 308 -32.90 19.38 29.27
N ARG B 309 -33.58 18.57 28.44
CA ARG B 309 -34.94 18.16 28.74
C ARG B 309 -34.99 17.25 29.98
N GLU B 310 -34.12 16.24 30.01
CA GLU B 310 -34.16 15.28 31.11
C GLU B 310 -33.67 15.89 32.42
N THR B 311 -32.67 16.78 32.36
CA THR B 311 -32.19 17.40 33.60
C THR B 311 -33.24 18.31 34.23
N TRP B 312 -34.25 18.72 33.47
CA TRP B 312 -35.40 19.45 34.01
C TRP B 312 -36.51 18.51 34.44
N LEU B 313 -36.75 17.44 33.67
CA LEU B 313 -37.80 16.50 34.02
C LEU B 313 -37.51 15.80 35.36
N ILE B 314 -36.25 15.41 35.57
CA ILE B 314 -35.90 14.75 36.83
C ILE B 314 -36.12 15.70 38.01
N TYR B 315 -35.70 16.96 37.88
CA TYR B 315 -35.88 17.92 38.96
C TYR B 315 -37.36 18.16 39.23
N LYS B 316 -38.17 18.30 38.18
CA LYS B 316 -39.59 18.49 38.37
C LYS B 316 -40.21 17.31 39.12
N ASN B 317 -39.96 16.10 38.64
CA ASN B 317 -40.56 14.92 39.25
C ASN B 317 -40.01 14.59 40.63
N THR B 318 -38.85 15.13 41.01
CA THR B 318 -38.29 14.85 42.32
C THR B 318 -38.47 15.97 43.33
N LYS B 319 -38.84 17.19 42.90
CA LYS B 319 -38.97 18.28 43.86
C LYS B 319 -40.18 19.18 43.62
N LEU B 320 -41.12 18.80 42.76
CA LEU B 320 -42.30 19.63 42.54
C LEU B 320 -43.60 18.91 42.86
N VAL B 321 -43.75 17.66 42.43
CA VAL B 321 -44.99 16.93 42.67
C VAL B 321 -45.15 16.65 44.16
N LYS B 322 -46.40 16.64 44.62
CA LYS B 322 -46.68 16.37 46.03
C LYS B 322 -46.33 14.93 46.39
N LYS B 323 -46.67 13.99 45.53
CA LYS B 323 -46.36 12.58 45.74
C LYS B 323 -45.27 12.17 44.76
N ILE B 324 -44.22 11.53 45.28
CA ILE B 324 -43.06 11.16 44.49
C ILE B 324 -43.33 9.80 43.85
N ASP B 325 -43.40 9.78 42.53
CA ASP B 325 -43.53 8.55 41.77
C ASP B 325 -42.13 8.06 41.38
N HIS B 326 -41.74 6.91 41.93
CA HIS B 326 -40.37 6.44 41.76
C HIS B 326 -40.09 5.91 40.35
N ALA B 327 -41.10 5.31 39.71
CA ALA B 327 -40.89 4.74 38.39
C ALA B 327 -40.51 5.81 37.37
N LYS B 328 -41.20 6.95 37.40
CA LYS B 328 -40.90 8.03 36.47
C LYS B 328 -39.50 8.57 36.68
N VAL B 329 -39.11 8.75 37.95
CA VAL B 329 -37.77 9.25 38.26
C VAL B 329 -36.71 8.27 37.77
N ARG B 330 -36.93 6.97 38.00
CA ARG B 330 -35.96 5.97 37.55
C ARG B 330 -35.86 5.95 36.03
N LYS B 331 -37.00 6.04 35.33
CA LYS B 331 -36.99 6.06 33.87
C LYS B 331 -36.24 7.27 33.33
N HIS B 332 -36.48 8.44 33.92
CA HIS B 332 -35.81 9.65 33.46
C HIS B 332 -34.31 9.60 33.75
N GLN B 333 -33.94 9.05 34.91
CA GLN B 333 -32.52 8.90 35.22
C GLN B 333 -31.85 7.88 34.31
N ARG B 334 -32.60 6.88 33.83
CA ARG B 334 -32.06 5.95 32.86
C ARG B 334 -31.87 6.61 31.50
N LYS B 335 -32.82 7.46 31.11
CA LYS B 335 -32.72 8.14 29.81
C LYS B 335 -31.64 9.22 29.82
N PHE B 336 -31.37 9.81 30.98
CA PHE B 336 -30.34 10.86 31.07
C PHE B 336 -28.96 10.33 30.69
N LEU B 337 -28.61 9.14 31.18
CA LEU B 337 -27.31 8.56 30.85
C LEU B 337 -27.20 8.25 29.37
N GLN B 338 -28.28 7.74 28.76
CA GLN B 338 -28.27 7.48 27.32
C GLN B 338 -28.08 8.76 26.53
N ALA B 339 -28.77 9.84 26.94
CA ALA B 339 -28.59 11.11 26.26
C ALA B 339 -27.16 11.63 26.39
N ILE B 340 -26.58 11.51 27.58
CA ILE B 340 -25.21 11.96 27.80
C ILE B 340 -24.25 11.17 26.91
N HIS B 341 -24.43 9.84 26.86
CA HIS B 341 -23.55 9.01 26.06
C HIS B 341 -23.68 9.32 24.57
N GLN B 342 -24.91 9.55 24.09
CA GLN B 342 -25.10 9.91 22.69
C GLN B 342 -24.45 11.25 22.37
N LEU B 343 -24.57 12.23 23.28
CA LEU B 343 -23.95 13.53 23.06
C LEU B 343 -22.43 13.41 23.03
N ARG B 344 -21.86 12.58 23.91
CA ARG B 344 -20.41 12.38 23.89
C ARG B 344 -19.97 11.63 22.63
N SER B 345 -20.79 10.70 22.14
CA SER B 345 -20.40 9.91 20.98
C SER B 345 -20.45 10.73 19.69
N VAL B 346 -21.44 11.63 19.58
CA VAL B 346 -21.61 12.38 18.33
C VAL B 346 -20.49 13.38 18.09
N LYS B 347 -19.74 13.75 19.13
CA LYS B 347 -18.71 14.78 19.00
C LYS B 347 -17.35 14.23 18.56
N MET B 348 -17.17 12.91 18.54
CA MET B 348 -15.91 12.34 18.04
C MET B 348 -15.82 12.40 16.53
N GLU B 349 -16.97 12.28 15.84
CA GLU B 349 -16.98 12.34 14.39
C GLU B 349 -16.51 13.70 13.90
N GLN B 350 -16.84 14.77 14.63
CA GLN B 350 -16.37 16.10 14.25
C GLN B 350 -14.86 16.19 14.28
N ARG B 351 -14.25 15.67 15.35
CA ARG B 351 -12.78 15.70 15.44
C ARG B 351 -12.15 14.83 14.38
N LYS B 352 -12.73 13.66 14.10
CA LYS B 352 -12.20 12.80 13.04
C LYS B 352 -12.28 13.50 11.69
N LEU B 353 -13.42 14.16 11.41
CA LEU B 353 -13.57 14.86 10.14
C LEU B 353 -12.57 16.00 10.02
N ASN B 354 -12.36 16.76 11.10
CA ASN B 354 -11.39 17.84 11.07
C ASN B 354 -9.98 17.30 10.82
N ASP B 355 -9.62 16.21 11.51
CA ASP B 355 -8.28 15.66 11.35
C ASP B 355 -8.06 15.17 9.93
N GLN B 356 -9.05 14.49 9.34
CA GLN B 356 -8.89 14.01 7.97
C GLN B 356 -9.01 15.11 6.93
N ALA B 357 -9.71 16.21 7.25
CA ALA B 357 -9.72 17.36 6.34
C ALA B 357 -8.42 18.14 6.40
N ASN B 358 -7.71 18.06 7.52
CA ASN B 358 -6.37 18.62 7.61
C ASN B 358 -5.40 17.73 6.83
N THR B 359 -4.10 17.99 6.98
CA THR B 359 -3.00 17.33 6.25
C THR B 359 -3.32 17.16 4.77
N LEU B 360 -4.11 18.10 4.23
CA LEU B 360 -4.42 18.14 2.81
C LEU B 360 -3.96 19.43 2.14
N VAL B 361 -3.43 20.38 2.91
CA VAL B 361 -2.98 21.66 2.35
C VAL B 361 -1.74 21.44 1.50
N ASP B 362 -1.56 22.31 0.50
CA ASP B 362 -0.44 22.19 -0.41
C ASP B 362 0.90 22.35 0.29
N LEU B 363 1.00 23.33 1.20
CA LEU B 363 2.19 23.70 1.95
C LEU B 363 3.28 24.30 1.07
N ALA B 364 3.03 24.53 -0.22
CA ALA B 364 4.02 25.09 -1.13
C ALA B 364 3.73 26.52 -1.51
N LYS B 365 2.46 26.86 -1.79
CA LYS B 365 2.11 28.22 -2.16
C LYS B 365 2.40 29.19 -1.02
N THR B 366 2.00 28.83 0.21
CA THR B 366 2.31 29.66 1.37
C THR B 366 3.81 29.73 1.61
N GLN B 367 4.52 28.63 1.38
CA GLN B 367 5.98 28.65 1.54
C GLN B 367 6.61 29.66 0.58
N ASN B 368 6.20 29.65 -0.68
CA ASN B 368 6.74 30.61 -1.65
C ASN B 368 6.35 32.03 -1.29
N ILE B 369 5.12 32.25 -0.84
CA ILE B 369 4.68 33.59 -0.46
C ILE B 369 5.53 34.11 0.69
N MET B 370 5.73 33.28 1.73
CA MET B 370 6.55 33.70 2.87
C MET B 370 8.00 33.93 2.45
N TYR B 371 8.52 33.09 1.55
CA TYR B 371 9.89 33.29 1.06
C TYR B 371 10.01 34.63 0.35
N ASP B 372 9.04 34.98 -0.48
CA ASP B 372 9.07 36.28 -1.16
C ASP B 372 8.98 37.42 -0.17
N MET B 373 8.12 37.30 0.85
CA MET B 373 8.00 38.36 1.84
C MET B 373 9.30 38.55 2.62
N ILE B 374 9.96 37.45 3.02
CA ILE B 374 11.21 37.57 3.74
C ILE B 374 12.31 38.13 2.84
N SER B 375 12.30 37.75 1.55
CA SER B 375 13.27 38.31 0.62
C SER B 375 13.09 39.81 0.47
N ASP B 376 11.84 40.27 0.41
CA ASP B 376 11.58 41.71 0.35
C ASP B 376 12.02 42.39 1.64
N LEU B 377 11.77 41.77 2.79
CA LEU B 377 12.16 42.35 4.07
C LEU B 377 13.67 42.37 4.26
N ASN B 378 14.41 41.52 3.53
CA ASN B 378 15.86 41.49 3.66
C ASN B 378 16.51 42.83 3.31
N GLU B 379 15.83 43.67 2.53
CA GLU B 379 16.38 44.97 2.18
C GLU B 379 16.46 45.93 3.35
N ARG B 380 15.76 45.63 4.45
CA ARG B 380 15.75 46.48 5.64
C ARG B 380 15.34 47.91 5.33
N LYS C 1 -39.06 28.13 -12.27
CA LYS C 1 -38.87 29.00 -11.11
C LYS C 1 -39.62 28.44 -9.90
N LEU C 2 -39.42 27.15 -9.63
CA LEU C 2 -40.00 26.40 -8.52
C LEU C 2 -41.51 26.19 -8.67
N GLY C 3 -42.14 26.74 -9.71
CA GLY C 3 -43.54 26.48 -9.96
C GLY C 3 -43.73 25.23 -10.80
N HIS C 4 -43.13 25.21 -11.98
CA HIS C 4 -43.13 24.01 -12.80
C HIS C 4 -42.20 22.95 -12.21
N ARG C 5 -41.07 23.38 -11.67
CA ARG C 5 -40.19 22.47 -10.94
C ARG C 5 -40.83 22.09 -9.61
N ARG C 6 -40.29 21.02 -9.02
CA ARG C 6 -40.80 20.42 -7.78
C ARG C 6 -42.16 19.77 -8.00
N ALA C 7 -42.69 19.89 -9.22
CA ALA C 7 -43.88 19.16 -9.64
C ALA C 7 -43.55 18.01 -10.58
N LEU C 8 -42.28 17.87 -10.97
CA LEU C 8 -41.82 16.77 -11.79
C LEU C 8 -40.91 15.79 -11.04
N PHE C 9 -40.15 16.29 -10.05
CA PHE C 9 -39.36 15.40 -9.22
C PHE C 9 -40.24 14.40 -8.49
N GLU C 10 -41.35 14.88 -7.94
CA GLU C 10 -42.29 13.98 -7.26
C GLU C 10 -42.90 12.97 -8.21
N LYS C 11 -43.24 13.40 -9.43
CA LYS C 11 -43.79 12.49 -10.42
C LYS C 11 -42.80 11.39 -10.77
N ARG C 12 -41.52 11.76 -10.98
CA ARG C 12 -40.50 10.76 -11.27
C ARG C 12 -40.30 9.83 -10.08
N LYS C 13 -40.32 10.37 -8.86
CA LYS C 13 -40.15 9.55 -7.67
C LYS C 13 -41.28 8.53 -7.54
N ARG C 14 -42.51 8.93 -7.81
CA ARG C 14 -43.62 7.99 -7.76
C ARG C 14 -43.52 6.95 -8.88
N LEU C 15 -43.15 7.38 -10.09
CA LEU C 15 -43.08 6.46 -11.22
C LEU C 15 -42.01 5.40 -10.98
N SER C 16 -40.88 5.77 -10.37
CA SER C 16 -39.84 4.79 -10.09
C SER C 16 -40.34 3.68 -9.18
N ASP C 17 -41.04 4.05 -8.11
CA ASP C 17 -41.57 3.05 -7.18
C ASP C 17 -42.63 2.18 -7.86
N TYR C 18 -43.53 2.80 -8.63
CA TYR C 18 -44.56 2.01 -9.30
C TYR C 18 -43.97 1.08 -10.35
N ALA C 19 -42.82 1.44 -10.93
CA ALA C 19 -42.14 0.52 -11.84
C ALA C 19 -41.45 -0.61 -11.08
N LEU C 20 -40.86 -0.29 -9.92
CA LEU C 20 -40.17 -1.30 -9.12
C LEU C 20 -41.15 -2.38 -8.64
N ILE C 21 -42.35 -1.97 -8.21
CA ILE C 21 -43.31 -2.94 -7.70
C ILE C 21 -43.64 -3.98 -8.77
N PHE C 22 -44.00 -3.53 -9.97
CA PHE C 22 -44.33 -4.44 -11.05
C PHE C 22 -43.10 -5.20 -11.57
N GLY C 23 -41.91 -4.63 -11.42
CA GLY C 23 -40.72 -5.38 -11.77
C GLY C 23 -40.48 -6.57 -10.86
N MET C 24 -40.65 -6.38 -9.55
CA MET C 24 -40.42 -7.47 -8.62
C MET C 24 -41.56 -8.48 -8.59
N PHE C 25 -42.78 -8.05 -8.93
CA PHE C 25 -43.90 -8.99 -8.98
C PHE C 25 -43.64 -10.11 -9.97
N GLY C 26 -43.14 -9.78 -11.16
CA GLY C 26 -42.87 -10.79 -12.16
C GLY C 26 -41.78 -11.76 -11.74
N ILE C 27 -40.75 -11.26 -11.05
CA ILE C 27 -39.68 -12.13 -10.57
C ILE C 27 -40.23 -13.11 -9.53
N VAL C 28 -41.06 -12.62 -8.60
CA VAL C 28 -41.64 -13.52 -7.61
C VAL C 28 -42.47 -14.59 -8.31
N VAL C 29 -43.30 -14.18 -9.28
CA VAL C 29 -44.17 -15.14 -9.95
C VAL C 29 -43.36 -16.16 -10.75
N MET C 30 -42.29 -15.72 -11.44
CA MET C 30 -41.49 -16.68 -12.19
C MET C 30 -40.80 -17.68 -11.28
N VAL C 31 -40.28 -17.23 -10.13
CA VAL C 31 -39.66 -18.17 -9.20
C VAL C 31 -40.69 -19.19 -8.72
N ILE C 32 -41.87 -18.73 -8.33
CA ILE C 32 -42.90 -19.63 -7.83
C ILE C 32 -43.30 -20.64 -8.90
N GLU C 33 -43.52 -20.16 -10.12
CA GLU C 33 -43.96 -21.05 -11.20
C GLU C 33 -42.89 -22.06 -11.58
N THR C 34 -41.63 -21.62 -11.68
CA THR C 34 -40.56 -22.54 -12.04
C THR C 34 -40.32 -23.59 -10.96
N GLU C 35 -40.52 -23.22 -9.68
CA GLU C 35 -40.38 -24.22 -8.63
C GLU C 35 -41.55 -25.20 -8.63
N LEU C 36 -42.77 -24.70 -8.89
CA LEU C 36 -43.93 -25.58 -8.82
C LEU C 36 -44.08 -26.48 -10.04
N SER C 37 -43.60 -26.05 -11.21
CA SER C 37 -43.83 -26.81 -12.43
C SER C 37 -43.07 -28.12 -12.49
N TRP C 38 -42.11 -28.34 -11.59
CA TRP C 38 -41.28 -29.55 -11.64
C TRP C 38 -41.85 -30.67 -10.78
N GLY C 39 -43.10 -31.05 -11.04
CA GLY C 39 -43.69 -32.17 -10.36
C GLY C 39 -45.11 -31.98 -9.87
N ALA C 40 -45.47 -30.74 -9.50
CA ALA C 40 -46.82 -30.48 -9.00
C ALA C 40 -47.85 -30.56 -10.13
N TYR C 41 -47.55 -29.96 -11.28
CA TYR C 41 -48.43 -30.02 -12.43
C TYR C 41 -47.61 -29.94 -13.71
N ASP C 42 -48.19 -30.44 -14.79
CA ASP C 42 -47.52 -30.47 -16.08
C ASP C 42 -47.64 -29.11 -16.77
N LYS C 43 -46.91 -28.94 -17.87
CA LYS C 43 -46.93 -27.70 -18.62
C LYS C 43 -48.23 -27.47 -19.38
N ALA C 44 -49.07 -28.49 -19.53
CA ALA C 44 -50.32 -28.36 -20.26
C ALA C 44 -51.50 -28.00 -19.37
N SER C 45 -51.30 -27.91 -18.06
CA SER C 45 -52.39 -27.58 -17.15
C SER C 45 -52.73 -26.09 -17.23
N LEU C 46 -53.89 -25.74 -16.69
CA LEU C 46 -54.36 -24.36 -16.72
C LEU C 46 -53.62 -23.46 -15.73
N TYR C 47 -52.94 -24.05 -14.73
CA TYR C 47 -52.23 -23.25 -13.75
C TYR C 47 -51.09 -22.47 -14.40
N SER C 48 -50.38 -23.09 -15.34
CA SER C 48 -49.30 -22.40 -16.03
C SER C 48 -49.83 -21.20 -16.82
N LEU C 49 -50.94 -21.39 -17.53
CA LEU C 49 -51.54 -20.28 -18.27
C LEU C 49 -51.96 -19.16 -17.33
N ALA C 50 -52.59 -19.52 -16.21
CA ALA C 50 -53.04 -18.51 -15.25
C ALA C 50 -51.87 -17.74 -14.65
N LEU C 51 -50.76 -18.44 -14.37
CA LEU C 51 -49.61 -17.79 -13.75
C LEU C 51 -48.69 -17.10 -14.75
N LYS C 52 -48.89 -17.31 -16.06
CA LYS C 52 -48.10 -16.60 -17.06
C LYS C 52 -48.82 -15.40 -17.64
N CYS C 53 -50.16 -15.42 -17.70
CA CYS C 53 -50.89 -14.24 -18.13
C CYS C 53 -50.63 -13.06 -17.19
N LEU C 54 -50.48 -13.35 -15.89
CA LEU C 54 -50.17 -12.30 -14.93
C LEU C 54 -48.82 -11.65 -15.23
N ILE C 55 -47.81 -12.47 -15.57
CA ILE C 55 -46.50 -11.95 -15.91
C ILE C 55 -46.58 -11.07 -17.16
N SER C 56 -47.33 -11.54 -18.16
CA SER C 56 -47.49 -10.73 -19.37
C SER C 56 -48.11 -9.38 -19.06
N LEU C 57 -49.18 -9.37 -18.26
CA LEU C 57 -49.83 -8.12 -17.90
C LEU C 57 -48.88 -7.20 -17.16
N SER C 58 -48.14 -7.75 -16.19
CA SER C 58 -47.21 -6.93 -15.42
C SER C 58 -46.15 -6.32 -16.32
N THR C 59 -45.68 -7.08 -17.32
CA THR C 59 -44.73 -6.52 -18.28
C THR C 59 -45.34 -5.37 -19.07
N ILE C 60 -46.61 -5.51 -19.47
CA ILE C 60 -47.27 -4.45 -20.22
C ILE C 60 -47.31 -3.16 -19.40
N ILE C 61 -47.76 -3.25 -18.15
CA ILE C 61 -47.82 -2.05 -17.30
C ILE C 61 -46.43 -1.50 -17.02
N LEU C 62 -45.43 -2.37 -16.86
CA LEU C 62 -44.07 -1.87 -16.62
C LEU C 62 -43.56 -1.05 -17.80
N LEU C 63 -43.78 -1.54 -19.03
CA LEU C 63 -43.39 -0.77 -20.21
C LEU C 63 -44.14 0.55 -20.28
N GLY C 64 -45.44 0.51 -19.97
CA GLY C 64 -46.23 1.74 -19.98
C GLY C 64 -45.71 2.77 -19.00
N LEU C 65 -45.26 2.33 -17.84
CA LEU C 65 -44.70 3.26 -16.85
C LEU C 65 -43.36 3.82 -17.31
N ILE C 66 -42.52 2.96 -17.92
CA ILE C 66 -41.20 3.42 -18.37
C ILE C 66 -41.33 4.50 -19.44
N ILE C 67 -42.24 4.29 -20.40
CA ILE C 67 -42.34 5.19 -21.54
C ILE C 67 -42.95 6.52 -21.13
N VAL C 68 -43.39 6.64 -19.88
CA VAL C 68 -43.87 7.90 -19.33
C VAL C 68 -42.82 8.55 -18.43
N TYR C 69 -42.07 7.74 -17.69
CA TYR C 69 -40.96 8.28 -16.91
C TYR C 69 -39.95 8.96 -17.83
N HIS C 70 -39.67 8.37 -18.99
CA HIS C 70 -38.75 9.01 -19.92
C HIS C 70 -39.28 10.34 -20.44
N ALA C 71 -40.59 10.42 -20.70
CA ALA C 71 -41.18 11.68 -21.14
C ALA C 71 -41.07 12.75 -20.05
N ARG C 72 -41.28 12.36 -18.79
CA ARG C 72 -41.12 13.31 -17.70
C ARG C 72 -39.68 13.81 -17.59
N GLU C 73 -38.71 12.91 -17.79
CA GLU C 73 -37.31 13.33 -17.81
C GLU C 73 -37.04 14.30 -18.94
N ILE C 74 -37.63 14.06 -20.11
CA ILE C 74 -37.46 14.97 -21.24
C ILE C 74 -38.03 16.34 -20.91
N GLN C 75 -39.20 16.37 -20.26
CA GLN C 75 -39.79 17.65 -19.87
C GLN C 75 -38.90 18.39 -18.88
N LEU C 76 -38.31 17.67 -17.92
CA LEU C 76 -37.39 18.30 -16.99
C LEU C 76 -36.17 18.86 -17.71
N PHE C 77 -35.64 18.13 -18.69
CA PHE C 77 -34.51 18.64 -19.46
C PHE C 77 -34.89 19.93 -20.20
N MET C 78 -36.08 19.95 -20.79
CA MET C 78 -36.54 21.16 -21.49
C MET C 78 -36.69 22.32 -20.51
N VAL C 79 -37.20 22.06 -19.32
CA VAL C 79 -37.36 23.13 -18.32
C VAL C 79 -35.99 23.67 -17.91
N ASP C 80 -35.03 22.79 -17.66
CA ASP C 80 -33.73 23.23 -17.17
C ASP C 80 -32.95 23.94 -18.26
N ASN C 81 -32.64 23.25 -19.36
CA ASN C 81 -31.91 23.85 -20.47
C ASN C 81 -32.89 24.58 -21.37
N GLY C 82 -32.74 25.89 -21.49
CA GLY C 82 -33.65 26.72 -22.26
C GLY C 82 -33.89 26.23 -23.68
N ALA C 83 -35.11 25.78 -23.93
CA ALA C 83 -35.47 25.25 -25.25
C ALA C 83 -36.98 25.38 -25.43
N ASP C 84 -37.41 25.28 -26.68
CA ASP C 84 -38.82 25.34 -27.02
C ASP C 84 -39.33 24.04 -27.62
N ASP C 85 -38.62 23.48 -28.58
CA ASP C 85 -39.02 22.21 -29.20
C ASP C 85 -38.36 21.05 -28.48
N TRP C 86 -39.09 19.93 -28.39
CA TRP C 86 -38.62 18.77 -27.67
C TRP C 86 -37.60 17.94 -28.46
N ARG C 87 -37.47 18.17 -29.76
CA ARG C 87 -36.51 17.42 -30.56
C ARG C 87 -35.07 17.82 -30.29
N ILE C 88 -34.84 18.91 -29.56
CA ILE C 88 -33.49 19.31 -29.20
C ILE C 88 -32.86 18.28 -28.26
N ALA C 89 -33.65 17.68 -27.38
CA ALA C 89 -33.16 16.74 -26.38
C ALA C 89 -33.02 15.32 -26.91
N MET C 90 -33.40 15.06 -28.15
CA MET C 90 -33.39 13.70 -28.71
C MET C 90 -32.10 13.52 -29.51
N THR C 91 -31.15 12.80 -28.94
CA THR C 91 -29.89 12.48 -29.58
C THR C 91 -29.78 10.97 -29.78
N TYR C 92 -28.64 10.53 -30.31
CA TYR C 92 -28.44 9.11 -30.57
C TYR C 92 -28.29 8.31 -29.28
N GLU C 93 -27.55 8.86 -28.32
CA GLU C 93 -27.30 8.15 -27.05
C GLU C 93 -28.60 7.92 -26.29
N ARG C 94 -29.46 8.95 -26.21
CA ARG C 94 -30.72 8.81 -25.49
C ARG C 94 -31.60 7.75 -26.12
N ILE C 95 -31.74 7.78 -27.45
CA ILE C 95 -32.57 6.80 -28.14
C ILE C 95 -32.02 5.40 -27.96
N PHE C 96 -30.69 5.25 -28.06
CA PHE C 96 -30.07 3.94 -27.89
C PHE C 96 -30.32 3.40 -26.48
N PHE C 97 -30.18 4.24 -25.46
CA PHE C 97 -30.39 3.79 -24.10
C PHE C 97 -31.86 3.45 -23.84
N ILE C 98 -32.79 4.24 -24.39
CA ILE C 98 -34.20 3.93 -24.24
C ILE C 98 -34.53 2.59 -24.89
N CYS C 99 -34.01 2.36 -26.09
CA CYS C 99 -34.25 1.09 -26.77
C CYS C 99 -33.67 -0.08 -26.00
N LEU C 100 -32.47 0.11 -25.44
CA LEU C 100 -31.85 -0.95 -24.64
C LEU C 100 -32.69 -1.26 -23.40
N GLU C 101 -33.18 -0.22 -22.72
CA GLU C 101 -34.02 -0.44 -21.55
C GLU C 101 -35.30 -1.17 -21.91
N ILE C 102 -35.93 -0.79 -23.02
CA ILE C 102 -37.17 -1.45 -23.43
C ILE C 102 -36.90 -2.92 -23.75
N LEU C 103 -35.81 -3.19 -24.49
CA LEU C 103 -35.48 -4.56 -24.84
C LEU C 103 -35.19 -5.40 -23.60
N VAL C 104 -34.47 -4.83 -22.63
CA VAL C 104 -34.16 -5.56 -21.41
C VAL C 104 -35.43 -5.84 -20.62
N CYS C 105 -36.33 -4.86 -20.52
CA CYS C 105 -37.53 -5.00 -19.71
C CYS C 105 -38.68 -5.70 -20.44
N ALA C 106 -38.49 -6.10 -21.70
CA ALA C 106 -39.55 -6.71 -22.49
C ALA C 106 -39.27 -8.19 -22.78
N ILE C 107 -38.76 -8.92 -21.79
CA ILE C 107 -38.49 -10.35 -21.92
C ILE C 107 -39.21 -11.09 -20.80
N HIS C 108 -40.00 -12.09 -21.18
CA HIS C 108 -40.73 -12.92 -20.22
C HIS C 108 -41.14 -14.21 -20.93
N PRO C 109 -41.44 -15.27 -20.17
CA PRO C 109 -41.90 -16.51 -20.81
C PRO C 109 -43.29 -16.38 -21.42
N ILE C 110 -43.37 -16.44 -22.74
CA ILE C 110 -44.65 -16.30 -23.44
C ILE C 110 -45.52 -17.51 -23.14
N PRO C 111 -46.81 -17.34 -22.89
CA PRO C 111 -47.69 -18.50 -22.68
C PRO C 111 -47.71 -19.42 -23.89
N GLY C 112 -47.77 -20.72 -23.63
CA GLY C 112 -47.76 -21.73 -24.67
C GLY C 112 -47.05 -22.96 -24.17
N ASN C 113 -46.71 -23.85 -25.11
CA ASN C 113 -46.02 -25.09 -24.78
C ASN C 113 -45.10 -25.43 -25.95
N TYR C 114 -43.81 -25.21 -25.76
CA TYR C 114 -42.80 -25.50 -26.77
C TYR C 114 -41.62 -26.22 -26.14
N THR C 115 -40.98 -27.08 -26.92
CA THR C 115 -39.86 -27.89 -26.43
C THR C 115 -38.77 -27.94 -27.49
N PHE C 116 -37.57 -28.29 -27.05
CA PHE C 116 -36.42 -28.44 -27.94
C PHE C 116 -35.56 -29.60 -27.43
N THR C 117 -34.46 -29.86 -28.13
CA THR C 117 -33.58 -30.99 -27.83
C THR C 117 -32.30 -30.48 -27.19
N TRP C 118 -31.90 -31.09 -26.08
CA TRP C 118 -30.73 -30.69 -25.32
C TRP C 118 -29.82 -31.89 -25.11
N THR C 119 -28.54 -31.73 -25.44
CA THR C 119 -27.53 -32.77 -25.25
C THR C 119 -26.33 -32.19 -24.53
N ALA C 120 -25.72 -33.02 -23.68
CA ALA C 120 -24.56 -32.60 -22.92
C ALA C 120 -23.71 -33.82 -22.57
N ARG C 121 -22.45 -33.57 -22.23
CA ARG C 121 -21.52 -34.61 -21.85
C ARG C 121 -21.31 -34.57 -20.34
N LEU C 122 -21.53 -35.70 -19.67
CA LEU C 122 -21.37 -35.77 -18.23
C LEU C 122 -19.91 -35.59 -17.84
N ALA C 123 -19.69 -34.88 -16.74
CA ALA C 123 -18.34 -34.61 -16.25
C ALA C 123 -17.85 -35.76 -15.38
N PHE C 124 -16.54 -35.98 -15.41
CA PHE C 124 -15.82 -37.03 -14.68
C PHE C 124 -16.12 -38.42 -15.21
N SER C 125 -17.01 -38.56 -16.19
CA SER C 125 -17.31 -39.86 -16.78
C SER C 125 -17.35 -39.85 -18.30
N TYR C 126 -17.56 -38.69 -18.94
CA TYR C 126 -17.56 -38.56 -20.40
C TYR C 126 -18.62 -39.46 -21.04
N ALA C 127 -19.85 -39.32 -20.58
CA ALA C 127 -20.98 -40.07 -21.09
C ALA C 127 -22.03 -39.12 -21.62
N PRO C 128 -22.47 -39.27 -22.87
CA PRO C 128 -23.47 -38.35 -23.42
C PRO C 128 -24.85 -38.57 -22.78
N SER C 129 -25.64 -37.50 -22.80
CA SER C 129 -27.01 -37.53 -22.31
C SER C 129 -27.88 -36.70 -23.25
N THR C 130 -29.16 -37.06 -23.32
CA THR C 130 -30.10 -36.37 -24.21
C THR C 130 -31.48 -36.37 -23.58
N THR C 131 -32.01 -35.17 -23.33
CA THR C 131 -33.37 -35.01 -22.82
C THR C 131 -34.06 -33.88 -23.59
N THR C 132 -35.39 -33.92 -23.60
CA THR C 132 -36.18 -32.89 -24.24
C THR C 132 -36.49 -31.80 -23.20
N ALA C 133 -35.93 -30.62 -23.40
CA ALA C 133 -36.06 -29.53 -22.45
C ALA C 133 -37.22 -28.62 -22.86
N ASP C 134 -37.36 -27.48 -22.18
CA ASP C 134 -38.41 -26.52 -22.44
C ASP C 134 -37.80 -25.21 -22.92
N VAL C 135 -38.55 -24.49 -23.76
CA VAL C 135 -38.08 -23.20 -24.26
C VAL C 135 -38.18 -22.11 -23.21
N ASP C 136 -39.10 -22.26 -22.24
CA ASP C 136 -39.30 -21.20 -21.24
C ASP C 136 -38.09 -20.99 -20.35
N ILE C 137 -37.21 -21.99 -20.21
CA ILE C 137 -36.04 -21.81 -19.36
C ILE C 137 -35.06 -20.83 -19.99
N ILE C 138 -35.04 -20.74 -21.32
CA ILE C 138 -34.16 -19.79 -22.00
C ILE C 138 -34.59 -18.36 -21.73
N LEU C 139 -35.90 -18.10 -21.69
CA LEU C 139 -36.41 -16.75 -21.49
C LEU C 139 -36.62 -16.39 -20.03
N SER C 140 -36.68 -17.38 -19.14
CA SER C 140 -36.93 -17.07 -17.74
C SER C 140 -35.72 -16.47 -17.05
N ILE C 141 -34.52 -16.99 -17.35
CA ILE C 141 -33.31 -16.51 -16.67
C ILE C 141 -33.04 -15.03 -16.89
N PRO C 142 -33.11 -14.48 -18.13
CA PRO C 142 -32.74 -13.07 -18.33
C PRO C 142 -33.61 -12.07 -17.60
N MET C 143 -34.64 -12.52 -16.90
CA MET C 143 -35.50 -11.60 -16.16
C MET C 143 -34.81 -10.98 -14.95
N PHE C 144 -33.66 -11.51 -14.54
CA PHE C 144 -32.93 -10.95 -13.41
C PHE C 144 -32.27 -9.61 -13.73
N LEU C 145 -32.28 -9.20 -15.00
CA LEU C 145 -31.68 -7.93 -15.40
C LEU C 145 -32.48 -6.72 -14.94
N ARG C 146 -33.68 -6.93 -14.39
CA ARG C 146 -34.54 -5.85 -13.93
C ARG C 146 -34.12 -5.28 -12.57
N LEU C 147 -32.91 -5.58 -12.11
CA LEU C 147 -32.47 -5.18 -10.77
C LEU C 147 -31.85 -3.79 -10.73
N TYR C 148 -31.71 -3.12 -11.88
CA TYR C 148 -31.20 -1.75 -11.87
C TYR C 148 -32.24 -0.75 -11.38
N LEU C 149 -33.51 -1.13 -11.37
CA LEU C 149 -34.55 -0.25 -10.83
C LEU C 149 -34.36 -0.01 -9.34
N ILE C 150 -33.84 -1.00 -8.61
CA ILE C 150 -33.55 -0.79 -7.20
C ILE C 150 -32.50 0.29 -7.03
N ALA C 151 -31.43 0.25 -7.84
CA ALA C 151 -30.41 1.28 -7.78
C ALA C 151 -30.97 2.65 -8.15
N ARG C 152 -31.84 2.68 -9.17
CA ARG C 152 -32.45 3.95 -9.58
C ARG C 152 -33.29 4.54 -8.45
N VAL C 153 -34.10 3.71 -7.79
CA VAL C 153 -34.93 4.18 -6.70
C VAL C 153 -34.07 4.65 -5.53
N MET C 154 -33.02 3.90 -5.21
CA MET C 154 -32.14 4.30 -4.12
C MET C 154 -31.46 5.63 -4.42
N LEU C 155 -31.02 5.82 -5.66
CA LEU C 155 -30.40 7.09 -6.04
C LEU C 155 -31.39 8.24 -5.95
N LEU C 156 -32.63 8.03 -6.41
CA LEU C 156 -33.62 9.11 -6.40
C LEU C 156 -34.15 9.40 -5.00
N HIS C 157 -34.05 8.45 -4.07
CA HIS C 157 -34.54 8.63 -2.72
C HIS C 157 -33.45 9.04 -1.73
N SER C 158 -32.23 9.27 -2.21
CA SER C 158 -31.14 9.64 -1.31
C SER C 158 -31.38 11.02 -0.71
N LYS C 159 -31.09 11.14 0.59
CA LYS C 159 -31.26 12.41 1.30
C LYS C 159 -30.02 13.29 1.25
N LEU C 160 -28.92 12.81 0.68
CA LEU C 160 -27.69 13.58 0.60
C LEU C 160 -27.63 14.41 -0.69
N PHE C 161 -27.77 13.76 -1.84
CA PHE C 161 -27.66 14.44 -3.11
C PHE C 161 -28.85 15.34 -3.40
N THR C 162 -29.98 15.14 -2.71
CA THR C 162 -31.18 15.92 -2.98
C THR C 162 -31.18 17.28 -2.29
N ASP C 163 -30.21 17.55 -1.42
CA ASP C 163 -30.16 18.85 -0.75
C ASP C 163 -29.82 19.95 -1.75
N ALA C 164 -30.53 21.08 -1.63
CA ALA C 164 -30.35 22.17 -2.58
C ALA C 164 -29.04 22.92 -2.36
N SER C 165 -28.69 23.16 -1.09
CA SER C 165 -27.45 23.88 -0.79
C SER C 165 -26.23 23.10 -1.27
N SER C 166 -26.24 21.78 -1.07
CA SER C 166 -25.13 20.95 -1.56
C SER C 166 -25.03 21.01 -3.07
N ARG C 167 -26.17 21.00 -3.77
CA ARG C 167 -26.15 21.10 -5.22
C ARG C 167 -25.58 22.44 -5.68
N SER C 168 -25.97 23.52 -5.02
CA SER C 168 -25.45 24.85 -5.39
C SER C 168 -23.95 24.92 -5.13
N ILE C 169 -23.49 24.40 -4.00
CA ILE C 169 -22.07 24.42 -3.68
C ILE C 169 -21.28 23.58 -4.67
N GLY C 170 -21.78 22.41 -5.04
CA GLY C 170 -21.14 21.59 -6.04
C GLY C 170 -21.13 22.17 -7.43
N ALA C 171 -22.17 22.91 -7.81
CA ALA C 171 -22.18 23.64 -9.07
C ALA C 171 -21.23 24.82 -9.07
N LEU C 172 -21.01 25.46 -7.92
CA LEU C 172 -19.96 26.47 -7.84
C LEU C 172 -18.58 25.88 -8.10
N ASN C 173 -18.32 24.66 -7.63
CA ASN C 173 -17.05 23.99 -7.82
C ASN C 173 -16.98 23.21 -9.13
N LYS C 174 -18.05 23.23 -9.93
CA LYS C 174 -18.08 22.62 -11.26
C LYS C 174 -17.81 21.12 -11.19
N ILE C 175 -18.72 20.40 -10.51
CA ILE C 175 -18.68 18.95 -10.45
C ILE C 175 -20.06 18.41 -10.84
N ASN C 176 -20.09 17.14 -11.21
CA ASN C 176 -21.30 16.47 -11.67
C ASN C 176 -21.79 15.50 -10.62
N PHE C 177 -23.10 15.53 -10.35
CA PHE C 177 -23.73 14.64 -9.39
C PHE C 177 -24.31 13.41 -10.10
N ASN C 178 -23.43 12.68 -10.77
CA ASN C 178 -23.83 11.48 -11.50
C ASN C 178 -23.79 10.26 -10.58
N THR C 179 -23.94 9.07 -11.16
CA THR C 179 -23.96 7.86 -10.36
C THR C 179 -22.59 7.51 -9.81
N ARG C 180 -21.52 7.83 -10.55
CA ARG C 180 -20.17 7.53 -10.07
C ARG C 180 -19.85 8.28 -8.78
N PHE C 181 -20.27 9.54 -8.69
CA PHE C 181 -20.05 10.32 -7.47
C PHE C 181 -20.75 9.68 -6.28
N VAL C 182 -22.00 9.23 -6.47
CA VAL C 182 -22.73 8.60 -5.40
C VAL C 182 -22.08 7.29 -4.98
N MET C 183 -21.64 6.49 -5.96
CA MET C 183 -20.97 5.24 -5.64
C MET C 183 -19.68 5.48 -4.85
N LYS C 184 -18.90 6.47 -5.27
CA LYS C 184 -17.66 6.78 -4.56
C LYS C 184 -17.93 7.27 -3.15
N THR C 185 -18.95 8.11 -2.96
CA THR C 185 -19.29 8.57 -1.62
C THR C 185 -19.74 7.41 -0.73
N LEU C 186 -20.57 6.51 -1.26
CA LEU C 186 -21.01 5.36 -0.49
C LEU C 186 -19.84 4.47 -0.11
N MET C 187 -18.92 4.23 -1.04
CA MET C 187 -17.72 3.46 -0.72
C MET C 187 -16.84 4.18 0.29
N THR C 188 -16.88 5.52 0.31
CA THR C 188 -16.07 6.26 1.27
C THR C 188 -16.65 6.18 2.68
N ILE C 189 -17.96 6.26 2.81
CA ILE C 189 -18.61 6.33 4.13
C ILE C 189 -18.89 4.95 4.70
N CYS C 190 -19.42 4.03 3.88
CA CYS C 190 -19.81 2.69 4.33
C CYS C 190 -19.28 1.66 3.35
N PRO C 191 -17.98 1.31 3.43
CA PRO C 191 -17.42 0.37 2.45
C PRO C 191 -17.71 -1.09 2.74
N GLY C 192 -17.99 -1.46 3.98
CA GLY C 192 -18.19 -2.86 4.32
C GLY C 192 -19.61 -3.35 4.10
N THR C 193 -20.59 -2.50 4.41
CA THR C 193 -21.99 -2.89 4.24
C THR C 193 -22.32 -3.15 2.78
N VAL C 194 -21.80 -2.33 1.87
CA VAL C 194 -22.05 -2.52 0.45
C VAL C 194 -21.51 -3.87 -0.01
N LEU C 195 -20.27 -4.18 0.38
CA LEU C 195 -19.67 -5.45 -0.03
C LEU C 195 -20.43 -6.64 0.55
N LEU C 196 -20.82 -6.56 1.83
CA LEU C 196 -21.57 -7.65 2.44
C LEU C 196 -22.91 -7.86 1.74
N VAL C 197 -23.63 -6.77 1.49
CA VAL C 197 -24.93 -6.88 0.83
C VAL C 197 -24.78 -7.47 -0.57
N PHE C 198 -23.78 -6.98 -1.32
CA PHE C 198 -23.57 -7.47 -2.68
C PHE C 198 -23.25 -8.96 -2.68
N SER C 199 -22.36 -9.40 -1.79
CA SER C 199 -22.00 -10.81 -1.74
C SER C 199 -23.18 -11.69 -1.36
N ILE C 200 -23.93 -11.29 -0.32
CA ILE C 200 -25.05 -12.10 0.12
C ILE C 200 -26.13 -12.16 -0.96
N SER C 201 -26.41 -11.03 -1.62
CA SER C 201 -27.40 -11.03 -2.68
C SER C 201 -26.97 -11.90 -3.86
N LEU C 202 -25.69 -11.86 -4.22
CA LEU C 202 -25.20 -12.66 -5.35
C LEU C 202 -25.23 -14.15 -5.03
N TRP C 203 -24.98 -14.52 -3.77
CA TRP C 203 -24.85 -15.93 -3.42
C TRP C 203 -26.11 -16.72 -3.77
N ILE C 204 -27.26 -16.27 -3.27
CA ILE C 204 -28.50 -17.03 -3.46
C ILE C 204 -28.93 -17.02 -4.92
N ILE C 205 -28.77 -15.89 -5.60
CA ILE C 205 -29.16 -15.80 -7.00
C ILE C 205 -28.34 -16.77 -7.85
N ALA C 206 -27.02 -16.79 -7.63
CA ALA C 206 -26.16 -17.69 -8.39
C ALA C 206 -26.48 -19.15 -8.07
N ALA C 207 -26.71 -19.46 -6.79
CA ALA C 207 -27.04 -20.84 -6.42
C ALA C 207 -28.34 -21.30 -7.08
N TRP C 208 -29.36 -20.45 -7.05
CA TRP C 208 -30.64 -20.81 -7.66
C TRP C 208 -30.50 -20.94 -9.17
N THR C 209 -29.72 -20.07 -9.80
CA THR C 209 -29.52 -20.17 -11.25
C THR C 209 -28.83 -21.49 -11.61
N VAL C 210 -27.80 -21.87 -10.85
CA VAL C 210 -27.11 -23.14 -11.12
C VAL C 210 -28.06 -24.31 -10.92
N ARG C 211 -28.84 -24.27 -9.83
CA ARG C 211 -29.78 -25.35 -9.56
C ARG C 211 -30.82 -25.49 -10.66
N ALA C 212 -31.35 -24.36 -11.14
CA ALA C 212 -32.35 -24.40 -12.20
C ALA C 212 -31.76 -24.89 -13.51
N CYS C 213 -30.52 -24.47 -13.82
CA CYS C 213 -29.90 -24.91 -15.07
C CYS C 213 -29.60 -26.41 -15.05
N GLU C 214 -29.00 -26.89 -13.96
CA GLU C 214 -28.54 -28.29 -13.89
C GLU C 214 -29.54 -29.17 -13.14
N ARG C 215 -30.72 -29.32 -13.74
CA ARG C 215 -31.72 -30.26 -13.23
C ARG C 215 -32.25 -31.19 -14.31
N TYR C 216 -31.89 -30.99 -15.57
CA TYR C 216 -32.31 -31.87 -16.65
C TYR C 216 -31.34 -33.01 -16.89
N HIS C 217 -30.05 -32.81 -16.62
CA HIS C 217 -29.01 -33.81 -16.82
C HIS C 217 -28.41 -34.26 -15.50
N ASP C 218 -29.24 -34.42 -14.48
CA ASP C 218 -28.79 -34.81 -13.15
C ASP C 218 -29.81 -35.75 -12.54
N GLN C 219 -29.46 -37.04 -12.47
CA GLN C 219 -30.30 -38.05 -11.85
C GLN C 219 -29.59 -38.68 -10.66
N GLN C 220 -28.80 -37.88 -9.95
CA GLN C 220 -28.10 -38.34 -8.76
C GLN C 220 -28.17 -37.36 -7.60
N ASP C 221 -28.82 -36.21 -7.76
CA ASP C 221 -28.99 -35.22 -6.70
C ASP C 221 -27.64 -34.78 -6.13
N VAL C 222 -26.82 -34.21 -7.01
CA VAL C 222 -25.50 -33.73 -6.62
C VAL C 222 -25.44 -32.22 -6.82
N THR C 223 -25.60 -31.77 -8.07
CA THR C 223 -25.59 -30.35 -8.39
C THR C 223 -26.99 -29.75 -8.51
N SER C 224 -28.03 -30.58 -8.42
CA SER C 224 -29.42 -30.10 -8.44
C SER C 224 -29.97 -29.92 -7.03
N ASN C 225 -29.09 -29.75 -6.05
CA ASN C 225 -29.48 -29.54 -4.66
C ASN C 225 -29.10 -28.13 -4.25
N PHE C 226 -30.00 -27.44 -3.56
CA PHE C 226 -29.74 -26.05 -3.17
C PHE C 226 -28.53 -25.96 -2.26
N LEU C 227 -28.43 -26.87 -1.29
CA LEU C 227 -27.24 -26.93 -0.43
C LEU C 227 -26.04 -27.52 -1.14
N GLY C 228 -26.24 -28.20 -2.27
CA GLY C 228 -25.14 -28.72 -3.04
C GLY C 228 -24.61 -27.72 -4.05
N ALA C 229 -25.41 -26.70 -4.34
CA ALA C 229 -25.00 -25.62 -5.23
C ALA C 229 -24.48 -24.41 -4.46
N MET C 230 -25.05 -24.12 -3.30
CA MET C 230 -24.53 -23.03 -2.47
C MET C 230 -23.10 -23.33 -2.02
N TRP C 231 -22.82 -24.59 -1.67
CA TRP C 231 -21.47 -24.99 -1.29
C TRP C 231 -20.50 -24.81 -2.46
N LEU C 232 -20.93 -25.21 -3.66
CA LEU C 232 -20.08 -25.05 -4.85
C LEU C 232 -19.78 -23.58 -5.12
N ILE C 233 -20.82 -22.74 -5.03
CA ILE C 233 -20.61 -21.31 -5.26
C ILE C 233 -19.68 -20.71 -4.21
N SER C 234 -19.83 -21.14 -2.96
CA SER C 234 -18.97 -20.63 -1.90
C SER C 234 -17.51 -21.03 -2.12
N ILE C 235 -17.27 -22.28 -2.52
CA ILE C 235 -15.89 -22.71 -2.71
C ILE C 235 -15.30 -22.13 -3.98
N THR C 236 -16.12 -21.83 -4.99
CA THR C 236 -15.60 -21.17 -6.19
C THR C 236 -15.32 -19.69 -5.97
N PHE C 237 -16.09 -19.06 -5.09
CA PHE C 237 -15.89 -17.64 -4.79
C PHE C 237 -14.52 -17.41 -4.15
N LEU C 238 -14.09 -18.32 -3.28
CA LEU C 238 -12.87 -18.17 -2.51
C LEU C 238 -11.65 -18.72 -3.23
N SER C 239 -11.80 -19.18 -4.47
CA SER C 239 -10.70 -19.69 -5.30
C SER C 239 -10.07 -20.95 -4.75
N ILE C 240 -10.75 -21.65 -3.84
CA ILE C 240 -10.23 -22.93 -3.36
C ILE C 240 -10.22 -23.95 -4.49
N GLY C 241 -11.32 -24.05 -5.22
CA GLY C 241 -11.45 -24.97 -6.33
C GLY C 241 -12.56 -25.99 -6.11
N TYR C 242 -12.94 -26.63 -7.21
CA TYR C 242 -13.98 -27.63 -7.15
C TYR C 242 -13.49 -28.90 -6.46
N GLY C 243 -14.43 -29.67 -5.93
CA GLY C 243 -14.13 -30.96 -5.35
C GLY C 243 -14.63 -32.09 -6.22
N ASP C 244 -15.74 -32.71 -5.83
CA ASP C 244 -16.40 -33.71 -6.65
C ASP C 244 -17.58 -33.15 -7.42
N MET C 245 -17.84 -31.84 -7.31
CA MET C 245 -18.97 -31.19 -7.97
C MET C 245 -18.44 -30.23 -9.02
N VAL C 246 -18.68 -30.56 -10.29
CA VAL C 246 -18.35 -29.67 -11.39
C VAL C 246 -19.57 -29.56 -12.30
N PRO C 247 -19.79 -28.42 -12.94
CA PRO C 247 -20.98 -28.26 -13.79
C PRO C 247 -21.00 -29.26 -14.94
N ASN C 248 -22.21 -29.75 -15.25
CA ASN C 248 -22.41 -30.64 -16.38
C ASN C 248 -22.81 -29.90 -17.65
N THR C 249 -23.21 -28.63 -17.54
CA THR C 249 -23.66 -27.84 -18.68
C THR C 249 -22.85 -26.56 -18.75
N TYR C 250 -23.06 -25.80 -19.82
CA TYR C 250 -22.35 -24.54 -20.01
C TYR C 250 -22.88 -23.43 -19.12
N CYS C 251 -24.16 -23.50 -18.73
CA CYS C 251 -24.74 -22.49 -17.84
C CYS C 251 -24.02 -22.46 -16.50
N GLY C 252 -23.83 -23.64 -15.90
CA GLY C 252 -23.13 -23.69 -14.63
C GLY C 252 -21.69 -23.21 -14.73
N LYS C 253 -21.00 -23.56 -15.82
CA LYS C 253 -19.63 -23.11 -16.02
C LYS C 253 -19.56 -21.60 -16.16
N GLY C 254 -20.49 -21.01 -16.90
CA GLY C 254 -20.51 -19.56 -17.02
C GLY C 254 -20.79 -18.88 -15.70
N VAL C 255 -21.75 -19.40 -14.93
CA VAL C 255 -22.06 -18.83 -13.62
C VAL C 255 -20.84 -18.92 -12.71
N CYS C 256 -20.15 -20.06 -12.72
CA CYS C 256 -18.95 -20.21 -11.91
C CYS C 256 -17.87 -19.22 -12.33
N LEU C 257 -17.71 -19.01 -13.63
CA LEU C 257 -16.72 -18.04 -14.11
C LEU C 257 -17.04 -16.64 -13.61
N LEU C 258 -18.30 -16.23 -13.71
CA LEU C 258 -18.68 -14.90 -13.21
C LEU C 258 -18.46 -14.79 -11.70
N THR C 259 -18.82 -15.83 -10.94
CA THR C 259 -18.63 -15.77 -9.49
C THR C 259 -17.15 -15.67 -9.14
N GLY C 260 -16.30 -16.43 -9.83
CA GLY C 260 -14.88 -16.36 -9.57
C GLY C 260 -14.30 -14.99 -9.92
N ILE C 261 -14.72 -14.42 -11.04
CA ILE C 261 -14.24 -13.10 -11.43
C ILE C 261 -14.65 -12.06 -10.40
N MET C 262 -15.89 -12.11 -9.93
CA MET C 262 -16.34 -11.17 -8.91
C MET C 262 -15.57 -11.36 -7.60
N GLY C 263 -15.38 -12.60 -7.17
CA GLY C 263 -14.67 -12.87 -5.93
C GLY C 263 -13.23 -12.45 -5.93
N ALA C 264 -12.55 -12.57 -7.08
CA ALA C 264 -11.14 -12.21 -7.16
C ALA C 264 -10.89 -10.75 -6.79
N GLY C 265 -11.91 -9.89 -6.90
CA GLY C 265 -11.78 -8.52 -6.46
C GLY C 265 -12.47 -8.25 -5.15
N CYS C 266 -13.59 -8.94 -4.91
CA CYS C 266 -14.32 -8.74 -3.65
C CYS C 266 -13.46 -9.14 -2.45
N THR C 267 -12.75 -10.25 -2.55
CA THR C 267 -11.92 -10.69 -1.43
C THR C 267 -10.82 -9.68 -1.14
N ALA C 268 -10.16 -9.17 -2.17
CA ALA C 268 -9.11 -8.17 -1.97
C ALA C 268 -9.65 -6.90 -1.34
N LEU C 269 -10.81 -6.43 -1.81
CA LEU C 269 -11.40 -5.22 -1.23
C LEU C 269 -11.76 -5.43 0.23
N VAL C 270 -12.34 -6.60 0.56
CA VAL C 270 -12.70 -6.88 1.95
C VAL C 270 -11.45 -6.95 2.83
N VAL C 271 -10.39 -7.58 2.31
CA VAL C 271 -9.14 -7.66 3.07
C VAL C 271 -8.58 -6.27 3.32
N ALA C 272 -8.61 -5.40 2.32
CA ALA C 272 -8.11 -4.04 2.51
C ALA C 272 -8.94 -3.30 3.56
N VAL C 273 -10.27 -3.45 3.50
CA VAL C 273 -11.14 -2.76 4.47
C VAL C 273 -10.86 -3.24 5.88
N VAL C 274 -10.76 -4.56 6.08
CA VAL C 274 -10.54 -5.08 7.42
C VAL C 274 -9.12 -4.79 7.91
N ALA C 275 -8.16 -4.62 7.00
CA ALA C 275 -6.82 -4.21 7.42
C ALA C 275 -6.79 -2.75 7.82
N ARG C 276 -7.57 -1.90 7.14
CA ARG C 276 -7.62 -0.49 7.52
C ARG C 276 -8.43 -0.27 8.80
N LYS C 277 -9.40 -1.13 9.10
CA LYS C 277 -10.22 -0.94 10.28
C LYS C 277 -9.49 -1.24 11.58
N LEU C 278 -8.28 -1.80 11.54
CA LEU C 278 -7.53 -2.16 12.73
C LEU C 278 -6.45 -1.14 13.08
N GLU C 279 -6.66 0.12 12.73
CA GLU C 279 -5.66 1.17 12.97
C GLU C 279 -6.11 2.08 14.10
N LEU C 280 -5.11 2.65 14.79
CA LEU C 280 -5.37 3.59 15.87
C LEU C 280 -5.57 5.00 15.31
N THR C 281 -6.39 5.77 16.01
CA THR C 281 -6.63 7.16 15.63
C THR C 281 -5.54 8.05 16.23
N LYS C 282 -5.67 9.36 16.01
CA LYS C 282 -4.67 10.30 16.51
C LYS C 282 -4.75 10.44 18.02
N ALA C 283 -5.97 10.58 18.56
CA ALA C 283 -6.13 10.73 20.00
C ALA C 283 -5.67 9.49 20.75
N GLU C 284 -5.94 8.30 20.20
CA GLU C 284 -5.48 7.07 20.83
C GLU C 284 -3.96 6.94 20.76
N LYS C 285 -3.36 7.39 19.66
CA LYS C 285 -1.90 7.39 19.55
C LYS C 285 -1.28 8.30 20.59
N HIS C 286 -1.89 9.48 20.81
CA HIS C 286 -1.37 10.42 21.79
C HIS C 286 -1.35 9.84 23.20
N VAL C 287 -2.19 8.87 23.50
CA VAL C 287 -2.19 8.22 24.80
C VAL C 287 -1.27 7.00 24.81
N HIS C 288 -1.23 6.27 23.69
CA HIS C 288 -0.36 5.09 23.61
C HIS C 288 1.11 5.48 23.72
N ASN C 289 1.49 6.63 23.15
CA ASN C 289 2.88 7.08 23.27
C ASN C 289 3.26 7.32 24.73
N PHE C 290 2.38 7.99 25.48
CA PHE C 290 2.61 8.22 26.90
C PHE C 290 2.68 6.90 27.66
N MET C 291 1.78 5.96 27.34
CA MET C 291 1.78 4.67 28.02
C MET C 291 3.08 3.92 27.79
N MET C 292 3.62 3.98 26.56
CA MET C 292 4.87 3.29 26.29
C MET C 292 6.05 3.98 26.98
N ASP C 293 6.09 5.31 26.96
CA ASP C 293 7.21 6.04 27.55
C ASP C 293 7.28 5.83 29.05
N THR C 294 6.12 5.84 29.73
CA THR C 294 6.11 5.77 31.18
C THR C 294 6.66 4.44 31.71
N GLN C 295 6.72 3.40 30.86
CA GLN C 295 7.34 2.13 31.25
C GLN C 295 8.73 1.95 30.65
N LEU C 296 9.00 2.56 29.49
CA LEU C 296 10.36 2.54 28.97
C LEU C 296 11.33 3.24 29.91
N THR C 297 10.88 4.30 30.58
CA THR C 297 11.74 4.97 31.55
C THR C 297 12.13 4.04 32.69
N LYS C 298 11.16 3.30 33.23
CA LYS C 298 11.44 2.36 34.31
C LYS C 298 12.37 1.25 33.84
N ARG C 299 12.15 0.74 32.63
CA ARG C 299 13.03 -0.30 32.10
C ARG C 299 14.46 0.22 31.96
N VAL C 300 14.62 1.46 31.48
CA VAL C 300 15.96 2.02 31.34
C VAL C 300 16.63 2.15 32.69
N LYS C 301 15.90 2.63 33.71
CA LYS C 301 16.50 2.77 35.03
C LYS C 301 16.92 1.41 35.61
N ASN C 302 16.05 0.41 35.47
CA ASN C 302 16.37 -0.91 35.98
C ASN C 302 17.58 -1.51 35.28
N ALA C 303 17.68 -1.31 33.96
CA ALA C 303 18.84 -1.79 33.23
C ALA C 303 20.11 -1.04 33.64
N ALA C 304 20.00 0.25 33.93
CA ALA C 304 21.18 1.03 34.27
C ALA C 304 21.71 0.75 35.66
N ALA C 305 20.85 0.32 36.59
CA ALA C 305 21.33 0.06 37.95
C ALA C 305 22.34 -1.09 37.99
N ASN C 306 22.11 -2.13 37.18
CA ASN C 306 22.94 -3.34 37.27
C ASN C 306 24.39 -3.08 36.85
N VAL C 307 24.61 -2.19 35.89
CA VAL C 307 25.98 -1.87 35.48
C VAL C 307 26.76 -1.29 36.65
N LEU C 308 26.16 -0.34 37.36
CA LEU C 308 26.81 0.25 38.51
C LEU C 308 26.99 -0.76 39.64
N ARG C 309 26.07 -1.71 39.77
CA ARG C 309 26.26 -2.76 40.78
C ARG C 309 27.46 -3.63 40.45
N GLU C 310 27.55 -4.10 39.20
CA GLU C 310 28.61 -5.04 38.85
C GLU C 310 29.99 -4.37 38.77
N THR C 311 30.05 -3.10 38.36
CA THR C 311 31.34 -2.43 38.30
C THR C 311 31.95 -2.24 39.68
N TRP C 312 31.15 -2.34 40.74
CA TRP C 312 31.67 -2.34 42.11
C TRP C 312 31.89 -3.74 42.63
N LEU C 313 31.03 -4.69 42.23
CA LEU C 313 31.20 -6.07 42.66
C LEU C 313 32.50 -6.66 42.13
N ILE C 314 32.90 -6.30 40.90
CA ILE C 314 34.18 -6.79 40.39
C ILE C 314 35.35 -6.18 41.16
N TYR C 315 35.28 -4.88 41.44
CA TYR C 315 36.38 -4.19 42.10
C TYR C 315 36.58 -4.71 43.51
N LYS C 316 35.49 -4.96 44.24
CA LYS C 316 35.61 -5.46 45.60
C LYS C 316 36.40 -6.76 45.64
N ASN C 317 36.00 -7.73 44.81
CA ASN C 317 36.65 -9.04 44.81
C ASN C 317 38.02 -9.02 44.16
N THR C 318 38.33 -8.02 43.33
CA THR C 318 39.64 -8.01 42.69
C THR C 318 40.67 -7.19 43.45
N LYS C 319 40.26 -6.30 44.36
CA LYS C 319 41.25 -5.47 45.05
C LYS C 319 40.97 -5.27 46.54
N LEU C 320 40.05 -6.02 47.15
CA LEU C 320 39.81 -5.88 48.58
C LEU C 320 40.09 -7.15 49.36
N VAL C 321 39.55 -8.29 48.93
CA VAL C 321 39.69 -9.52 49.70
C VAL C 321 41.15 -9.98 49.71
N LYS C 322 41.55 -10.58 50.84
CA LYS C 322 42.93 -11.08 50.96
C LYS C 322 43.19 -12.23 49.98
N LYS C 323 42.23 -13.15 49.85
CA LYS C 323 42.36 -14.27 48.93
C LYS C 323 41.45 -14.04 47.73
N ILE C 324 42.01 -14.16 46.54
CA ILE C 324 41.30 -13.86 45.31
C ILE C 324 40.60 -15.13 44.83
N ASP C 325 39.27 -15.13 44.91
CA ASP C 325 38.47 -16.23 44.37
C ASP C 325 38.25 -15.99 42.88
N HIS C 326 38.80 -16.87 42.06
CA HIS C 326 38.84 -16.64 40.61
C HIS C 326 37.50 -16.86 39.92
N ALA C 327 36.60 -17.65 40.52
CA ALA C 327 35.31 -17.90 39.88
C ALA C 327 34.39 -16.68 39.99
N LYS C 328 34.39 -16.02 41.15
CA LYS C 328 33.53 -14.87 41.35
C LYS C 328 33.87 -13.74 40.39
N VAL C 329 35.17 -13.51 40.15
CA VAL C 329 35.59 -12.44 39.26
C VAL C 329 35.08 -12.67 37.84
N ARG C 330 35.23 -13.90 37.33
CA ARG C 330 34.77 -14.17 35.97
C ARG C 330 33.26 -14.17 35.87
N LYS C 331 32.55 -14.67 36.90
CA LYS C 331 31.09 -14.60 36.88
C LYS C 331 30.61 -13.15 36.83
N HIS C 332 31.21 -12.29 37.65
CA HIS C 332 30.81 -10.89 37.66
C HIS C 332 31.22 -10.18 36.37
N GLN C 333 32.33 -10.60 35.76
CA GLN C 333 32.73 -9.99 34.49
C GLN C 333 31.80 -10.42 33.36
N ARG C 334 31.24 -11.62 33.43
CA ARG C 334 30.21 -12.01 32.46
C ARG C 334 28.93 -11.22 32.69
N LYS C 335 28.51 -11.09 33.94
CA LYS C 335 27.29 -10.33 34.24
C LYS C 335 27.44 -8.86 33.86
N PHE C 336 28.64 -8.31 33.98
CA PHE C 336 28.88 -6.93 33.57
C PHE C 336 28.63 -6.75 32.07
N LEU C 337 29.16 -7.66 31.26
CA LEU C 337 28.94 -7.57 29.82
C LEU C 337 27.46 -7.75 29.48
N GLN C 338 26.78 -8.68 30.16
CA GLN C 338 25.36 -8.86 29.92
C GLN C 338 24.58 -7.60 30.25
N ALA C 339 24.89 -6.96 31.38
CA ALA C 339 24.21 -5.73 31.76
C ALA C 339 24.50 -4.60 30.78
N ILE C 340 25.74 -4.49 30.31
CA ILE C 340 26.09 -3.46 29.33
C ILE C 340 25.29 -3.65 28.06
N HIS C 341 25.20 -4.89 27.57
CA HIS C 341 24.45 -5.15 26.35
C HIS C 341 22.96 -4.88 26.54
N GLN C 342 22.40 -5.25 27.70
CA GLN C 342 20.98 -4.96 27.94
C GLN C 342 20.72 -3.46 28.01
N LEU C 343 21.62 -2.70 28.66
CA LEU C 343 21.46 -1.26 28.73
C LEU C 343 21.55 -0.62 27.35
N ARG C 344 22.48 -1.08 26.52
CA ARG C 344 22.56 -0.57 25.16
C ARG C 344 21.35 -0.95 24.32
N SER C 345 20.76 -2.12 24.56
CA SER C 345 19.59 -2.55 23.79
C SER C 345 18.35 -1.77 24.19
N VAL C 346 18.18 -1.45 25.48
CA VAL C 346 16.96 -0.80 25.94
C VAL C 346 16.92 0.69 25.62
N LYS C 347 17.94 1.24 24.98
CA LYS C 347 17.96 2.66 24.65
C LYS C 347 17.73 2.93 23.17
N MET C 348 17.49 1.90 22.37
CA MET C 348 17.14 2.08 20.96
C MET C 348 15.65 2.26 20.74
N GLU C 349 14.82 1.62 21.57
CA GLU C 349 13.38 1.85 21.49
C GLU C 349 13.01 3.28 21.84
N GLN C 350 13.76 3.91 22.75
CA GLN C 350 13.52 5.29 23.12
C GLN C 350 13.75 6.25 21.96
N ARG C 351 14.65 5.93 21.03
CA ARG C 351 14.81 6.72 19.82
C ARG C 351 13.84 6.32 18.72
N LYS C 352 13.55 5.02 18.59
CA LYS C 352 12.58 4.57 17.59
C LYS C 352 11.19 5.16 17.84
N LEU C 353 10.74 5.19 19.09
CA LEU C 353 9.43 5.77 19.40
C LEU C 353 9.39 7.25 19.07
N ASN C 354 10.45 7.99 19.42
CA ASN C 354 10.50 9.41 19.09
C ASN C 354 10.49 9.64 17.58
N ASP C 355 11.25 8.84 16.84
CA ASP C 355 11.29 8.99 15.39
C ASP C 355 9.93 8.70 14.77
N GLN C 356 9.24 7.66 15.24
CA GLN C 356 7.93 7.33 14.69
C GLN C 356 6.82 8.24 15.20
N ALA C 357 7.06 8.98 16.28
CA ALA C 357 6.05 9.90 16.80
C ALA C 357 6.22 11.32 16.27
N ASN C 358 7.42 11.70 15.83
CA ASN C 358 7.61 13.05 15.32
C ASN C 358 7.01 13.26 13.92
N THR C 359 6.25 12.33 13.36
CA THR C 359 5.64 12.48 12.05
C THR C 359 4.16 12.84 12.13
N LEU C 360 3.66 13.18 13.31
CA LEU C 360 2.25 13.48 13.51
C LEU C 360 1.97 14.98 13.57
N VAL C 361 2.96 15.82 13.28
CA VAL C 361 2.77 17.26 13.36
C VAL C 361 1.94 17.74 12.16
N ASP C 362 0.95 18.59 12.43
CA ASP C 362 0.09 19.09 11.37
C ASP C 362 0.85 19.92 10.34
N LEU C 363 1.75 20.79 10.81
CA LEU C 363 2.63 21.65 10.03
C LEU C 363 1.87 22.72 9.24
N ALA C 364 0.55 22.85 9.42
CA ALA C 364 -0.23 23.87 8.74
C ALA C 364 -0.65 25.02 9.65
N LYS C 365 -1.01 24.71 10.89
CA LYS C 365 -1.37 25.77 11.83
C LYS C 365 -0.19 26.70 12.11
N THR C 366 1.00 26.13 12.31
CA THR C 366 2.19 26.94 12.52
C THR C 366 2.52 27.74 11.26
N GLN C 367 2.31 27.15 10.08
CA GLN C 367 2.54 27.87 8.83
C GLN C 367 1.63 29.09 8.73
N ASN C 368 0.34 28.92 9.07
CA ASN C 368 -0.58 30.06 9.04
C ASN C 368 -0.20 31.11 10.08
N ILE C 369 0.23 30.67 11.27
CA ILE C 369 0.66 31.62 12.30
C ILE C 369 1.85 32.42 11.82
N MET C 370 2.83 31.75 11.20
CA MET C 370 3.98 32.47 10.64
C MET C 370 3.54 33.43 9.54
N TYR C 371 2.62 33.01 8.68
CA TYR C 371 2.17 33.89 7.60
C TYR C 371 1.56 35.16 8.18
N ASP C 372 0.68 35.01 9.18
CA ASP C 372 0.06 36.18 9.79
C ASP C 372 1.10 37.07 10.49
N MET C 373 2.04 36.46 11.21
CA MET C 373 3.06 37.25 11.91
C MET C 373 3.93 38.02 10.94
N ILE C 374 4.39 37.38 9.86
CA ILE C 374 5.21 38.08 8.88
C ILE C 374 4.41 39.15 8.15
N SER C 375 3.13 38.90 7.89
CA SER C 375 2.29 39.93 7.27
C SER C 375 2.18 41.15 8.18
N ASP C 376 2.04 40.92 9.50
CA ASP C 376 2.03 42.04 10.43
C ASP C 376 3.37 42.76 10.46
N LEU C 377 4.48 42.01 10.43
CA LEU C 377 5.80 42.63 10.46
C LEU C 377 6.11 43.39 9.18
N ASN C 378 5.42 43.07 8.08
CA ASN C 378 5.65 43.78 6.82
C ASN C 378 5.34 45.28 6.95
N GLU C 379 4.56 45.69 7.94
CA GLU C 379 4.26 47.10 8.13
C GLU C 379 5.47 47.91 8.58
N ARG C 380 6.52 47.26 9.05
CA ARG C 380 7.75 47.92 9.51
C ARG C 380 7.46 48.96 10.59
N LYS D 1 -13.49 7.94 47.21
CA LYS D 1 -13.73 6.63 47.82
C LYS D 1 -12.42 5.93 48.16
N LEU D 2 -11.95 5.09 47.24
CA LEU D 2 -10.71 4.32 47.33
C LEU D 2 -10.77 3.23 48.38
N GLY D 3 -11.86 3.12 49.13
CA GLY D 3 -12.03 2.04 50.09
C GLY D 3 -13.05 1.03 49.63
N HIS D 4 -14.13 1.51 48.99
CA HIS D 4 -15.13 0.64 48.42
C HIS D 4 -14.96 0.45 46.92
N ARG D 5 -14.30 1.37 46.23
CA ARG D 5 -13.98 1.15 44.82
C ARG D 5 -13.01 -0.01 44.66
N ARG D 6 -12.05 -0.12 45.57
CA ARG D 6 -11.22 -1.32 45.65
C ARG D 6 -12.01 -2.42 46.34
N ALA D 7 -11.37 -3.58 46.51
CA ALA D 7 -11.99 -4.80 47.03
C ALA D 7 -13.14 -5.29 46.17
N LEU D 8 -13.32 -4.71 44.99
CA LEU D 8 -14.28 -5.15 43.99
C LEU D 8 -13.61 -5.57 42.69
N PHE D 9 -12.59 -4.82 42.26
CA PHE D 9 -11.76 -5.27 41.14
C PHE D 9 -11.10 -6.60 41.47
N GLU D 10 -10.60 -6.75 42.71
CA GLU D 10 -10.00 -8.01 43.13
C GLU D 10 -11.03 -9.13 43.13
N LYS D 11 -12.25 -8.84 43.58
CA LYS D 11 -13.31 -9.85 43.59
C LYS D 11 -13.62 -10.33 42.18
N ARG D 12 -13.75 -9.40 41.24
CA ARG D 12 -13.99 -9.77 39.85
C ARG D 12 -12.81 -10.55 39.27
N LYS D 13 -11.59 -10.15 39.63
CA LYS D 13 -10.39 -10.83 39.16
C LYS D 13 -10.36 -12.29 39.63
N ARG D 14 -10.74 -12.52 40.89
CA ARG D 14 -10.79 -13.89 41.41
C ARG D 14 -11.91 -14.68 40.74
N LEU D 15 -13.08 -14.05 40.57
CA LEU D 15 -14.23 -14.76 39.99
C LEU D 15 -13.94 -15.19 38.56
N SER D 16 -13.25 -14.36 37.79
CA SER D 16 -12.93 -14.72 36.41
C SER D 16 -12.07 -15.98 36.35
N ASP D 17 -11.04 -16.06 37.21
CA ASP D 17 -10.18 -17.25 37.23
C ASP D 17 -10.94 -18.48 37.68
N TYR D 18 -11.78 -18.32 38.73
CA TYR D 18 -12.54 -19.48 39.21
C TYR D 18 -13.56 -19.95 38.19
N ALA D 19 -14.05 -19.04 37.33
CA ALA D 19 -14.92 -19.47 36.25
C ALA D 19 -14.13 -20.16 35.14
N LEU D 20 -12.94 -19.66 34.84
CA LEU D 20 -12.11 -20.25 33.79
C LEU D 20 -11.72 -21.69 34.12
N ILE D 21 -11.38 -21.94 35.39
CA ILE D 21 -10.96 -23.30 35.77
C ILE D 21 -12.06 -24.31 35.49
N PHE D 22 -13.28 -24.01 35.97
CA PHE D 22 -14.40 -24.92 35.75
C PHE D 22 -14.84 -24.94 34.29
N GLY D 23 -14.60 -23.88 33.53
CA GLY D 23 -14.87 -23.92 32.11
C GLY D 23 -13.98 -24.89 31.37
N MET D 24 -12.68 -24.88 31.69
CA MET D 24 -11.75 -25.77 31.00
C MET D 24 -11.84 -27.20 31.49
N PHE D 25 -12.25 -27.42 32.74
CA PHE D 25 -12.41 -28.78 33.25
C PHE D 25 -13.39 -29.58 32.41
N GLY D 26 -14.54 -28.97 32.09
CA GLY D 26 -15.54 -29.67 31.29
C GLY D 26 -15.06 -30.00 29.90
N ILE D 27 -14.28 -29.10 29.29
CA ILE D 27 -13.74 -29.37 27.96
C ILE D 27 -12.77 -30.54 28.00
N VAL D 28 -11.89 -30.57 29.01
CA VAL D 28 -10.97 -31.69 29.13
C VAL D 28 -11.74 -33.00 29.30
N VAL D 29 -12.77 -32.99 30.16
CA VAL D 29 -13.52 -34.22 30.41
C VAL D 29 -14.27 -34.67 29.16
N MET D 30 -14.86 -33.73 28.42
CA MET D 30 -15.59 -34.13 27.21
C MET D 30 -14.64 -34.71 26.17
N VAL D 31 -13.45 -34.12 26.00
CA VAL D 31 -12.50 -34.69 25.05
C VAL D 31 -12.12 -36.11 25.45
N ILE D 32 -11.81 -36.30 26.74
CA ILE D 32 -11.40 -37.63 27.21
C ILE D 32 -12.52 -38.63 27.00
N GLU D 33 -13.76 -38.27 27.36
CA GLU D 33 -14.87 -39.19 27.26
C GLU D 33 -15.20 -39.52 25.81
N THR D 34 -15.19 -38.52 24.92
CA THR D 34 -15.49 -38.78 23.52
C THR D 34 -14.41 -39.62 22.86
N GLU D 35 -13.15 -39.49 23.28
CA GLU D 35 -12.12 -40.35 22.73
C GLU D 35 -12.22 -41.76 23.27
N LEU D 36 -12.55 -41.92 24.55
CA LEU D 36 -12.59 -43.25 25.14
C LEU D 36 -13.83 -44.04 24.76
N SER D 37 -14.97 -43.38 24.51
CA SER D 37 -16.21 -44.09 24.27
C SER D 37 -16.25 -44.86 22.96
N TRP D 38 -15.29 -44.62 22.06
CA TRP D 38 -15.30 -45.26 20.75
C TRP D 38 -14.47 -46.54 20.75
N GLY D 39 -14.92 -47.50 21.56
CA GLY D 39 -14.29 -48.81 21.58
C GLY D 39 -13.93 -49.35 22.95
N ALA D 40 -13.49 -48.47 23.86
CA ALA D 40 -13.09 -48.93 25.18
C ALA D 40 -14.28 -49.45 25.98
N TYR D 41 -15.38 -48.70 25.98
CA TYR D 41 -16.59 -49.12 26.66
C TYR D 41 -17.81 -48.58 25.91
N ASP D 42 -18.94 -49.24 26.12
CA ASP D 42 -20.18 -48.86 25.44
C ASP D 42 -20.84 -47.71 26.18
N LYS D 43 -21.91 -47.16 25.58
CA LYS D 43 -22.63 -46.04 26.17
C LYS D 43 -23.47 -46.43 27.37
N ALA D 44 -23.70 -47.73 27.59
CA ALA D 44 -24.53 -48.19 28.70
C ALA D 44 -23.72 -48.50 29.96
N SER D 45 -22.40 -48.39 29.90
CA SER D 45 -21.56 -48.68 31.07
C SER D 45 -21.64 -47.54 32.08
N LEU D 46 -21.16 -47.82 33.30
CA LEU D 46 -21.20 -46.84 34.37
C LEU D 46 -20.14 -45.76 34.22
N TYR D 47 -19.10 -46.02 33.42
CA TYR D 47 -18.03 -45.03 33.25
C TYR D 47 -18.57 -43.75 32.61
N SER D 48 -19.45 -43.88 31.61
CA SER D 48 -20.04 -42.70 30.98
C SER D 48 -20.86 -41.88 31.96
N LEU D 49 -21.66 -42.55 32.79
CA LEU D 49 -22.43 -41.84 33.80
C LEU D 49 -21.52 -41.11 34.78
N ALA D 50 -20.46 -41.79 35.24
CA ALA D 50 -19.53 -41.18 36.18
C ALA D 50 -18.84 -39.97 35.57
N LEU D 51 -18.48 -40.06 34.29
CA LEU D 51 -17.76 -38.98 33.62
C LEU D 51 -18.68 -37.86 33.12
N LYS D 52 -19.99 -38.08 33.10
CA LYS D 52 -20.92 -37.03 32.71
C LYS D 52 -21.54 -36.29 33.90
N CYS D 53 -21.70 -36.97 35.04
CA CYS D 53 -22.15 -36.27 36.24
C CYS D 53 -21.17 -35.18 36.64
N LEU D 54 -19.87 -35.41 36.44
CA LEU D 54 -18.87 -34.40 36.74
C LEU D 54 -19.06 -33.17 35.86
N ILE D 55 -19.33 -33.37 34.57
CA ILE D 55 -19.56 -32.24 33.67
C ILE D 55 -20.80 -31.47 34.10
N SER D 56 -21.87 -32.18 34.48
CA SER D 56 -23.07 -31.50 34.94
C SER D 56 -22.78 -30.63 36.17
N LEU D 57 -22.05 -31.20 37.14
CA LEU D 57 -21.73 -30.45 38.34
C LEU D 57 -20.89 -29.22 38.01
N SER D 58 -19.87 -29.38 37.15
CA SER D 58 -19.03 -28.26 36.77
C SER D 58 -19.84 -27.16 36.11
N THR D 59 -20.81 -27.53 35.27
CA THR D 59 -21.69 -26.54 34.66
C THR D 59 -22.49 -25.79 35.73
N ILE D 60 -23.00 -26.51 36.73
CA ILE D 60 -23.77 -25.86 37.80
C ILE D 60 -22.92 -24.80 38.51
N ILE D 61 -21.71 -25.18 38.93
CA ILE D 61 -20.85 -24.20 39.61
C ILE D 61 -20.44 -23.06 38.68
N LEU D 62 -20.23 -23.34 37.39
CA LEU D 62 -19.89 -22.25 36.47
C LEU D 62 -21.01 -21.22 36.37
N LEU D 63 -22.26 -21.70 36.25
CA LEU D 63 -23.39 -20.77 36.22
C LEU D 63 -23.49 -19.99 37.53
N GLY D 64 -23.28 -20.67 38.66
CA GLY D 64 -23.32 -19.98 39.94
C GLY D 64 -22.28 -18.88 40.04
N LEU D 65 -21.10 -19.11 39.49
CA LEU D 65 -20.05 -18.08 39.52
C LEU D 65 -20.39 -16.91 38.59
N ILE D 66 -20.97 -17.21 37.43
CA ILE D 66 -21.31 -16.15 36.48
C ILE D 66 -22.36 -15.21 37.06
N ILE D 67 -23.39 -15.79 37.70
CA ILE D 67 -24.52 -14.99 38.18
C ILE D 67 -24.13 -14.16 39.39
N VAL D 68 -22.91 -14.34 39.88
CA VAL D 68 -22.36 -13.50 40.94
C VAL D 68 -21.37 -12.47 40.40
N TYR D 69 -20.59 -12.85 39.38
CA TYR D 69 -19.73 -11.88 38.71
C TYR D 69 -20.57 -10.74 38.13
N HIS D 70 -21.74 -11.06 37.56
CA HIS D 70 -22.59 -10.01 37.03
C HIS D 70 -23.09 -9.07 38.13
N ALA D 71 -23.42 -9.63 39.30
CA ALA D 71 -23.84 -8.80 40.42
C ALA D 71 -22.72 -7.88 40.88
N ARG D 72 -21.49 -8.39 40.92
CA ARG D 72 -20.35 -7.54 41.28
C ARG D 72 -20.18 -6.40 40.27
N GLU D 73 -20.33 -6.70 38.98
CA GLU D 73 -20.25 -5.63 37.98
C GLU D 73 -21.34 -4.59 38.18
N ILE D 74 -22.56 -5.04 38.52
CA ILE D 74 -23.65 -4.11 38.76
C ILE D 74 -23.34 -3.21 39.95
N GLN D 75 -22.77 -3.79 41.01
CA GLN D 75 -22.40 -2.99 42.18
C GLN D 75 -21.33 -1.96 41.82
N LEU D 76 -20.35 -2.36 41.00
CA LEU D 76 -19.34 -1.40 40.57
C LEU D 76 -19.95 -0.27 39.75
N PHE D 77 -20.89 -0.60 38.87
CA PHE D 77 -21.57 0.44 38.11
C PHE D 77 -22.32 1.40 39.02
N MET D 78 -23.00 0.87 40.04
CA MET D 78 -23.70 1.74 40.99
C MET D 78 -22.72 2.63 41.74
N VAL D 79 -21.57 2.09 42.12
CA VAL D 79 -20.57 2.89 42.82
C VAL D 79 -20.06 4.01 41.94
N ASP D 80 -19.76 3.71 40.67
CA ASP D 80 -19.17 4.70 39.78
C ASP D 80 -20.19 5.76 39.38
N ASN D 81 -21.27 5.35 38.71
CA ASN D 81 -22.32 6.28 38.31
C ASN D 81 -23.26 6.49 39.49
N GLY D 82 -23.35 7.73 39.97
CA GLY D 82 -24.16 8.05 41.13
C GLY D 82 -25.59 7.58 41.03
N ALA D 83 -25.96 6.61 41.85
CA ALA D 83 -27.30 6.06 41.85
C ALA D 83 -27.58 5.43 43.20
N ASP D 84 -28.86 5.20 43.48
CA ASP D 84 -29.30 4.57 44.72
C ASP D 84 -29.99 3.24 44.51
N ASP D 85 -30.81 3.11 43.48
CA ASP D 85 -31.52 1.87 43.18
C ASP D 85 -30.80 1.11 42.08
N TRP D 86 -30.77 -0.22 42.20
CA TRP D 86 -30.04 -1.04 41.24
C TRP D 86 -30.79 -1.20 39.92
N ARG D 87 -32.08 -0.87 39.88
CA ARG D 87 -32.85 -1.00 38.65
C ARG D 87 -32.49 0.04 37.61
N ILE D 88 -31.70 1.06 37.97
CA ILE D 88 -31.25 2.05 37.00
C ILE D 88 -30.34 1.41 35.96
N ALA D 89 -29.49 0.48 36.40
CA ALA D 89 -28.50 -0.13 35.53
C ALA D 89 -29.06 -1.26 34.67
N MET D 90 -30.30 -1.67 34.88
CA MET D 90 -30.88 -2.81 34.17
C MET D 90 -31.55 -2.31 32.89
N THR D 91 -30.82 -2.35 31.79
CA THR D 91 -31.33 -1.99 30.48
C THR D 91 -31.61 -3.25 29.67
N TYR D 92 -32.00 -3.07 28.40
CA TYR D 92 -32.32 -4.22 27.55
C TYR D 92 -31.06 -4.97 27.11
N GLU D 93 -30.01 -4.24 26.74
CA GLU D 93 -28.80 -4.88 26.25
C GLU D 93 -28.13 -5.72 27.33
N ARG D 94 -28.12 -5.22 28.57
CA ARG D 94 -27.51 -5.97 29.66
C ARG D 94 -28.22 -7.30 29.88
N ILE D 95 -29.56 -7.27 29.93
CA ILE D 95 -30.33 -8.49 30.13
C ILE D 95 -30.13 -9.44 28.95
N PHE D 96 -30.13 -8.91 27.73
CA PHE D 96 -29.95 -9.76 26.55
C PHE D 96 -28.59 -10.45 26.59
N PHE D 97 -27.53 -9.71 26.94
CA PHE D 97 -26.19 -10.29 26.99
C PHE D 97 -26.06 -11.31 28.10
N ILE D 98 -26.68 -11.04 29.26
CA ILE D 98 -26.65 -12.01 30.35
C ILE D 98 -27.34 -13.30 29.95
N CYS D 99 -28.51 -13.18 29.31
CA CYS D 99 -29.22 -14.36 28.85
C CYS D 99 -28.42 -15.13 27.81
N LEU D 100 -27.77 -14.41 26.88
CA LEU D 100 -26.95 -15.08 25.88
C LEU D 100 -25.79 -15.83 26.52
N GLU D 101 -25.13 -15.20 27.50
CA GLU D 101 -24.02 -15.88 28.18
C GLU D 101 -24.50 -17.12 28.92
N ILE D 102 -25.64 -17.02 29.60
CA ILE D 102 -26.17 -18.19 30.32
C ILE D 102 -26.49 -19.32 29.34
N LEU D 103 -27.15 -18.97 28.22
CA LEU D 103 -27.51 -19.99 27.23
C LEU D 103 -26.26 -20.64 26.63
N VAL D 104 -25.22 -19.85 26.35
CA VAL D 104 -24.00 -20.40 25.79
C VAL D 104 -23.31 -21.31 26.80
N CYS D 105 -23.27 -20.90 28.07
CA CYS D 105 -22.57 -21.67 29.09
C CYS D 105 -23.40 -22.79 29.70
N ALA D 106 -24.64 -22.97 29.28
CA ALA D 106 -25.51 -23.98 29.84
C ALA D 106 -25.82 -25.11 28.85
N ILE D 107 -24.79 -25.56 28.12
CA ILE D 107 -24.93 -26.67 27.18
C ILE D 107 -23.87 -27.72 27.53
N HIS D 108 -24.31 -28.96 27.69
CA HIS D 108 -23.43 -30.08 28.00
C HIS D 108 -24.16 -31.37 27.69
N PRO D 109 -23.44 -32.48 27.51
CA PRO D 109 -24.11 -33.77 27.28
C PRO D 109 -24.87 -34.26 28.50
N ILE D 110 -26.20 -34.30 28.41
CA ILE D 110 -27.03 -34.75 29.53
C ILE D 110 -26.83 -36.26 29.72
N PRO D 111 -26.69 -36.74 30.96
CA PRO D 111 -26.57 -38.18 31.17
C PRO D 111 -27.80 -38.93 30.66
N GLY D 112 -27.56 -40.11 30.10
CA GLY D 112 -28.59 -40.93 29.53
C GLY D 112 -28.07 -41.68 28.33
N ASN D 113 -29.00 -42.22 27.53
CA ASN D 113 -28.65 -42.97 26.33
C ASN D 113 -29.74 -42.76 25.30
N TYR D 114 -29.46 -41.93 24.28
CA TYR D 114 -30.40 -41.64 23.22
C TYR D 114 -29.69 -41.74 21.87
N THR D 115 -30.45 -42.12 20.84
CA THR D 115 -29.90 -42.32 19.51
C THR D 115 -30.87 -41.76 18.48
N PHE D 116 -30.36 -41.50 17.28
CA PHE D 116 -31.15 -41.02 16.16
C PHE D 116 -30.60 -41.63 14.88
N THR D 117 -31.22 -41.29 13.75
CA THR D 117 -30.87 -41.85 12.45
C THR D 117 -30.14 -40.80 11.62
N TRP D 118 -29.01 -41.21 11.04
CA TRP D 118 -28.17 -40.33 10.25
C TRP D 118 -28.01 -40.92 8.84
N THR D 119 -28.16 -40.06 7.82
CA THR D 119 -28.04 -40.48 6.44
C THR D 119 -27.20 -39.47 5.68
N ALA D 120 -26.24 -39.95 4.90
CA ALA D 120 -25.37 -39.08 4.12
C ALA D 120 -24.98 -39.77 2.83
N ARG D 121 -24.56 -38.97 1.86
CA ARG D 121 -24.13 -39.47 0.56
C ARG D 121 -22.61 -39.40 0.47
N LEU D 122 -21.99 -40.52 0.13
CA LEU D 122 -20.53 -40.57 0.04
C LEU D 122 -20.04 -39.73 -1.12
N ALA D 123 -18.90 -39.07 -0.93
CA ALA D 123 -18.32 -38.21 -1.95
C ALA D 123 -17.43 -39.02 -2.89
N PHE D 124 -17.34 -38.55 -4.13
CA PHE D 124 -16.59 -39.15 -5.23
C PHE D 124 -17.17 -40.48 -5.70
N SER D 125 -18.22 -40.98 -5.05
CA SER D 125 -18.87 -42.22 -5.46
C SER D 125 -20.39 -42.13 -5.53
N TYR D 126 -21.01 -41.18 -4.83
CA TYR D 126 -22.46 -40.98 -4.86
C TYR D 126 -23.21 -42.22 -4.43
N ALA D 127 -22.78 -42.80 -3.31
CA ALA D 127 -23.41 -43.98 -2.75
C ALA D 127 -24.00 -43.66 -1.38
N PRO D 128 -25.28 -43.93 -1.15
CA PRO D 128 -25.88 -43.63 0.16
C PRO D 128 -25.31 -44.51 1.26
N SER D 129 -25.36 -43.98 2.48
CA SER D 129 -24.89 -44.71 3.65
C SER D 129 -25.63 -44.19 4.87
N THR D 130 -26.20 -45.10 5.66
CA THR D 130 -26.98 -44.73 6.84
C THR D 130 -26.53 -45.55 8.04
N THR D 131 -26.38 -44.88 9.19
CA THR D 131 -26.03 -45.51 10.45
C THR D 131 -26.84 -44.86 11.57
N THR D 132 -26.89 -45.55 12.70
CA THR D 132 -27.56 -45.02 13.89
C THR D 132 -26.51 -44.31 14.75
N ALA D 133 -26.67 -42.99 14.88
CA ALA D 133 -25.72 -42.16 15.59
C ALA D 133 -26.20 -41.89 17.02
N ASP D 134 -25.48 -41.04 17.73
CA ASP D 134 -25.79 -40.68 19.11
C ASP D 134 -26.18 -39.22 19.19
N VAL D 135 -27.03 -38.90 20.17
CA VAL D 135 -27.48 -37.53 20.35
C VAL D 135 -26.43 -36.67 21.04
N ASP D 136 -25.54 -37.28 21.82
CA ASP D 136 -24.54 -36.51 22.57
C ASP D 136 -23.57 -35.77 21.67
N ILE D 137 -23.37 -36.23 20.44
CA ILE D 137 -22.44 -35.55 19.54
C ILE D 137 -22.97 -34.18 19.14
N ILE D 138 -24.30 -34.01 19.10
CA ILE D 138 -24.88 -32.73 18.76
C ILE D 138 -24.62 -31.70 19.85
N LEU D 139 -24.67 -32.11 21.12
CA LEU D 139 -24.49 -31.20 22.23
C LEU D 139 -23.04 -31.08 22.68
N SER D 140 -22.17 -32.00 22.29
CA SER D 140 -20.78 -31.95 22.73
C SER D 140 -20.00 -30.86 22.01
N ILE D 141 -20.22 -30.71 20.70
CA ILE D 141 -19.44 -29.75 19.92
C ILE D 141 -19.61 -28.30 20.40
N PRO D 142 -20.84 -27.80 20.67
CA PRO D 142 -20.98 -26.37 21.01
C PRO D 142 -20.30 -25.96 22.31
N MET D 143 -19.68 -26.90 23.03
CA MET D 143 -19.00 -26.55 24.27
C MET D 143 -17.73 -25.74 24.03
N PHE D 144 -17.24 -25.66 22.79
CA PHE D 144 -16.04 -24.89 22.50
C PHE D 144 -16.29 -23.39 22.57
N LEU D 145 -17.54 -22.95 22.70
CA LEU D 145 -17.86 -21.53 22.78
C LEU D 145 -17.43 -20.90 24.10
N ARG D 146 -17.00 -21.70 25.07
CA ARG D 146 -16.58 -21.21 26.38
C ARG D 146 -15.19 -20.57 26.36
N LEU D 147 -14.64 -20.28 25.19
CA LEU D 147 -13.26 -19.80 25.09
C LEU D 147 -13.15 -18.28 25.24
N TYR D 148 -14.27 -17.56 25.38
CA TYR D 148 -14.20 -16.12 25.61
C TYR D 148 -13.76 -15.78 27.02
N LEU D 149 -13.85 -16.75 27.94
CA LEU D 149 -13.39 -16.51 29.30
C LEU D 149 -11.88 -16.30 29.35
N ILE D 150 -11.13 -16.94 28.45
CA ILE D 150 -9.69 -16.70 28.37
C ILE D 150 -9.42 -15.24 28.00
N ALA D 151 -10.15 -14.73 27.01
CA ALA D 151 -9.99 -13.33 26.63
C ALA D 151 -10.38 -12.39 27.77
N ARG D 152 -11.46 -12.72 28.48
CA ARG D 152 -11.88 -11.89 29.61
C ARG D 152 -10.80 -11.86 30.69
N VAL D 153 -10.23 -13.01 31.03
CA VAL D 153 -9.18 -13.07 32.04
C VAL D 153 -7.94 -12.31 31.59
N MET D 154 -7.56 -12.47 30.32
CA MET D 154 -6.40 -11.75 29.81
C MET D 154 -6.62 -10.23 29.85
N LEU D 155 -7.83 -9.78 29.51
CA LEU D 155 -8.14 -8.36 29.57
C LEU D 155 -8.09 -7.84 31.01
N LEU D 156 -8.65 -8.60 31.95
CA LEU D 156 -8.68 -8.15 33.33
C LEU D 156 -7.32 -8.24 34.01
N HIS D 157 -6.41 -9.08 33.51
CA HIS D 157 -5.09 -9.24 34.09
C HIS D 157 -4.03 -8.38 33.41
N SER D 158 -4.41 -7.56 32.44
CA SER D 158 -3.43 -6.74 31.72
C SER D 158 -2.87 -5.66 32.64
N LYS D 159 -1.57 -5.42 32.52
CA LYS D 159 -0.90 -4.40 33.33
C LYS D 159 -0.94 -3.03 32.69
N LEU D 160 -1.03 -2.95 31.36
CA LEU D 160 -1.06 -1.65 30.69
C LEU D 160 -2.36 -0.91 30.97
N PHE D 161 -3.49 -1.61 30.84
CA PHE D 161 -4.80 -0.96 30.97
C PHE D 161 -5.19 -0.71 32.43
N THR D 162 -4.54 -1.37 33.38
CA THR D 162 -4.91 -1.24 34.79
C THR D 162 -4.20 -0.09 35.49
N ASP D 163 -3.30 0.60 34.82
CA ASP D 163 -2.60 1.72 35.44
C ASP D 163 -3.55 2.89 35.65
N ALA D 164 -3.40 3.54 36.81
CA ALA D 164 -4.29 4.65 37.15
C ALA D 164 -3.99 5.90 36.34
N SER D 165 -2.71 6.21 36.15
CA SER D 165 -2.33 7.39 35.39
C SER D 165 -2.76 7.29 33.93
N SER D 166 -2.63 6.11 33.32
CA SER D 166 -3.09 5.93 31.95
C SER D 166 -4.59 6.16 31.83
N ARG D 167 -5.37 5.63 32.80
CA ARG D 167 -6.80 5.85 32.80
C ARG D 167 -7.14 7.33 32.95
N SER D 168 -6.41 8.03 33.84
CA SER D 168 -6.65 9.45 34.02
C SER D 168 -6.37 10.24 32.75
N ILE D 169 -5.26 9.92 32.07
CA ILE D 169 -4.92 10.61 30.83
C ILE D 169 -5.95 10.31 29.76
N GLY D 170 -6.40 9.06 29.66
CA GLY D 170 -7.43 8.72 28.69
C GLY D 170 -8.73 9.44 28.95
N ALA D 171 -9.10 9.57 30.22
CA ALA D 171 -10.31 10.33 30.56
C ALA D 171 -10.14 11.81 30.21
N LEU D 172 -8.93 12.35 30.41
CA LEU D 172 -8.67 13.72 30.00
C LEU D 172 -8.81 13.89 28.49
N ASN D 173 -8.34 12.91 27.73
CA ASN D 173 -8.44 12.95 26.28
C ASN D 173 -9.78 12.45 25.75
N LYS D 174 -10.69 12.05 26.63
CA LYS D 174 -12.05 11.63 26.27
C LYS D 174 -12.03 10.42 25.34
N ILE D 175 -11.44 9.33 25.85
CA ILE D 175 -11.46 8.03 25.17
C ILE D 175 -11.88 6.98 26.18
N ASN D 176 -12.31 5.84 25.66
CA ASN D 176 -12.80 4.73 26.47
C ASN D 176 -11.92 3.50 26.26
N PHE D 177 -11.69 2.76 27.35
CA PHE D 177 -10.82 1.59 27.33
C PHE D 177 -11.64 0.31 27.16
N ASN D 178 -12.26 0.18 25.99
CA ASN D 178 -13.06 -0.99 25.66
C ASN D 178 -12.16 -2.08 25.08
N THR D 179 -12.77 -3.15 24.57
CA THR D 179 -12.01 -4.26 24.03
C THR D 179 -11.33 -3.92 22.71
N ARG D 180 -11.96 -3.08 21.89
CA ARG D 180 -11.36 -2.71 20.61
C ARG D 180 -10.04 -1.97 20.80
N PHE D 181 -9.96 -1.10 21.80
CA PHE D 181 -8.71 -0.40 22.07
C PHE D 181 -7.60 -1.37 22.44
N VAL D 182 -7.90 -2.36 23.28
CA VAL D 182 -6.90 -3.35 23.67
C VAL D 182 -6.47 -4.17 22.47
N MET D 183 -7.42 -4.60 21.64
CA MET D 183 -7.08 -5.38 20.45
C MET D 183 -6.18 -4.59 19.50
N LYS D 184 -6.51 -3.30 19.29
CA LYS D 184 -5.70 -2.48 18.40
C LYS D 184 -4.31 -2.26 18.97
N THR D 185 -4.19 -2.04 20.28
CA THR D 185 -2.87 -1.87 20.88
C THR D 185 -2.04 -3.14 20.74
N LEU D 186 -2.65 -4.30 21.00
CA LEU D 186 -1.93 -5.56 20.86
C LEU D 186 -1.48 -5.79 19.42
N MET D 187 -2.35 -5.50 18.45
CA MET D 187 -1.95 -5.60 17.05
C MET D 187 -0.86 -4.59 16.70
N THR D 188 -0.81 -3.45 17.40
CA THR D 188 0.21 -2.46 17.12
C THR D 188 1.57 -2.90 17.65
N ILE D 189 1.61 -3.49 18.84
CA ILE D 189 2.89 -3.82 19.48
C ILE D 189 3.39 -5.20 19.06
N CYS D 190 2.54 -6.21 19.07
CA CYS D 190 2.93 -7.59 18.76
C CYS D 190 1.95 -8.17 17.75
N PRO D 191 2.12 -7.85 16.46
CA PRO D 191 1.15 -8.33 15.46
C PRO D 191 1.39 -9.76 14.99
N GLY D 192 2.60 -10.29 15.12
CA GLY D 192 2.90 -11.62 14.62
C GLY D 192 2.56 -12.73 15.60
N THR D 193 2.83 -12.48 16.89
CA THR D 193 2.54 -13.49 17.91
C THR D 193 1.06 -13.80 17.98
N VAL D 194 0.22 -12.78 17.89
CA VAL D 194 -1.23 -13.00 17.94
C VAL D 194 -1.68 -13.87 16.78
N LEU D 195 -1.21 -13.56 15.57
CA LEU D 195 -1.60 -14.35 14.41
C LEU D 195 -1.11 -15.78 14.52
N LEU D 196 0.14 -15.97 14.97
CA LEU D 196 0.68 -17.32 15.11
C LEU D 196 -0.12 -18.12 16.12
N VAL D 197 -0.41 -17.53 17.28
CA VAL D 197 -1.16 -18.22 18.31
C VAL D 197 -2.55 -18.57 17.83
N PHE D 198 -3.22 -17.63 17.16
CA PHE D 198 -4.57 -17.87 16.66
C PHE D 198 -4.58 -19.02 15.65
N SER D 199 -3.64 -19.01 14.70
CA SER D 199 -3.60 -20.07 13.69
C SER D 199 -3.32 -21.43 14.31
N ILE D 200 -2.33 -21.50 15.21
CA ILE D 200 -1.98 -22.78 15.82
C ILE D 200 -3.14 -23.30 16.66
N SER D 201 -3.80 -22.41 17.42
CA SER D 201 -4.93 -22.85 18.24
C SER D 201 -6.08 -23.33 17.37
N LEU D 202 -6.34 -22.65 16.25
CA LEU D 202 -7.45 -23.05 15.38
C LEU D 202 -7.17 -24.38 14.69
N TRP D 203 -5.90 -24.65 14.36
CA TRP D 203 -5.57 -25.83 13.56
C TRP D 203 -6.01 -27.12 14.25
N ILE D 204 -5.59 -27.32 15.51
CA ILE D 204 -5.87 -28.58 16.19
C ILE D 204 -7.36 -28.71 16.49
N ILE D 205 -8.01 -27.62 16.87
CA ILE D 205 -9.44 -27.68 17.18
C ILE D 205 -10.24 -28.06 15.93
N ALA D 206 -9.92 -27.44 14.79
CA ALA D 206 -10.62 -27.76 13.55
C ALA D 206 -10.36 -29.20 13.13
N ALA D 207 -9.10 -29.66 13.24
CA ALA D 207 -8.80 -31.03 12.86
C ALA D 207 -9.55 -32.02 13.74
N TRP D 208 -9.57 -31.78 15.05
CA TRP D 208 -10.24 -32.70 15.96
C TRP D 208 -11.74 -32.71 15.72
N THR D 209 -12.36 -31.55 15.48
CA THR D 209 -13.80 -31.54 15.28
C THR D 209 -14.18 -32.19 13.95
N VAL D 210 -13.35 -32.01 12.91
CA VAL D 210 -13.59 -32.69 11.65
C VAL D 210 -13.50 -34.21 11.83
N ARG D 211 -12.46 -34.66 12.54
CA ARG D 211 -12.29 -36.10 12.76
C ARG D 211 -13.43 -36.68 13.58
N ALA D 212 -13.90 -35.93 14.59
CA ALA D 212 -15.02 -36.40 15.40
C ALA D 212 -16.31 -36.46 14.60
N CYS D 213 -16.55 -35.46 13.74
CA CYS D 213 -17.76 -35.47 12.92
C CYS D 213 -17.73 -36.62 11.91
N GLU D 214 -16.62 -36.80 11.22
CA GLU D 214 -16.53 -37.78 10.14
C GLU D 214 -15.89 -39.08 10.62
N ARG D 215 -16.58 -39.77 11.52
CA ARG D 215 -16.18 -41.11 11.94
C ARG D 215 -17.30 -42.12 11.91
N TYR D 216 -18.54 -41.70 11.64
CA TYR D 216 -19.66 -42.63 11.53
C TYR D 216 -19.85 -43.15 10.10
N HIS D 217 -19.48 -42.36 9.10
CA HIS D 217 -19.63 -42.72 7.69
C HIS D 217 -18.27 -42.90 7.02
N ASP D 218 -17.32 -43.49 7.73
CA ASP D 218 -15.97 -43.68 7.21
C ASP D 218 -15.47 -45.05 7.66
N GLN D 219 -15.39 -45.99 6.73
CA GLN D 219 -14.86 -47.32 6.98
C GLN D 219 -13.62 -47.58 6.13
N GLN D 220 -12.85 -46.52 5.87
CA GLN D 220 -11.62 -46.65 5.11
C GLN D 220 -10.44 -45.90 5.71
N ASP D 221 -10.64 -45.20 6.84
CA ASP D 221 -9.58 -44.47 7.53
C ASP D 221 -8.90 -43.45 6.59
N VAL D 222 -9.70 -42.51 6.11
CA VAL D 222 -9.20 -41.47 5.22
C VAL D 222 -9.37 -40.11 5.90
N THR D 223 -10.61 -39.73 6.19
CA THR D 223 -10.90 -38.48 6.86
C THR D 223 -11.12 -38.64 8.36
N SER D 224 -11.12 -39.87 8.88
CA SER D 224 -11.24 -40.14 10.30
C SER D 224 -9.88 -40.33 10.96
N ASN D 225 -8.83 -39.82 10.33
CA ASN D 225 -7.46 -39.92 10.84
C ASN D 225 -7.00 -38.53 11.23
N PHE D 226 -6.38 -38.42 12.41
CA PHE D 226 -5.94 -37.11 12.90
C PHE D 226 -4.94 -36.47 11.95
N LEU D 227 -3.97 -37.25 11.46
CA LEU D 227 -3.04 -36.76 10.45
C LEU D 227 -3.68 -36.63 9.09
N GLY D 228 -4.84 -37.22 8.87
CA GLY D 228 -5.55 -37.07 7.62
C GLY D 228 -6.41 -35.83 7.59
N ALA D 229 -6.72 -35.29 8.77
CA ALA D 229 -7.45 -34.04 8.90
C ALA D 229 -6.55 -32.84 9.13
N MET D 230 -5.42 -33.03 9.82
CA MET D 230 -4.44 -31.96 9.96
C MET D 230 -3.88 -31.52 8.62
N TRP D 231 -3.88 -32.42 7.64
CA TRP D 231 -3.43 -32.12 6.29
C TRP D 231 -4.53 -31.43 5.47
N LEU D 232 -5.76 -31.91 5.60
CA LEU D 232 -6.88 -31.29 4.88
C LEU D 232 -7.10 -29.85 5.34
N ILE D 233 -7.07 -29.62 6.65
CA ILE D 233 -7.26 -28.27 7.17
C ILE D 233 -6.14 -27.35 6.69
N SER D 234 -4.91 -27.86 6.67
CA SER D 234 -3.77 -27.05 6.22
C SER D 234 -3.91 -26.69 4.74
N ILE D 235 -4.32 -27.65 3.90
CA ILE D 235 -4.41 -27.36 2.48
C ILE D 235 -5.58 -26.44 2.17
N THR D 236 -6.69 -26.56 2.92
CA THR D 236 -7.80 -25.65 2.68
C THR D 236 -7.53 -24.25 3.24
N PHE D 237 -6.69 -24.15 4.28
CA PHE D 237 -6.34 -22.85 4.82
C PHE D 237 -5.57 -22.01 3.81
N LEU D 238 -4.69 -22.64 3.04
CA LEU D 238 -3.83 -21.95 2.08
C LEU D 238 -4.46 -21.80 0.71
N SER D 239 -5.73 -22.20 0.55
CA SER D 239 -6.48 -22.07 -0.69
C SER D 239 -5.91 -22.90 -1.83
N ILE D 240 -5.07 -23.89 -1.52
CA ILE D 240 -4.57 -24.78 -2.57
C ILE D 240 -5.72 -25.61 -3.14
N GLY D 241 -6.54 -26.19 -2.27
CA GLY D 241 -7.68 -26.99 -2.68
C GLY D 241 -7.57 -28.42 -2.20
N TYR D 242 -8.71 -29.10 -2.28
CA TYR D 242 -8.78 -30.50 -1.87
C TYR D 242 -8.04 -31.39 -2.85
N GLY D 243 -7.61 -32.55 -2.36
CA GLY D 243 -7.02 -33.56 -3.21
C GLY D 243 -7.94 -34.74 -3.38
N ASP D 244 -7.65 -35.84 -2.70
CA ASP D 244 -8.53 -37.00 -2.66
C ASP D 244 -9.38 -37.04 -1.40
N MET D 245 -9.28 -36.04 -0.53
CA MET D 245 -10.00 -35.98 0.74
C MET D 245 -11.00 -34.84 0.68
N VAL D 246 -12.28 -35.18 0.66
CA VAL D 246 -13.35 -34.19 0.73
C VAL D 246 -14.33 -34.63 1.81
N PRO D 247 -14.98 -33.70 2.52
CA PRO D 247 -15.91 -34.10 3.57
C PRO D 247 -17.07 -34.92 3.05
N ASN D 248 -17.48 -35.91 3.84
CA ASN D 248 -18.64 -36.73 3.52
C ASN D 248 -19.93 -36.21 4.17
N THR D 249 -19.82 -35.32 5.15
CA THR D 249 -20.97 -34.79 5.86
C THR D 249 -20.95 -33.26 5.80
N TYR D 250 -22.02 -32.65 6.30
CA TYR D 250 -22.13 -31.20 6.29
C TYR D 250 -21.26 -30.54 7.35
N CYS D 251 -20.98 -31.25 8.44
CA CYS D 251 -20.11 -30.70 9.49
C CYS D 251 -18.72 -30.40 8.96
N GLY D 252 -18.13 -31.36 8.24
CA GLY D 252 -16.81 -31.14 7.67
C GLY D 252 -16.80 -30.01 6.65
N LYS D 253 -17.83 -29.94 5.82
CA LYS D 253 -17.92 -28.86 4.83
C LYS D 253 -18.03 -27.50 5.51
N GLY D 254 -18.82 -27.41 6.57
CA GLY D 254 -18.92 -26.14 7.29
C GLY D 254 -17.60 -25.75 7.94
N VAL D 255 -16.91 -26.71 8.57
CA VAL D 255 -15.63 -26.40 9.19
C VAL D 255 -14.63 -25.95 8.13
N CYS D 256 -14.62 -26.61 6.97
CA CYS D 256 -13.73 -26.22 5.89
C CYS D 256 -14.05 -24.80 5.41
N LEU D 257 -15.34 -24.47 5.32
CA LEU D 257 -15.72 -23.12 4.90
C LEU D 257 -15.22 -22.07 5.88
N LEU D 258 -15.38 -22.33 7.19
CA LEU D 258 -14.88 -21.39 8.20
C LEU D 258 -13.35 -21.25 8.12
N THR D 259 -12.65 -22.37 7.97
CA THR D 259 -11.18 -22.31 7.89
C THR D 259 -10.74 -21.53 6.65
N GLY D 260 -11.41 -21.75 5.52
CA GLY D 260 -11.07 -21.01 4.31
C GLY D 260 -11.33 -19.51 4.46
N ILE D 261 -12.46 -19.16 5.09
CA ILE D 261 -12.77 -17.74 5.29
C ILE D 261 -11.71 -17.10 6.19
N MET D 262 -11.30 -17.80 7.26
CA MET D 262 -10.27 -17.24 8.14
C MET D 262 -8.94 -17.09 7.42
N GLY D 263 -8.54 -18.11 6.65
CA GLY D 263 -7.27 -18.07 5.95
C GLY D 263 -7.24 -17.08 4.81
N ALA D 264 -8.40 -16.68 4.30
CA ALA D 264 -8.44 -15.66 3.25
C ALA D 264 -7.93 -14.31 3.74
N GLY D 265 -7.89 -14.10 5.06
CA GLY D 265 -7.40 -12.85 5.61
C GLY D 265 -6.14 -13.01 6.46
N CYS D 266 -6.01 -14.17 7.12
CA CYS D 266 -4.83 -14.40 7.95
C CYS D 266 -3.56 -14.37 7.12
N THR D 267 -3.59 -15.00 5.93
CA THR D 267 -2.40 -15.02 5.08
C THR D 267 -2.02 -13.62 4.63
N ALA D 268 -3.02 -12.80 4.25
CA ALA D 268 -2.73 -11.44 3.82
C ALA D 268 -2.13 -10.61 4.96
N LEU D 269 -2.69 -10.75 6.17
CA LEU D 269 -2.14 -10.02 7.31
C LEU D 269 -0.71 -10.45 7.60
N VAL D 270 -0.44 -11.76 7.54
CA VAL D 270 0.92 -12.24 7.80
C VAL D 270 1.88 -11.73 6.73
N VAL D 271 1.44 -11.70 5.46
CA VAL D 271 2.28 -11.18 4.39
C VAL D 271 2.60 -9.72 4.62
N ALA D 272 1.59 -8.93 5.01
CA ALA D 272 1.84 -7.52 5.29
C ALA D 272 2.84 -7.35 6.43
N VAL D 273 2.71 -8.15 7.50
CA VAL D 273 3.62 -8.04 8.64
C VAL D 273 5.04 -8.39 8.22
N VAL D 274 5.22 -9.48 7.47
CA VAL D 274 6.57 -9.88 7.09
C VAL D 274 7.15 -8.96 6.02
N ALA D 275 6.31 -8.24 5.28
CA ALA D 275 6.82 -7.23 4.36
C ALA D 275 7.26 -5.98 5.10
N ARG D 276 6.54 -5.60 6.16
CA ARG D 276 6.95 -4.46 6.96
C ARG D 276 8.20 -4.76 7.78
N LYS D 277 8.40 -6.02 8.16
CA LYS D 277 9.54 -6.38 9.02
C LYS D 277 10.88 -6.31 8.30
N LEU D 278 10.90 -6.14 6.97
CA LEU D 278 12.14 -6.14 6.20
C LEU D 278 12.62 -4.74 5.85
N GLU D 279 12.04 -3.70 6.47
CA GLU D 279 12.38 -2.32 6.14
C GLU D 279 13.48 -1.80 7.06
N LEU D 280 14.41 -1.05 6.49
CA LEU D 280 15.47 -0.43 7.26
C LEU D 280 14.93 0.73 8.11
N THR D 281 15.60 0.98 9.23
CA THR D 281 15.23 2.10 10.09
C THR D 281 15.93 3.38 9.61
N LYS D 282 15.73 4.47 10.36
CA LYS D 282 16.31 5.75 9.98
C LYS D 282 17.82 5.77 10.22
N ALA D 283 18.25 5.27 11.37
CA ALA D 283 19.68 5.25 11.68
C ALA D 283 20.45 4.34 10.74
N GLU D 284 19.85 3.22 10.32
CA GLU D 284 20.49 2.35 9.36
C GLU D 284 20.54 2.98 7.97
N LYS D 285 19.49 3.72 7.60
CA LYS D 285 19.50 4.45 6.33
C LYS D 285 20.60 5.50 6.30
N HIS D 286 20.80 6.19 7.42
CA HIS D 286 21.83 7.22 7.49
C HIS D 286 23.23 6.66 7.26
N VAL D 287 23.44 5.37 7.52
CA VAL D 287 24.74 4.74 7.26
C VAL D 287 24.78 4.12 5.87
N HIS D 288 23.65 3.57 5.41
CA HIS D 288 23.60 2.98 4.08
C HIS D 288 23.83 4.03 3.00
N ASN D 289 23.34 5.26 3.22
CA ASN D 289 23.57 6.33 2.25
C ASN D 289 25.05 6.63 2.10
N PHE D 290 25.76 6.72 3.23
CA PHE D 290 27.21 6.94 3.20
C PHE D 290 27.91 5.78 2.52
N MET D 291 27.48 4.55 2.81
CA MET D 291 28.10 3.37 2.21
C MET D 291 27.95 3.40 0.69
N MET D 292 26.78 3.80 0.19
CA MET D 292 26.58 3.85 -1.26
C MET D 292 27.36 4.99 -1.89
N ASP D 293 27.41 6.15 -1.23
CA ASP D 293 28.11 7.30 -1.79
C ASP D 293 29.60 7.03 -1.91
N THR D 294 30.20 6.41 -0.89
CA THR D 294 31.64 6.17 -0.92
C THR D 294 32.06 5.21 -2.03
N GLN D 295 31.13 4.40 -2.55
CA GLN D 295 31.40 3.54 -3.69
C GLN D 295 31.11 4.24 -5.01
N LEU D 296 30.02 5.01 -5.05
CA LEU D 296 29.67 5.72 -6.27
C LEU D 296 30.74 6.73 -6.68
N THR D 297 31.39 7.37 -5.70
CA THR D 297 32.47 8.30 -6.03
C THR D 297 33.61 7.60 -6.77
N LYS D 298 34.05 6.45 -6.25
CA LYS D 298 35.11 5.69 -6.91
C LYS D 298 34.68 5.24 -8.30
N ARG D 299 33.44 4.76 -8.43
CA ARG D 299 32.96 4.33 -9.74
C ARG D 299 32.97 5.48 -10.73
N VAL D 300 32.54 6.67 -10.30
CA VAL D 300 32.53 7.83 -11.18
C VAL D 300 33.94 8.19 -11.64
N LYS D 301 34.90 8.20 -10.71
CA LYS D 301 36.28 8.53 -11.09
C LYS D 301 36.84 7.51 -12.07
N ASN D 302 36.61 6.22 -11.80
CA ASN D 302 37.11 5.18 -12.69
C ASN D 302 36.50 5.30 -14.09
N ALA D 303 35.20 5.61 -14.16
CA ALA D 303 34.56 5.80 -15.46
C ALA D 303 35.08 7.05 -16.16
N ALA D 304 35.44 8.08 -15.41
CA ALA D 304 35.87 9.33 -16.02
C ALA D 304 37.28 9.25 -16.58
N ALA D 305 38.15 8.43 -15.99
CA ALA D 305 39.53 8.35 -16.47
C ALA D 305 39.61 7.82 -17.91
N ASN D 306 38.77 6.83 -18.24
CA ASN D 306 38.88 6.16 -19.53
C ASN D 306 38.56 7.09 -20.70
N VAL D 307 37.64 8.04 -20.50
CA VAL D 307 37.30 8.97 -21.58
C VAL D 307 38.53 9.78 -21.97
N LEU D 308 39.26 10.26 -20.97
CA LEU D 308 40.48 11.01 -21.24
C LEU D 308 41.54 10.13 -21.91
N ARG D 309 41.69 8.90 -21.43
CA ARG D 309 42.66 8.00 -22.04
C ARG D 309 42.37 7.80 -23.53
N GLU D 310 41.12 7.49 -23.86
CA GLU D 310 40.78 7.21 -25.26
C GLU D 310 40.84 8.47 -26.12
N THR D 311 40.42 9.62 -25.58
CA THR D 311 40.48 10.84 -26.39
C THR D 311 41.91 11.32 -26.60
N TRP D 312 42.86 10.87 -25.77
CA TRP D 312 44.26 11.14 -26.09
C TRP D 312 44.81 10.12 -27.10
N LEU D 313 44.45 8.85 -26.95
CA LEU D 313 44.97 7.82 -27.84
C LEU D 313 44.50 8.05 -29.27
N ILE D 314 43.24 8.47 -29.45
CA ILE D 314 42.72 8.71 -30.79
C ILE D 314 43.53 9.80 -31.48
N TYR D 315 43.77 10.91 -30.78
CA TYR D 315 44.55 12.00 -31.37
C TYR D 315 45.96 11.56 -31.67
N LYS D 316 46.58 10.79 -30.77
CA LYS D 316 47.93 10.29 -31.03
C LYS D 316 47.96 9.48 -32.33
N ASN D 317 47.06 8.52 -32.46
CA ASN D 317 47.08 7.63 -33.62
C ASN D 317 46.64 8.32 -34.91
N THR D 318 45.89 9.43 -34.82
CA THR D 318 45.43 10.09 -36.03
C THR D 318 46.32 11.25 -36.45
N LYS D 319 47.19 11.77 -35.58
CA LYS D 319 48.00 12.91 -35.97
C LYS D 319 49.46 12.83 -35.54
N LEU D 320 49.94 11.66 -35.09
CA LEU D 320 51.35 11.54 -34.73
C LEU D 320 52.08 10.49 -35.54
N VAL D 321 51.50 9.29 -35.69
CA VAL D 321 52.18 8.21 -36.39
C VAL D 321 52.32 8.53 -37.86
N LYS D 322 53.48 8.20 -38.43
CA LYS D 322 53.72 8.45 -39.86
C LYS D 322 52.76 7.67 -40.73
N LYS D 323 52.51 6.40 -40.39
CA LYS D 323 51.58 5.55 -41.11
C LYS D 323 50.31 5.38 -40.30
N ILE D 324 49.17 5.61 -40.93
CA ILE D 324 47.88 5.58 -40.24
C ILE D 324 47.33 4.16 -40.30
N ASP D 325 47.19 3.54 -39.13
CA ASP D 325 46.57 2.22 -39.01
C ASP D 325 45.10 2.42 -38.67
N HIS D 326 44.21 2.09 -39.61
CA HIS D 326 42.80 2.42 -39.47
C HIS D 326 42.12 1.61 -38.39
N ALA D 327 42.48 0.34 -38.23
CA ALA D 327 41.86 -0.49 -37.20
C ALA D 327 42.16 0.04 -35.81
N LYS D 328 43.41 0.46 -35.57
CA LYS D 328 43.81 1.03 -34.30
C LYS D 328 43.05 2.32 -34.00
N VAL D 329 42.61 3.03 -35.02
CA VAL D 329 41.80 4.23 -34.80
C VAL D 329 40.34 3.89 -34.54
N ARG D 330 39.76 2.98 -35.32
CA ARG D 330 38.36 2.61 -35.16
C ARG D 330 38.08 1.90 -33.84
N LYS D 331 39.00 1.04 -33.37
CA LYS D 331 38.81 0.40 -32.07
C LYS D 331 38.75 1.45 -30.96
N HIS D 332 39.65 2.43 -31.00
CA HIS D 332 39.63 3.49 -30.00
C HIS D 332 38.40 4.38 -30.13
N GLN D 333 37.92 4.59 -31.36
CA GLN D 333 36.69 5.37 -31.53
C GLN D 333 35.48 4.63 -30.97
N ARG D 334 35.48 3.30 -31.03
CA ARG D 334 34.40 2.54 -30.39
C ARG D 334 34.52 2.59 -28.87
N LYS D 335 35.73 2.42 -28.35
CA LYS D 335 35.94 2.46 -26.91
C LYS D 335 35.63 3.84 -26.32
N PHE D 336 35.85 4.90 -27.10
CA PHE D 336 35.50 6.24 -26.65
C PHE D 336 34.00 6.36 -26.41
N LEU D 337 33.20 5.87 -27.36
CA LEU D 337 31.74 5.91 -27.19
C LEU D 337 31.30 5.05 -26.02
N GLN D 338 31.93 3.87 -25.85
CA GLN D 338 31.59 3.03 -24.70
C GLN D 338 31.88 3.74 -23.38
N ALA D 339 33.04 4.38 -23.30
CA ALA D 339 33.40 5.10 -22.08
C ALA D 339 32.46 6.27 -21.83
N ILE D 340 32.07 6.99 -22.88
CA ILE D 340 31.14 8.10 -22.73
C ILE D 340 29.80 7.61 -22.20
N HIS D 341 29.31 6.50 -22.75
CA HIS D 341 28.04 5.94 -22.27
C HIS D 341 28.14 5.48 -20.82
N GLN D 342 29.26 4.86 -20.45
CA GLN D 342 29.43 4.45 -19.05
C GLN D 342 29.46 5.66 -18.12
N LEU D 343 30.16 6.72 -18.52
CA LEU D 343 30.23 7.92 -17.69
C LEU D 343 28.85 8.56 -17.54
N ARG D 344 28.07 8.61 -18.62
CA ARG D 344 26.73 9.17 -18.51
C ARG D 344 25.81 8.28 -17.68
N SER D 345 26.02 6.97 -17.71
CA SER D 345 25.16 6.06 -16.95
C SER D 345 25.46 6.11 -15.46
N VAL D 346 26.74 6.24 -15.08
CA VAL D 346 27.10 6.17 -13.67
C VAL D 346 26.77 7.44 -12.90
N LYS D 347 26.19 8.46 -13.54
CA LYS D 347 25.87 9.71 -12.88
C LYS D 347 24.38 9.91 -12.67
N MET D 348 23.54 8.93 -13.00
CA MET D 348 22.12 9.01 -12.70
C MET D 348 21.78 8.41 -11.34
N GLU D 349 22.51 7.40 -10.90
CA GLU D 349 22.36 6.87 -9.55
C GLU D 349 22.73 7.90 -8.49
N GLN D 350 23.72 8.75 -8.77
CA GLN D 350 24.10 9.83 -7.86
C GLN D 350 22.99 10.85 -7.65
N ARG D 351 22.09 11.01 -8.62
CA ARG D 351 20.92 11.86 -8.45
C ARG D 351 19.74 11.11 -7.86
N LYS D 352 19.57 9.83 -8.21
CA LYS D 352 18.51 9.03 -7.60
C LYS D 352 18.71 8.92 -6.09
N LEU D 353 19.95 8.69 -5.65
CA LEU D 353 20.23 8.58 -4.23
C LEU D 353 19.90 9.88 -3.49
N ASN D 354 20.29 11.02 -4.06
CA ASN D 354 19.98 12.30 -3.44
C ASN D 354 18.48 12.56 -3.39
N ASP D 355 17.77 12.24 -4.47
CA ASP D 355 16.33 12.45 -4.50
C ASP D 355 15.63 11.59 -3.46
N GLN D 356 16.04 10.32 -3.32
CA GLN D 356 15.41 9.45 -2.35
C GLN D 356 15.88 9.70 -0.92
N ALA D 357 17.00 10.40 -0.73
CA ALA D 357 17.48 10.72 0.60
C ALA D 357 16.98 12.07 1.11
N ASN D 358 16.60 12.98 0.22
CA ASN D 358 16.13 14.29 0.64
C ASN D 358 14.74 14.25 1.28
N THR D 359 14.06 13.11 1.27
CA THR D 359 12.72 13.01 1.81
C THR D 359 12.70 12.61 3.29
N LEU D 360 13.86 12.51 3.93
CA LEU D 360 13.94 12.07 5.32
C LEU D 360 13.99 13.23 6.31
N VAL D 361 13.84 14.47 5.84
CA VAL D 361 13.92 15.62 6.73
C VAL D 361 12.68 15.69 7.61
N ASP D 362 12.90 15.93 8.91
CA ASP D 362 11.79 15.97 9.85
C ASP D 362 10.84 17.13 9.57
N LEU D 363 11.39 18.30 9.26
CA LEU D 363 10.66 19.53 8.91
C LEU D 363 9.86 20.12 10.06
N ALA D 364 10.06 19.64 11.29
CA ALA D 364 9.36 20.16 12.46
C ALA D 364 10.26 20.89 13.44
N LYS D 365 11.47 20.38 13.66
CA LYS D 365 12.41 21.05 14.55
C LYS D 365 12.79 22.43 14.01
N THR D 366 13.10 22.50 12.71
CA THR D 366 13.38 23.79 12.08
C THR D 366 12.14 24.67 12.09
N GLN D 367 10.97 24.06 11.92
CA GLN D 367 9.71 24.80 12.00
C GLN D 367 9.59 25.53 13.33
N ASN D 368 9.80 24.79 14.44
CA ASN D 368 9.69 25.39 15.76
C ASN D 368 10.80 26.40 16.02
N ILE D 369 12.01 26.13 15.54
CA ILE D 369 13.11 27.07 15.74
C ILE D 369 12.81 28.40 15.05
N MET D 370 12.34 28.32 13.79
CA MET D 370 11.98 29.54 13.07
C MET D 370 10.82 30.25 13.74
N TYR D 371 9.86 29.49 14.28
CA TYR D 371 8.75 30.12 15.00
C TYR D 371 9.25 30.90 16.20
N ASP D 372 10.18 30.31 16.96
CA ASP D 372 10.74 31.00 18.12
C ASP D 372 11.50 32.26 17.70
N MET D 373 12.29 32.17 16.63
CA MET D 373 13.03 33.35 16.18
C MET D 373 12.09 34.45 15.70
N ILE D 374 11.04 34.09 14.96
CA ILE D 374 10.09 35.09 14.47
C ILE D 374 9.34 35.72 15.64
N SER D 375 8.99 34.92 16.64
CA SER D 375 8.33 35.47 17.83
C SER D 375 9.24 36.45 18.56
N ASP D 376 10.54 36.10 18.68
CA ASP D 376 11.48 37.01 19.31
C ASP D 376 11.63 38.30 18.54
N LEU D 377 11.68 38.22 17.20
CA LEU D 377 11.75 39.42 16.39
C LEU D 377 10.49 40.27 16.53
N ASN D 378 9.32 39.65 16.57
CA ASN D 378 8.08 40.39 16.75
C ASN D 378 8.05 41.08 18.11
N GLU D 379 8.49 40.39 19.15
CA GLU D 379 8.53 40.97 20.50
C GLU D 379 9.83 41.76 20.66
N ARG D 380 9.91 42.87 19.94
CA ARG D 380 11.09 43.72 19.96
C ARG D 380 11.23 44.42 21.31
N LEU E 1 -40.88 29.71 -3.68
CA LEU E 1 -39.91 28.87 -2.97
C LEU E 1 -40.56 28.22 -1.75
N THR E 2 -40.35 26.91 -1.62
CA THR E 2 -40.90 26.16 -0.48
C THR E 2 -40.21 26.59 0.81
N GLU E 3 -40.97 26.56 1.91
CA GLU E 3 -40.43 26.92 3.21
C GLU E 3 -39.29 26.00 3.61
N GLU E 4 -39.32 24.74 3.15
CA GLU E 4 -38.19 23.86 3.37
C GLU E 4 -36.94 24.38 2.68
N GLN E 5 -37.09 24.91 1.45
CA GLN E 5 -35.98 25.52 0.74
C GLN E 5 -35.54 26.84 1.38
N ILE E 6 -36.32 27.38 2.31
CA ILE E 6 -35.90 28.58 3.04
C ILE E 6 -35.19 28.22 4.35
N ALA E 7 -35.64 27.15 5.02
CA ALA E 7 -34.86 26.60 6.13
C ALA E 7 -33.51 26.11 5.64
N GLU E 8 -33.48 25.53 4.44
CA GLU E 8 -32.22 25.33 3.73
C GLU E 8 -31.73 26.68 3.19
N PHE E 9 -30.40 26.76 3.03
CA PHE E 9 -29.63 27.97 2.77
C PHE E 9 -29.58 28.83 4.03
N LYS E 10 -30.48 28.56 4.98
CA LYS E 10 -30.41 29.21 6.28
C LYS E 10 -29.60 28.38 7.26
N GLU E 11 -29.79 27.06 7.22
CA GLU E 11 -28.88 26.16 7.91
C GLU E 11 -27.45 26.28 7.39
N ALA E 12 -27.27 26.83 6.19
CA ALA E 12 -25.95 27.09 5.62
C ALA E 12 -25.44 28.49 5.95
N PHE E 13 -26.32 29.50 5.93
CA PHE E 13 -25.94 30.82 6.41
C PHE E 13 -25.49 30.76 7.87
N SER E 14 -26.08 29.88 8.67
CA SER E 14 -25.61 29.68 10.03
C SER E 14 -24.18 29.15 10.04
N LEU E 15 -23.86 28.25 9.10
CA LEU E 15 -22.50 27.72 9.03
C LEU E 15 -21.51 28.81 8.62
N PHE E 16 -21.82 29.54 7.55
CA PHE E 16 -20.91 30.59 7.08
C PHE E 16 -20.79 31.72 8.10
N ASP E 17 -21.91 32.13 8.70
CA ASP E 17 -21.94 33.26 9.62
C ASP E 17 -21.73 32.75 11.04
N LYS E 18 -20.50 32.81 11.52
CA LYS E 18 -20.19 32.45 12.89
C LYS E 18 -20.33 33.67 13.80
N ASP E 19 -20.43 33.40 15.10
CA ASP E 19 -20.56 34.41 16.14
C ASP E 19 -21.80 35.28 15.92
N GLY E 20 -22.81 34.76 15.23
CA GLY E 20 -23.99 35.56 14.95
C GLY E 20 -23.65 36.78 14.12
N ASP E 21 -24.20 37.92 14.53
CA ASP E 21 -24.08 39.24 13.91
C ASP E 21 -24.76 39.33 12.54
N GLY E 22 -25.28 38.23 12.01
CA GLY E 22 -26.02 38.25 10.77
C GLY E 22 -25.24 38.72 9.56
N THR E 23 -23.91 38.72 9.67
CA THR E 23 -23.04 39.21 8.60
C THR E 23 -21.90 38.23 8.39
N ILE E 24 -21.52 38.04 7.13
CA ILE E 24 -20.39 37.21 6.73
C ILE E 24 -19.30 38.15 6.23
N THR E 25 -18.12 38.08 6.85
CA THR E 25 -16.99 38.91 6.48
C THR E 25 -15.91 38.05 5.83
N THR E 26 -14.81 38.70 5.46
CA THR E 26 -13.70 37.99 4.83
C THR E 26 -13.07 36.98 5.78
N LYS E 27 -12.92 37.35 7.05
CA LYS E 27 -12.28 36.46 8.02
C LYS E 27 -13.10 35.19 8.23
N GLU E 28 -14.42 35.33 8.37
CA GLU E 28 -15.27 34.16 8.58
C GLU E 28 -15.24 33.24 7.37
N LEU E 29 -15.31 33.81 6.16
CA LEU E 29 -15.24 32.99 4.95
C LEU E 29 -13.89 32.28 4.84
N GLY E 30 -12.81 32.99 5.15
CA GLY E 30 -11.50 32.37 5.14
C GLY E 30 -11.39 31.23 6.14
N THR E 31 -11.94 31.41 7.33
CA THR E 31 -11.90 30.36 8.35
C THR E 31 -12.68 29.14 7.90
N VAL E 32 -13.91 29.34 7.40
CA VAL E 32 -14.73 28.21 7.00
C VAL E 32 -14.12 27.50 5.78
N MET E 33 -13.45 28.24 4.90
CA MET E 33 -12.83 27.60 3.74
C MET E 33 -11.53 26.88 4.13
N ARG E 34 -10.79 27.39 5.11
CA ARG E 34 -9.60 26.70 5.58
C ARG E 34 -9.94 25.48 6.41
N SER E 35 -11.11 25.47 7.05
CA SER E 35 -11.55 24.28 7.77
C SER E 35 -11.77 23.09 6.86
N LEU E 36 -11.96 23.33 5.56
CA LEU E 36 -12.15 22.27 4.59
C LEU E 36 -10.86 21.85 3.89
N GLY E 37 -9.73 22.46 4.24
CA GLY E 37 -8.46 22.17 3.63
C GLY E 37 -8.00 23.16 2.58
N GLN E 38 -8.91 23.98 2.06
CA GLN E 38 -8.54 24.98 1.08
C GLN E 38 -7.73 26.10 1.71
N ASN E 39 -6.86 26.72 0.92
CA ASN E 39 -6.01 27.81 1.38
C ASN E 39 -6.11 28.98 0.42
N PRO E 40 -7.23 29.70 0.42
CA PRO E 40 -7.36 30.88 -0.44
C PRO E 40 -6.45 32.01 0.04
N THR E 41 -6.02 32.83 -0.90
CA THR E 41 -5.24 34.02 -0.57
C THR E 41 -6.19 35.19 -0.30
N GLU E 42 -5.62 36.37 -0.04
CA GLU E 42 -6.47 37.54 0.23
C GLU E 42 -7.19 38.01 -1.03
N ALA E 43 -6.49 38.01 -2.16
CA ALA E 43 -7.12 38.46 -3.41
C ALA E 43 -8.27 37.55 -3.81
N GLU E 44 -8.08 36.23 -3.69
CA GLU E 44 -9.14 35.30 -4.04
C GLU E 44 -10.35 35.45 -3.13
N LEU E 45 -10.12 35.61 -1.82
CA LEU E 45 -11.23 35.82 -0.89
C LEU E 45 -11.97 37.13 -1.21
N GLN E 46 -11.22 38.18 -1.52
CA GLN E 46 -11.84 39.46 -1.85
C GLN E 46 -12.68 39.34 -3.12
N ASP E 47 -12.16 38.62 -4.13
CA ASP E 47 -12.93 38.43 -5.36
C ASP E 47 -14.19 37.61 -5.11
N MET E 48 -14.07 36.55 -4.28
CA MET E 48 -15.23 35.73 -3.97
C MET E 48 -16.31 36.53 -3.26
N ILE E 49 -15.91 37.38 -2.30
CA ILE E 49 -16.89 38.17 -1.58
C ILE E 49 -17.41 39.34 -2.42
N ASN E 50 -16.66 39.78 -3.43
CA ASN E 50 -17.13 40.82 -4.32
C ASN E 50 -18.12 40.30 -5.35
N GLU E 51 -17.94 39.05 -5.80
CA GLU E 51 -18.84 38.48 -6.80
C GLU E 51 -20.27 38.29 -6.30
N VAL E 52 -20.50 38.39 -4.99
CA VAL E 52 -21.82 38.18 -4.42
C VAL E 52 -22.40 39.49 -3.87
N ASP E 53 -21.56 40.32 -3.27
CA ASP E 53 -22.04 41.55 -2.66
C ASP E 53 -22.60 42.52 -3.71
N ALA E 54 -23.76 43.10 -3.40
CA ALA E 54 -24.36 44.12 -4.25
C ALA E 54 -24.63 45.42 -3.51
N ASP E 55 -24.62 45.41 -2.18
CA ASP E 55 -24.86 46.63 -1.42
C ASP E 55 -23.70 47.60 -1.51
N GLY E 56 -22.49 47.09 -1.73
CA GLY E 56 -21.29 47.88 -1.53
C GLY E 56 -20.87 47.99 -0.08
N ASN E 57 -21.56 47.30 0.83
CA ASN E 57 -21.26 47.35 2.25
C ASN E 57 -20.01 46.56 2.63
N GLY E 58 -19.58 45.63 1.78
CA GLY E 58 -18.48 44.75 2.10
C GLY E 58 -18.86 43.49 2.85
N THR E 59 -20.13 43.33 3.20
CA THR E 59 -20.60 42.16 3.92
C THR E 59 -21.78 41.55 3.17
N ILE E 60 -21.93 40.23 3.31
CA ILE E 60 -22.97 39.47 2.64
C ILE E 60 -24.12 39.24 3.60
N ASP E 61 -25.34 39.30 3.09
CA ASP E 61 -26.55 39.09 3.87
C ASP E 61 -27.39 37.98 3.25
N PHE E 62 -28.37 37.52 4.02
CA PHE E 62 -29.24 36.45 3.55
C PHE E 62 -30.01 36.80 2.27
N PRO E 63 -30.58 38.00 2.12
CA PRO E 63 -31.12 38.35 0.79
C PRO E 63 -30.09 38.34 -0.31
N GLU E 64 -28.85 38.74 -0.01
CA GLU E 64 -27.76 38.64 -0.99
C GLU E 64 -27.29 37.20 -1.18
N PHE E 65 -27.75 36.28 -0.34
CA PHE E 65 -27.41 34.87 -0.41
C PHE E 65 -28.42 34.07 -1.24
N LEU E 66 -29.70 34.35 -1.05
CA LEU E 66 -30.77 33.67 -1.76
C LEU E 66 -30.81 34.00 -3.24
N THR E 67 -30.33 35.18 -3.65
CA THR E 67 -30.35 35.56 -5.05
C THR E 67 -29.31 34.84 -5.89
N MET E 68 -28.31 34.23 -5.25
CA MET E 68 -27.32 33.42 -5.94
C MET E 68 -27.50 31.93 -5.69
N MET E 69 -27.97 31.54 -4.51
CA MET E 69 -28.22 30.13 -4.24
C MET E 69 -29.43 29.60 -4.99
N ALA E 70 -30.32 30.48 -5.47
CA ALA E 70 -31.47 30.07 -6.26
C ALA E 70 -31.18 30.12 -7.75
N ARG E 71 -29.99 30.59 -8.15
CA ARG E 71 -29.59 30.58 -9.55
C ARG E 71 -28.49 29.58 -9.85
N LYS E 72 -27.48 29.44 -8.99
CA LYS E 72 -26.47 28.42 -9.19
C LYS E 72 -26.99 27.01 -8.91
N MET E 73 -28.16 26.89 -8.30
CA MET E 73 -28.71 25.58 -7.97
C MET E 73 -29.03 24.79 -9.23
N LYS E 74 -29.64 25.43 -10.23
CA LYS E 74 -30.10 24.75 -11.43
C LYS E 74 -29.69 25.56 -12.66
N ASP E 75 -30.22 25.14 -13.81
CA ASP E 75 -29.99 25.79 -15.10
C ASP E 75 -28.52 25.75 -15.51
N THR E 76 -28.22 26.32 -16.68
CA THR E 76 -26.85 26.36 -17.21
C THR E 76 -26.72 27.66 -18.00
N ASP E 77 -26.11 28.68 -17.39
CA ASP E 77 -25.99 29.98 -18.02
C ASP E 77 -25.03 29.92 -19.20
N SER E 78 -25.57 30.19 -20.40
CA SER E 78 -24.72 30.19 -21.59
C SER E 78 -23.89 31.46 -21.67
N GLU E 79 -24.39 32.56 -21.11
CA GLU E 79 -23.69 33.83 -21.11
C GLU E 79 -22.47 33.85 -20.20
N GLU E 80 -22.39 32.94 -19.23
CA GLU E 80 -21.24 32.82 -18.35
C GLU E 80 -20.18 31.90 -18.94
N GLU E 81 -20.48 31.22 -20.04
CA GLU E 81 -19.57 30.31 -20.70
C GLU E 81 -19.10 30.78 -22.07
N ILE E 82 -19.94 31.51 -22.80
CA ILE E 82 -19.47 32.16 -24.02
C ILE E 82 -18.36 33.15 -23.70
N ARG E 83 -18.49 33.86 -22.57
CA ARG E 83 -17.44 34.77 -22.15
C ARG E 83 -16.15 34.03 -21.81
N GLU E 84 -16.26 32.86 -21.18
CA GLU E 84 -15.07 32.05 -20.93
C GLU E 84 -14.41 31.60 -22.22
N ALA E 85 -15.23 31.16 -23.20
CA ALA E 85 -14.68 30.77 -24.50
C ALA E 85 -13.99 31.95 -25.18
N PHE E 86 -14.55 33.15 -25.04
CA PHE E 86 -13.92 34.34 -25.61
C PHE E 86 -12.59 34.64 -24.93
N ARG E 87 -12.56 34.63 -23.59
CA ARG E 87 -11.37 35.00 -22.84
C ARG E 87 -10.32 33.92 -22.82
N VAL E 88 -10.62 32.72 -23.32
CA VAL E 88 -9.58 31.71 -23.50
C VAL E 88 -8.46 32.23 -24.38
N PHE E 89 -8.81 32.95 -25.45
CA PHE E 89 -7.84 33.52 -26.36
C PHE E 89 -7.40 34.93 -25.97
N ASP E 90 -7.92 35.47 -24.87
CA ASP E 90 -7.53 36.80 -24.39
C ASP E 90 -6.58 36.60 -23.22
N LYS E 91 -5.30 36.48 -23.51
CA LYS E 91 -4.27 36.26 -22.50
C LYS E 91 -3.70 37.56 -21.94
N ASP E 92 -3.97 38.70 -22.58
CA ASP E 92 -3.42 39.96 -22.10
C ASP E 92 -4.00 40.33 -20.74
N GLY E 93 -5.29 40.12 -20.55
CA GLY E 93 -5.98 40.50 -19.33
C GLY E 93 -6.98 41.62 -19.51
N ASN E 94 -6.99 42.29 -20.65
CA ASN E 94 -7.94 43.35 -20.93
C ASN E 94 -9.24 42.74 -21.44
N GLY E 95 -10.14 43.59 -21.96
CA GLY E 95 -11.40 43.12 -22.47
C GLY E 95 -11.56 43.31 -23.97
N TYR E 96 -10.44 43.34 -24.69
CA TYR E 96 -10.44 43.57 -26.12
C TYR E 96 -9.74 42.42 -26.84
N ILE E 97 -10.15 42.16 -28.09
CA ILE E 97 -9.55 41.15 -28.93
C ILE E 97 -9.34 41.75 -30.32
N SER E 98 -8.16 41.52 -30.89
CA SER E 98 -7.84 42.06 -32.20
C SER E 98 -8.60 41.31 -33.29
N ALA E 99 -8.99 42.05 -34.34
CA ALA E 99 -9.78 41.46 -35.40
C ALA E 99 -9.00 40.42 -36.19
N ALA E 100 -7.70 40.68 -36.44
CA ALA E 100 -6.90 39.75 -37.22
C ALA E 100 -6.76 38.41 -36.50
N GLU E 101 -6.48 38.44 -35.20
CA GLU E 101 -6.36 37.20 -34.45
C GLU E 101 -7.70 36.46 -34.40
N LEU E 102 -8.81 37.20 -34.25
CA LEU E 102 -10.12 36.57 -34.25
C LEU E 102 -10.40 35.87 -35.57
N ARG E 103 -10.09 36.53 -36.69
CA ARG E 103 -10.28 35.91 -38.00
C ARG E 103 -9.41 34.67 -38.14
N HIS E 104 -8.15 34.76 -37.71
CA HIS E 104 -7.23 33.63 -37.85
C HIS E 104 -7.71 32.44 -37.03
N VAL E 105 -8.12 32.68 -35.78
CA VAL E 105 -8.56 31.56 -34.93
C VAL E 105 -9.88 30.99 -35.44
N MET E 106 -10.76 31.82 -36.00
CA MET E 106 -12.01 31.30 -36.52
C MET E 106 -11.81 30.53 -37.82
N THR E 107 -10.78 30.86 -38.59
CA THR E 107 -10.54 30.21 -39.88
C THR E 107 -9.47 29.14 -39.84
N ASN E 108 -8.85 28.87 -38.69
CA ASN E 108 -7.77 27.90 -38.64
C ASN E 108 -7.81 26.93 -37.46
N LEU E 109 -8.74 27.07 -36.51
CA LEU E 109 -8.74 26.24 -35.31
C LEU E 109 -10.12 25.62 -35.09
N GLY E 110 -10.36 24.48 -35.73
CA GLY E 110 -11.53 23.67 -35.42
C GLY E 110 -12.76 24.02 -36.23
N GLU E 111 -13.24 23.08 -37.04
CA GLU E 111 -14.41 23.27 -37.89
C GLU E 111 -14.31 24.59 -38.66
N LYS E 112 -13.28 24.67 -39.50
CA LYS E 112 -12.91 25.93 -40.13
C LYS E 112 -14.06 26.47 -40.98
N LEU E 113 -14.27 27.78 -40.90
CA LEU E 113 -15.28 28.46 -41.68
C LEU E 113 -14.67 29.03 -42.96
N THR E 114 -15.54 29.47 -43.87
CA THR E 114 -15.09 30.05 -45.12
C THR E 114 -14.72 31.52 -44.92
N ASP E 115 -14.04 32.07 -45.93
CA ASP E 115 -13.60 33.47 -45.84
C ASP E 115 -14.78 34.42 -45.80
N GLU E 116 -15.82 34.16 -46.59
CA GLU E 116 -16.98 35.04 -46.60
C GLU E 116 -17.70 35.04 -45.26
N GLU E 117 -17.84 33.86 -44.64
CA GLU E 117 -18.54 33.76 -43.37
C GLU E 117 -17.81 34.53 -42.27
N VAL E 118 -16.49 34.36 -42.19
CA VAL E 118 -15.73 35.07 -41.17
C VAL E 118 -15.68 36.56 -41.48
N ASP E 119 -15.66 36.94 -42.76
CA ASP E 119 -15.73 38.36 -43.10
C ASP E 119 -17.04 38.98 -42.65
N GLU E 120 -18.16 38.26 -42.85
CA GLU E 120 -19.44 38.74 -42.36
C GLU E 120 -19.46 38.83 -40.84
N MET E 121 -18.88 37.82 -40.17
CA MET E 121 -18.81 37.85 -38.71
C MET E 121 -18.04 39.06 -38.22
N ILE E 122 -16.94 39.40 -38.88
CA ILE E 122 -16.17 40.58 -38.51
C ILE E 122 -16.95 41.85 -38.78
N ARG E 123 -17.62 41.92 -39.94
CA ARG E 123 -18.30 43.16 -40.32
C ARG E 123 -19.48 43.45 -39.40
N GLU E 124 -20.18 42.42 -38.93
CA GLU E 124 -21.18 42.63 -37.89
C GLU E 124 -20.61 42.54 -36.48
N ALA E 125 -19.31 42.29 -36.33
CA ALA E 125 -18.69 42.28 -35.01
C ALA E 125 -18.07 43.62 -34.65
N ASP E 126 -17.39 44.26 -35.61
CA ASP E 126 -16.73 45.55 -35.37
C ASP E 126 -17.73 46.66 -35.65
N ILE E 127 -18.51 47.01 -34.62
CA ILE E 127 -19.48 48.08 -34.77
C ILE E 127 -18.79 49.43 -34.96
N ASP E 128 -17.72 49.67 -34.19
CA ASP E 128 -16.99 50.92 -34.30
C ASP E 128 -16.10 50.98 -35.55
N GLY E 129 -15.67 49.83 -36.06
CA GLY E 129 -14.78 49.82 -37.20
C GLY E 129 -13.38 50.29 -36.93
N ASP E 130 -12.95 50.25 -35.67
CA ASP E 130 -11.62 50.70 -35.28
C ASP E 130 -10.59 49.58 -35.26
N GLY E 131 -10.99 48.35 -35.60
CA GLY E 131 -10.06 47.24 -35.60
C GLY E 131 -9.82 46.59 -34.25
N GLN E 132 -10.61 46.92 -33.24
CA GLN E 132 -10.47 46.35 -31.90
C GLN E 132 -11.85 45.90 -31.44
N VAL E 133 -12.04 44.59 -31.36
CA VAL E 133 -13.33 44.03 -30.96
C VAL E 133 -13.41 43.97 -29.44
N ASN E 134 -14.58 44.26 -28.89
CA ASN E 134 -14.80 44.25 -27.45
C ASN E 134 -15.27 42.90 -26.94
N TYR E 135 -15.96 42.13 -27.78
CA TYR E 135 -16.46 40.79 -27.49
C TYR E 135 -17.38 40.74 -26.27
N GLU E 136 -17.74 41.89 -25.70
CA GLU E 136 -18.71 41.96 -24.61
C GLU E 136 -20.07 42.43 -25.12
N GLU E 137 -20.10 43.56 -25.81
CA GLU E 137 -21.31 43.95 -26.52
C GLU E 137 -21.64 42.95 -27.63
N PHE E 138 -20.61 42.30 -28.19
CA PHE E 138 -20.83 41.22 -29.14
C PHE E 138 -21.56 40.05 -28.52
N VAL E 139 -21.44 39.86 -27.21
CA VAL E 139 -22.19 38.83 -26.51
C VAL E 139 -23.57 39.35 -26.12
N GLN E 140 -23.66 40.60 -25.65
CA GLN E 140 -24.94 41.15 -25.25
C GLN E 140 -25.92 41.22 -26.41
N MET E 141 -25.44 41.63 -27.58
CA MET E 141 -26.32 41.77 -28.74
C MET E 141 -26.75 40.41 -29.29
N MET E 142 -25.90 39.39 -29.20
CA MET E 142 -26.16 38.11 -29.83
C MET E 142 -26.89 37.13 -28.90
N THR E 143 -26.31 36.86 -27.73
CA THR E 143 -26.92 35.89 -26.82
C THR E 143 -28.30 36.36 -26.36
N ALA E 144 -28.42 37.64 -26.01
CA ALA E 144 -29.70 38.18 -25.57
C ALA E 144 -30.55 38.64 -26.75
N LEU F 1 -6.31 6.95 49.18
CA LEU F 1 -5.54 6.20 48.20
C LEU F 1 -4.46 5.37 48.88
N THR F 2 -4.11 4.24 48.27
CA THR F 2 -3.08 3.36 48.82
C THR F 2 -1.70 3.87 48.44
N GLU F 3 -0.68 3.23 49.02
CA GLU F 3 0.70 3.65 48.78
C GLU F 3 1.12 3.40 47.33
N GLU F 4 0.66 2.30 46.74
CA GLU F 4 1.02 1.98 45.36
C GLU F 4 0.51 3.05 44.40
N GLN F 5 -0.74 3.49 44.58
CA GLN F 5 -1.28 4.53 43.71
C GLN F 5 -0.48 5.82 43.84
N ILE F 6 -0.06 6.16 45.06
CA ILE F 6 0.82 7.32 45.25
C ILE F 6 2.14 7.11 44.51
N ALA F 7 2.63 5.87 44.48
CA ALA F 7 3.86 5.58 43.76
C ALA F 7 3.71 5.83 42.26
N GLU F 8 2.62 5.31 41.65
CA GLU F 8 2.42 5.58 40.23
C GLU F 8 2.19 7.06 39.97
N PHE F 9 1.50 7.74 40.87
CA PHE F 9 1.27 9.17 40.69
C PHE F 9 2.58 9.94 40.72
N LYS F 10 3.48 9.62 41.65
CA LYS F 10 4.79 10.26 41.69
C LYS F 10 5.60 9.94 40.45
N GLU F 11 5.55 8.68 39.99
CA GLU F 11 6.27 8.31 38.79
C GLU F 11 5.78 9.10 37.58
N ALA F 12 4.47 9.27 37.45
CA ALA F 12 3.92 10.06 36.35
C ALA F 12 4.27 11.53 36.50
N PHE F 13 4.27 12.04 37.74
CA PHE F 13 4.68 13.42 37.98
C PHE F 13 6.12 13.65 37.57
N SER F 14 6.97 12.63 37.70
CA SER F 14 8.37 12.75 37.32
C SER F 14 8.57 13.05 35.84
N LEU F 15 7.65 12.59 34.98
CA LEU F 15 7.82 12.83 33.54
C LEU F 15 7.69 14.32 33.20
N PHE F 16 6.62 14.96 33.68
CA PHE F 16 6.44 16.38 33.43
C PHE F 16 7.55 17.20 34.08
N ASP F 17 7.95 16.81 35.29
CA ASP F 17 8.98 17.52 36.05
C ASP F 17 10.34 17.01 35.58
N LYS F 18 10.81 17.59 34.47
CA LYS F 18 12.00 17.05 33.81
C LYS F 18 13.28 17.41 34.54
N ASP F 19 13.59 18.71 34.61
CA ASP F 19 14.87 19.15 35.17
C ASP F 19 14.82 19.31 36.68
N GLY F 20 13.68 19.06 37.31
CA GLY F 20 13.55 19.25 38.74
C GLY F 20 12.65 20.42 39.06
N ASP F 21 13.07 21.26 40.00
CA ASP F 21 12.43 22.46 40.49
C ASP F 21 11.28 22.13 41.44
N GLY F 22 10.89 20.86 41.58
CA GLY F 22 9.72 20.50 42.34
C GLY F 22 8.43 21.09 41.75
N THR F 23 8.53 21.66 40.55
CA THR F 23 7.43 22.39 39.94
C THR F 23 7.41 22.14 38.44
N ILE F 24 6.22 22.15 37.86
CA ILE F 24 6.01 22.03 36.43
C ILE F 24 5.64 23.41 35.90
N THR F 25 6.42 23.91 34.95
CA THR F 25 6.19 25.21 34.36
C THR F 25 5.56 25.05 32.98
N THR F 26 5.30 26.18 32.32
CA THR F 26 4.69 26.14 30.99
C THR F 26 5.65 25.55 29.96
N LYS F 27 6.94 25.87 30.07
CA LYS F 27 7.91 25.34 29.11
C LYS F 27 8.04 23.83 29.22
N GLU F 28 8.10 23.31 30.46
CA GLU F 28 8.21 21.87 30.65
C GLU F 28 6.98 21.15 30.11
N LEU F 29 5.79 21.69 30.39
CA LEU F 29 4.57 21.09 29.88
C LEU F 29 4.52 21.13 28.35
N GLY F 30 4.92 22.26 27.76
CA GLY F 30 4.95 22.34 26.31
C GLY F 30 5.91 21.35 25.69
N THR F 31 7.09 21.18 26.31
CA THR F 31 8.06 20.23 25.79
C THR F 31 7.53 18.81 25.86
N VAL F 32 6.95 18.42 27.00
CA VAL F 32 6.46 17.04 27.13
C VAL F 32 5.26 16.81 26.22
N MET F 33 4.45 17.84 25.99
CA MET F 33 3.31 17.69 25.08
C MET F 33 3.78 17.56 23.63
N ARG F 34 4.75 18.38 23.22
CA ARG F 34 5.24 18.32 21.85
C ARG F 34 6.11 17.10 21.58
N SER F 35 6.66 16.47 22.62
CA SER F 35 7.38 15.22 22.42
C SER F 35 6.47 14.08 22.00
N LEU F 36 5.16 14.22 22.21
CA LEU F 36 4.18 13.20 21.82
C LEU F 36 3.57 13.45 20.45
N GLY F 37 3.99 14.52 19.76
CA GLY F 37 3.45 14.87 18.46
C GLY F 37 2.42 15.97 18.47
N GLN F 38 1.88 16.32 19.64
CA GLN F 38 0.90 17.40 19.72
C GLN F 38 1.58 18.75 19.53
N ASN F 39 0.80 19.72 19.04
CA ASN F 39 1.29 21.06 18.75
C ASN F 39 0.36 22.10 19.39
N PRO F 40 0.41 22.25 20.71
CA PRO F 40 -0.42 23.26 21.37
C PRO F 40 0.20 24.64 21.27
N THR F 41 -0.68 25.65 21.23
CA THR F 41 -0.25 27.04 21.18
C THR F 41 -0.02 27.56 22.60
N GLU F 42 0.27 28.85 22.72
CA GLU F 42 0.52 29.43 24.03
C GLU F 42 -0.78 29.57 24.84
N ALA F 43 -1.86 29.98 24.17
CA ALA F 43 -3.14 30.15 24.87
C ALA F 43 -3.65 28.82 25.40
N GLU F 44 -3.55 27.76 24.60
CA GLU F 44 -4.01 26.44 25.05
C GLU F 44 -3.18 25.94 26.23
N LEU F 45 -1.85 26.13 26.17
CA LEU F 45 -1.00 25.72 27.28
C LEU F 45 -1.34 26.50 28.54
N GLN F 46 -1.56 27.81 28.40
CA GLN F 46 -1.92 28.62 29.57
C GLN F 46 -3.26 28.18 30.16
N ASP F 47 -4.23 27.86 29.30
CA ASP F 47 -5.52 27.37 29.80
C ASP F 47 -5.36 26.04 30.51
N MET F 48 -4.56 25.14 29.95
CA MET F 48 -4.35 23.84 30.59
C MET F 48 -3.68 24.00 31.95
N ILE F 49 -2.69 24.89 32.06
CA ILE F 49 -2.02 25.07 33.34
C ILE F 49 -2.89 25.87 34.31
N ASN F 50 -3.83 26.67 33.81
CA ASN F 50 -4.74 27.41 34.69
C ASN F 50 -5.84 26.52 35.25
N GLU F 51 -6.28 25.53 34.47
CA GLU F 51 -7.33 24.63 34.95
C GLU F 51 -6.88 23.80 36.16
N VAL F 52 -5.58 23.71 36.40
CA VAL F 52 -5.05 22.93 37.52
C VAL F 52 -4.42 23.81 38.59
N ASP F 53 -3.90 24.99 38.23
CA ASP F 53 -3.24 25.85 39.20
C ASP F 53 -4.21 26.26 40.31
N ALA F 54 -3.75 26.21 41.55
CA ALA F 54 -4.58 26.50 42.71
C ALA F 54 -4.15 27.75 43.45
N ASP F 55 -2.88 27.83 43.86
CA ASP F 55 -2.43 28.94 44.70
C ASP F 55 -1.84 30.09 43.87
N GLY F 56 -2.54 30.45 42.80
CA GLY F 56 -2.17 31.59 41.96
C GLY F 56 -0.69 31.77 41.68
N ASN F 57 0.02 30.68 41.43
CA ASN F 57 1.46 30.73 41.24
C ASN F 57 1.92 30.56 39.80
N GLY F 58 1.14 29.86 38.97
CA GLY F 58 1.56 29.54 37.63
C GLY F 58 2.38 28.27 37.52
N THR F 59 2.71 27.64 38.64
CA THR F 59 3.45 26.38 38.67
C THR F 59 2.61 25.33 39.39
N ILE F 60 2.80 24.07 38.99
CA ILE F 60 2.04 22.95 39.55
C ILE F 60 2.94 22.17 40.48
N ASP F 61 2.45 21.91 41.70
CA ASP F 61 3.15 21.12 42.70
C ASP F 61 2.48 19.76 42.85
N PHE F 62 3.19 18.85 43.52
CA PHE F 62 2.61 17.53 43.79
C PHE F 62 1.35 17.59 44.64
N PRO F 63 1.25 18.40 45.71
CA PRO F 63 -0.02 18.47 46.45
C PRO F 63 -1.20 18.88 45.59
N GLU F 64 -1.00 19.80 44.64
CA GLU F 64 -2.06 20.22 43.73
C GLU F 64 -2.13 19.37 42.47
N PHE F 65 -1.19 18.44 42.28
CA PHE F 65 -1.26 17.49 41.18
C PHE F 65 -1.94 16.19 41.59
N LEU F 66 -1.86 15.82 42.87
CA LEU F 66 -2.53 14.62 43.35
C LEU F 66 -4.04 14.76 43.19
N THR F 67 -4.57 15.96 43.44
CA THR F 67 -5.98 16.22 43.18
C THR F 67 -6.23 16.27 41.67
N MET F 68 -7.49 16.03 41.31
CA MET F 68 -8.00 15.96 39.94
C MET F 68 -7.56 14.66 39.26
N MET F 69 -6.54 13.99 39.83
CA MET F 69 -6.14 12.70 39.31
C MET F 69 -6.93 11.57 39.94
N ALA F 70 -7.58 11.82 41.07
CA ALA F 70 -8.54 10.90 41.66
C ALA F 70 -9.97 11.24 41.26
N ARG F 71 -10.16 12.31 40.47
CA ARG F 71 -11.49 12.66 39.98
C ARG F 71 -11.66 12.40 38.50
N LYS F 72 -10.65 12.69 37.66
CA LYS F 72 -10.71 12.28 36.27
C LYS F 72 -10.25 10.84 36.08
N MET F 73 -10.78 9.93 36.90
CA MET F 73 -10.49 8.51 36.79
C MET F 73 -11.72 7.63 36.93
N LYS F 74 -12.78 8.09 37.59
CA LYS F 74 -14.03 7.35 37.75
C LYS F 74 -15.20 8.31 37.61
N ASP F 75 -16.41 7.76 37.64
CA ASP F 75 -17.64 8.53 37.53
C ASP F 75 -17.72 9.28 36.20
N THR F 76 -18.71 10.16 36.06
CA THR F 76 -18.90 10.92 34.84
C THR F 76 -19.00 12.42 35.02
N ASP F 77 -19.29 12.91 36.23
CA ASP F 77 -19.38 14.35 36.51
C ASP F 77 -20.39 15.02 35.59
N SER F 78 -21.68 14.67 35.76
CA SER F 78 -22.72 15.17 34.87
C SER F 78 -22.76 16.70 34.84
N GLU F 79 -22.31 17.34 35.91
CA GLU F 79 -22.24 18.80 35.98
C GLU F 79 -21.20 19.37 35.02
N GLU F 80 -20.39 18.50 34.40
CA GLU F 80 -19.44 18.91 33.38
C GLU F 80 -19.98 18.76 31.97
N GLU F 81 -20.96 17.86 31.76
CA GLU F 81 -21.61 17.74 30.46
C GLU F 81 -22.86 18.60 30.31
N ILE F 82 -23.55 18.92 31.41
CA ILE F 82 -24.67 19.86 31.31
C ILE F 82 -24.19 21.23 30.84
N ARG F 83 -23.06 21.68 31.38
CA ARG F 83 -22.51 22.96 30.95
C ARG F 83 -22.11 22.93 29.47
N GLU F 84 -21.54 21.81 29.01
CA GLU F 84 -21.24 21.67 27.59
C GLU F 84 -22.49 21.72 26.74
N ALA F 85 -23.57 21.04 27.19
CA ALA F 85 -24.82 21.07 26.46
C ALA F 85 -25.37 22.50 26.36
N PHE F 86 -25.27 23.27 27.45
CA PHE F 86 -25.65 24.68 27.37
C PHE F 86 -24.75 25.47 26.42
N ARG F 87 -23.44 25.20 26.45
CA ARG F 87 -22.52 25.96 25.61
C ARG F 87 -22.70 25.63 24.13
N VAL F 88 -23.32 24.49 23.83
CA VAL F 88 -23.58 24.12 22.44
C VAL F 88 -24.36 25.22 21.75
N PHE F 89 -25.39 25.74 22.42
CA PHE F 89 -26.24 26.78 21.85
C PHE F 89 -25.77 28.19 22.21
N ASP F 90 -24.67 28.33 22.95
CA ASP F 90 -24.12 29.63 23.30
C ASP F 90 -22.89 29.88 22.43
N LYS F 91 -23.14 30.42 21.24
CA LYS F 91 -22.08 30.69 20.28
C LYS F 91 -21.47 32.08 20.43
N ASP F 92 -22.00 32.92 21.32
CA ASP F 92 -21.50 34.27 21.49
C ASP F 92 -20.30 34.37 22.40
N GLY F 93 -19.87 33.26 23.00
CA GLY F 93 -18.77 33.31 23.94
C GLY F 93 -19.07 34.08 25.21
N ASN F 94 -20.26 33.87 25.77
CA ASN F 94 -20.68 34.60 26.97
C ASN F 94 -21.31 33.64 27.97
N GLY F 95 -21.94 34.19 29.01
CA GLY F 95 -22.53 33.37 30.05
C GLY F 95 -24.03 33.51 30.18
N TYR F 96 -24.70 33.96 29.12
CA TYR F 96 -26.14 34.16 29.12
C TYR F 96 -26.74 33.57 27.85
N ILE F 97 -28.02 33.19 27.95
CA ILE F 97 -28.77 32.65 26.82
C ILE F 97 -30.12 33.35 26.77
N SER F 98 -30.56 33.68 25.55
CA SER F 98 -31.83 34.37 25.38
C SER F 98 -33.00 33.45 25.74
N ALA F 99 -33.99 34.02 26.42
CA ALA F 99 -35.16 33.24 26.81
C ALA F 99 -35.96 32.77 25.61
N ALA F 100 -36.13 33.63 24.61
CA ALA F 100 -36.88 33.24 23.42
C ALA F 100 -36.17 32.13 22.65
N GLU F 101 -34.84 32.24 22.50
CA GLU F 101 -34.09 31.18 21.83
C GLU F 101 -34.15 29.89 22.62
N LEU F 102 -34.08 29.97 23.95
CA LEU F 102 -34.18 28.79 24.79
C LEU F 102 -35.53 28.10 24.60
N ARG F 103 -36.61 28.89 24.60
CA ARG F 103 -37.93 28.30 24.39
C ARG F 103 -38.03 27.67 23.01
N HIS F 104 -37.51 28.35 21.98
CA HIS F 104 -37.58 27.81 20.63
C HIS F 104 -36.82 26.49 20.50
N VAL F 105 -35.61 26.43 21.07
CA VAL F 105 -34.82 25.21 20.95
C VAL F 105 -35.44 24.08 21.78
N MET F 106 -36.02 24.42 22.94
CA MET F 106 -36.69 23.40 23.74
C MET F 106 -37.99 22.92 23.09
N THR F 107 -38.60 23.74 22.23
CA THR F 107 -39.87 23.39 21.63
C THR F 107 -39.74 22.68 20.29
N ASN F 108 -38.72 23.01 19.49
CA ASN F 108 -38.67 22.55 18.11
C ASN F 108 -37.38 21.78 17.77
N LEU F 109 -36.66 21.25 18.76
CA LEU F 109 -35.45 20.49 18.49
C LEU F 109 -35.36 19.29 19.42
N GLY F 110 -35.94 18.16 18.99
CA GLY F 110 -35.67 16.89 19.64
C GLY F 110 -36.54 16.63 20.85
N GLU F 111 -37.33 15.55 20.82
CA GLU F 111 -38.22 15.17 21.91
C GLU F 111 -39.01 16.38 22.41
N LYS F 112 -39.81 16.94 21.50
CA LYS F 112 -40.43 18.23 21.72
C LYS F 112 -41.34 18.21 22.94
N LEU F 113 -41.23 19.24 23.77
CA LEU F 113 -42.05 19.39 24.95
C LEU F 113 -43.31 20.20 24.64
N THR F 114 -44.22 20.24 25.61
CA THR F 114 -45.44 21.01 25.46
C THR F 114 -45.20 22.48 25.80
N ASP F 115 -46.15 23.33 25.40
CA ASP F 115 -46.02 24.76 25.64
C ASP F 115 -46.07 25.08 27.13
N GLU F 116 -46.95 24.42 27.88
CA GLU F 116 -47.08 24.70 29.30
C GLU F 116 -45.81 24.34 30.06
N GLU F 117 -45.21 23.20 29.73
CA GLU F 117 -44.01 22.76 30.44
C GLU F 117 -42.84 23.70 30.18
N VAL F 118 -42.64 24.09 28.93
CA VAL F 118 -41.55 25.02 28.62
C VAL F 118 -41.82 26.40 29.21
N ASP F 119 -43.09 26.82 29.25
CA ASP F 119 -43.41 28.09 29.89
C ASP F 119 -43.08 28.05 31.38
N GLU F 120 -43.43 26.95 32.05
CA GLU F 120 -43.09 26.81 33.47
C GLU F 120 -41.58 26.80 33.67
N MET F 121 -40.85 26.11 32.78
CA MET F 121 -39.40 26.08 32.89
C MET F 121 -38.80 27.46 32.73
N ILE F 122 -39.30 28.24 31.77
CA ILE F 122 -38.79 29.60 31.56
C ILE F 122 -39.10 30.48 32.76
N ARG F 123 -40.32 30.38 33.30
CA ARG F 123 -40.68 31.20 34.46
C ARG F 123 -39.83 30.85 35.67
N GLU F 124 -39.59 29.55 35.91
CA GLU F 124 -38.81 29.15 37.07
C GLU F 124 -37.32 29.45 36.89
N ALA F 125 -36.82 29.37 35.66
CA ALA F 125 -35.39 29.57 35.41
C ALA F 125 -35.00 31.05 35.49
N ASP F 126 -35.93 31.96 35.25
CA ASP F 126 -35.65 33.39 35.27
C ASP F 126 -35.85 33.90 36.70
N ILE F 127 -34.79 33.81 37.50
CA ILE F 127 -34.85 34.32 38.87
C ILE F 127 -35.00 35.84 38.87
N ASP F 128 -34.22 36.53 38.03
CA ASP F 128 -34.27 37.98 37.96
C ASP F 128 -35.39 38.50 37.07
N GLY F 129 -36.11 37.62 36.38
CA GLY F 129 -37.17 38.06 35.49
C GLY F 129 -36.69 38.89 34.32
N ASP F 130 -35.58 38.49 33.71
CA ASP F 130 -34.99 39.22 32.59
C ASP F 130 -34.82 38.29 31.39
N GLY F 131 -34.68 38.90 30.21
CA GLY F 131 -34.54 38.12 28.99
C GLY F 131 -33.21 37.40 28.87
N GLN F 132 -32.19 37.86 29.59
CA GLN F 132 -30.86 37.23 29.55
C GLN F 132 -30.81 36.18 30.65
N VAL F 133 -31.12 34.94 30.28
CA VAL F 133 -31.13 33.83 31.23
C VAL F 133 -29.71 33.32 31.42
N ASN F 134 -29.30 33.21 32.68
CA ASN F 134 -28.00 32.64 33.01
C ASN F 134 -28.07 31.12 33.01
N TYR F 135 -26.96 30.47 32.67
CA TYR F 135 -26.90 29.02 32.67
C TYR F 135 -25.86 28.43 33.62
N GLU F 136 -25.06 29.25 34.29
CA GLU F 136 -24.26 28.74 35.41
C GLU F 136 -25.16 28.43 36.60
N GLU F 137 -26.01 29.38 36.96
CA GLU F 137 -27.20 29.07 37.73
C GLU F 137 -28.17 28.29 36.83
N PHE F 138 -29.12 27.61 37.46
CA PHE F 138 -29.96 26.59 36.83
C PHE F 138 -29.18 25.30 36.59
N VAL F 139 -27.87 25.33 36.81
CA VAL F 139 -27.03 24.13 36.78
C VAL F 139 -26.38 23.98 38.15
N GLN F 140 -26.13 25.11 38.83
CA GLN F 140 -25.70 25.07 40.21
C GLN F 140 -26.87 25.08 41.19
N MET F 141 -28.10 25.13 40.70
CA MET F 141 -29.28 25.11 41.57
C MET F 141 -30.00 23.77 41.53
N MET F 142 -30.33 23.29 40.33
CA MET F 142 -31.05 22.03 40.21
C MET F 142 -30.13 20.84 40.48
N THR F 143 -28.90 20.89 39.99
CA THR F 143 -27.93 19.83 40.27
C THR F 143 -27.20 20.13 41.58
N ALA F 144 -27.94 19.94 42.67
CA ALA F 144 -27.43 20.20 44.00
C ALA F 144 -26.51 19.09 44.47
N LEU G 1 48.50 0.32 11.81
CA LEU G 1 47.64 0.04 10.67
C LEU G 1 48.47 -0.37 9.46
N THR G 2 47.89 -1.23 8.62
CA THR G 2 48.58 -1.71 7.43
C THR G 2 48.46 -0.69 6.30
N GLU G 3 49.08 -1.00 5.17
CA GLU G 3 49.03 -0.11 4.02
C GLU G 3 47.61 0.03 3.48
N GLU G 4 46.85 -1.06 3.47
CA GLU G 4 45.47 -1.00 2.99
C GLU G 4 44.61 -0.13 3.90
N GLN G 5 44.79 -0.24 5.21
CA GLN G 5 43.99 0.54 6.14
C GLN G 5 44.36 2.02 6.12
N ILE G 6 45.58 2.37 5.72
CA ILE G 6 45.95 3.77 5.57
C ILE G 6 45.51 4.31 4.21
N ALA G 7 45.50 3.47 3.17
CA ALA G 7 44.88 3.86 1.92
C ALA G 7 43.40 4.12 2.11
N GLU G 8 42.73 3.29 2.91
CA GLU G 8 41.41 3.62 3.39
C GLU G 8 41.49 4.74 4.43
N PHE G 9 40.32 5.34 4.69
CA PHE G 9 40.15 6.61 5.41
C PHE G 9 40.61 7.76 4.51
N LYS G 10 41.30 7.42 3.43
CA LYS G 10 41.57 8.35 2.35
C LYS G 10 40.65 8.00 1.19
N GLU G 11 40.12 9.04 0.53
CA GLU G 11 38.89 9.01 -0.23
C GLU G 11 37.67 8.91 0.69
N ALA G 12 37.88 9.01 2.00
CA ALA G 12 36.83 9.19 3.00
C ALA G 12 36.99 10.50 3.76
N PHE G 13 38.22 10.88 4.08
CA PHE G 13 38.50 12.23 4.56
C PHE G 13 38.10 13.27 3.53
N SER G 14 38.09 12.91 2.24
CA SER G 14 37.78 13.85 1.18
C SER G 14 36.30 14.19 1.08
N LEU G 15 35.40 13.30 1.54
CA LEU G 15 33.98 13.62 1.52
C LEU G 15 33.68 14.82 2.41
N PHE G 16 34.24 14.82 3.62
CA PHE G 16 34.05 15.96 4.51
C PHE G 16 34.80 17.18 4.00
N ASP G 17 35.99 16.99 3.43
CA ASP G 17 36.81 18.09 2.92
C ASP G 17 36.46 18.29 1.45
N LYS G 18 35.42 19.07 1.19
CA LYS G 18 34.95 19.28 -0.18
C LYS G 18 35.91 20.18 -0.95
N ASP G 19 36.10 21.42 -0.48
CA ASP G 19 36.96 22.36 -1.18
C ASP G 19 38.41 21.88 -1.20
N GLY G 20 38.90 21.37 -0.07
CA GLY G 20 40.26 20.88 0.00
C GLY G 20 41.05 21.45 1.16
N ASP G 21 42.36 21.60 0.97
CA ASP G 21 43.31 22.14 1.94
C ASP G 21 43.45 21.27 3.18
N GLY G 22 42.93 20.04 3.15
CA GLY G 22 43.00 19.18 4.32
C GLY G 22 42.30 19.75 5.54
N THR G 23 41.16 20.41 5.32
CA THR G 23 40.44 21.10 6.39
C THR G 23 39.00 20.63 6.41
N ILE G 24 38.51 20.28 7.60
CA ILE G 24 37.11 20.00 7.82
C ILE G 24 36.60 21.03 8.82
N THR G 25 35.72 21.91 8.35
CA THR G 25 35.16 22.98 9.17
C THR G 25 33.71 22.66 9.50
N THR G 26 33.07 23.60 10.22
CA THR G 26 31.67 23.42 10.59
C THR G 26 30.76 23.43 9.37
N LYS G 27 31.05 24.30 8.39
CA LYS G 27 30.20 24.39 7.21
C LYS G 27 30.27 23.13 6.36
N GLU G 28 31.48 22.63 6.12
CA GLU G 28 31.64 21.41 5.32
C GLU G 28 30.99 20.22 6.01
N LEU G 29 31.21 20.08 7.32
CA LEU G 29 30.59 18.99 8.07
C LEU G 29 29.08 19.09 8.04
N GLY G 30 28.54 20.30 8.20
CA GLY G 30 27.09 20.48 8.16
C GLY G 30 26.52 20.13 6.80
N THR G 31 27.19 20.55 5.72
CA THR G 31 26.73 20.20 4.38
C THR G 31 26.75 18.70 4.15
N VAL G 32 27.83 18.04 4.59
CA VAL G 32 27.93 16.59 4.42
C VAL G 32 26.82 15.89 5.19
N MET G 33 26.59 16.31 6.43
CA MET G 33 25.55 15.68 7.25
C MET G 33 24.16 15.91 6.65
N ARG G 34 23.90 17.13 6.15
CA ARG G 34 22.59 17.42 5.59
C ARG G 34 22.37 16.79 4.23
N SER G 35 23.44 16.43 3.52
CA SER G 35 23.28 15.67 2.28
C SER G 35 22.73 14.28 2.51
N LEU G 36 22.81 13.76 3.73
CA LEU G 36 22.30 12.43 4.07
C LEU G 36 20.90 12.46 4.66
N GLY G 37 20.28 13.64 4.78
CA GLY G 37 18.96 13.78 5.33
C GLY G 37 18.92 14.27 6.77
N GLN G 38 20.05 14.20 7.48
CA GLN G 38 20.10 14.69 8.86
C GLN G 38 20.11 16.21 8.87
N ASN G 39 19.57 16.77 9.96
CA ASN G 39 19.47 18.23 10.12
C ASN G 39 19.97 18.61 11.51
N PRO G 40 21.28 18.54 11.76
CA PRO G 40 21.82 18.99 13.04
C PRO G 40 21.86 20.50 13.14
N THR G 41 21.78 20.99 14.38
CA THR G 41 21.85 22.42 14.63
C THR G 41 23.31 22.86 14.80
N GLU G 42 23.51 24.16 14.97
CA GLU G 42 24.86 24.68 15.15
C GLU G 42 25.49 24.16 16.44
N ALA G 43 24.71 24.12 17.53
CA ALA G 43 25.23 23.62 18.79
C ALA G 43 25.65 22.16 18.69
N GLU G 44 24.83 21.33 18.05
CA GLU G 44 25.18 19.93 17.87
C GLU G 44 26.41 19.76 16.98
N LEU G 45 26.51 20.57 15.92
CA LEU G 45 27.68 20.49 15.05
C LEU G 45 28.95 20.86 15.81
N GLN G 46 28.91 21.93 16.59
CA GLN G 46 30.08 22.32 17.37
C GLN G 46 30.41 21.26 18.42
N ASP G 47 29.39 20.68 19.06
CA ASP G 47 29.64 19.63 20.03
C ASP G 47 30.30 18.42 19.37
N MET G 48 29.83 18.03 18.18
CA MET G 48 30.43 16.91 17.46
C MET G 48 31.87 17.20 17.10
N ILE G 49 32.15 18.42 16.62
CA ILE G 49 33.52 18.76 16.22
C ILE G 49 34.44 19.01 17.41
N ASN G 50 33.90 19.16 18.61
CA ASN G 50 34.73 19.46 19.78
C ASN G 50 35.65 18.29 20.14
N GLU G 51 35.09 17.08 20.25
CA GLU G 51 35.90 15.95 20.69
C GLU G 51 37.02 15.62 19.70
N VAL G 52 36.72 15.71 18.40
CA VAL G 52 37.72 15.39 17.40
C VAL G 52 38.87 16.39 17.44
N ASP G 53 38.59 17.64 17.82
CA ASP G 53 39.63 18.64 17.94
C ASP G 53 40.68 18.22 18.96
N ALA G 54 41.94 18.30 18.57
CA ALA G 54 43.05 17.90 19.43
C ALA G 54 44.03 19.02 19.71
N ASP G 55 44.44 19.77 18.68
CA ASP G 55 45.43 20.83 18.82
C ASP G 55 44.84 22.15 19.29
N GLY G 56 43.56 22.17 19.66
CA GLY G 56 42.91 23.40 20.06
C GLY G 56 42.43 24.27 18.93
N ASN G 57 42.64 23.87 17.69
CA ASN G 57 42.17 24.61 16.52
C ASN G 57 40.95 23.92 15.95
N GLY G 58 39.89 24.69 15.70
CA GLY G 58 38.64 24.15 15.23
C GLY G 58 38.67 23.71 13.78
N THR G 59 39.70 22.95 13.42
CA THR G 59 39.83 22.38 12.08
C THR G 59 40.38 20.97 12.22
N ILE G 60 39.69 20.00 11.63
CA ILE G 60 40.04 18.60 11.77
C ILE G 60 41.00 18.22 10.65
N ASP G 61 42.13 17.64 11.00
CA ASP G 61 43.12 17.18 10.04
C ASP G 61 43.18 15.66 10.06
N PHE G 62 43.93 15.11 9.10
CA PHE G 62 44.08 13.66 9.01
C PHE G 62 44.68 13.03 10.26
N PRO G 63 45.73 13.60 10.89
CA PRO G 63 46.17 13.03 12.18
C PRO G 63 45.10 13.03 13.25
N GLU G 64 44.26 14.07 13.29
CA GLU G 64 43.13 14.08 14.23
C GLU G 64 42.08 13.06 13.84
N PHE G 65 41.94 12.79 12.54
CA PHE G 65 40.97 11.81 12.06
C PHE G 65 41.38 10.39 12.45
N LEU G 66 42.65 10.05 12.23
CA LEU G 66 43.10 8.67 12.39
C LEU G 66 42.99 8.21 13.84
N THR G 67 43.27 9.10 14.79
CA THR G 67 43.28 8.70 16.20
C THR G 67 41.92 8.18 16.63
N MET G 68 40.84 8.87 16.23
CA MET G 68 39.51 8.40 16.58
C MET G 68 39.01 7.30 15.66
N MET G 69 39.46 7.28 14.39
CA MET G 69 39.03 6.23 13.48
C MET G 69 39.57 4.87 13.91
N ALA G 70 40.81 4.83 14.39
CA ALA G 70 41.38 3.57 14.84
C ALA G 70 40.79 3.10 16.15
N ARG G 71 40.21 4.00 16.95
CA ARG G 71 39.65 3.62 18.24
C ARG G 71 38.17 3.23 18.14
N LYS G 72 37.40 3.92 17.31
CA LYS G 72 35.98 3.62 17.16
C LYS G 72 35.71 2.44 16.23
N MET G 73 36.72 1.62 15.93
CA MET G 73 36.56 0.49 15.04
C MET G 73 36.36 -0.84 15.77
N LYS G 74 36.95 -1.01 16.95
CA LYS G 74 36.87 -2.26 17.69
C LYS G 74 36.63 -1.94 19.17
N ASP G 75 36.62 -2.98 19.99
CA ASP G 75 36.44 -2.88 21.44
C ASP G 75 35.10 -2.27 21.80
N THR G 76 34.87 -2.05 23.10
CA THR G 76 33.63 -1.46 23.58
C THR G 76 33.82 -0.24 24.45
N ASP G 77 35.00 -0.04 25.06
CA ASP G 77 35.30 1.13 25.88
C ASP G 77 34.31 1.26 27.04
N SER G 78 34.38 0.26 27.94
CA SER G 78 33.45 0.18 29.06
C SER G 78 33.44 1.45 29.90
N GLU G 79 34.56 2.16 29.93
CA GLU G 79 34.65 3.45 30.61
C GLU G 79 33.79 4.52 29.95
N GLU G 80 33.19 4.23 28.80
CA GLU G 80 32.27 5.16 28.14
C GLU G 80 30.81 4.80 28.40
N GLU G 81 30.52 3.55 28.77
CA GLU G 81 29.19 3.17 29.20
C GLU G 81 28.96 3.29 30.70
N ILE G 82 30.01 3.15 31.51
CA ILE G 82 29.85 3.42 32.94
C ILE G 82 29.46 4.87 33.17
N ARG G 83 30.07 5.80 32.42
CA ARG G 83 29.72 7.20 32.53
C ARG G 83 28.28 7.45 32.09
N GLU G 84 27.82 6.77 31.03
CA GLU G 84 26.43 6.90 30.62
C GLU G 84 25.48 6.38 31.69
N ALA G 85 25.83 5.24 32.31
CA ALA G 85 25.00 4.70 33.39
C ALA G 85 24.93 5.67 34.57
N PHE G 86 26.06 6.31 34.90
CA PHE G 86 26.04 7.33 35.95
C PHE G 86 25.18 8.52 35.56
N ARG G 87 25.30 8.98 34.30
CA ARG G 87 24.57 10.16 33.85
C ARG G 87 23.08 9.90 33.68
N VAL G 88 22.67 8.63 33.62
CA VAL G 88 21.24 8.33 33.54
C VAL G 88 20.49 8.94 34.73
N PHE G 89 21.07 8.83 35.92
CA PHE G 89 20.45 9.36 37.13
C PHE G 89 20.84 10.81 37.42
N ASP G 90 21.68 11.42 36.59
CA ASP G 90 22.11 12.81 36.77
C ASP G 90 21.34 13.66 35.76
N LYS G 91 20.15 14.11 36.16
CA LYS G 91 19.30 14.92 35.29
C LYS G 91 19.56 16.41 35.44
N ASP G 92 20.27 16.84 36.49
CA ASP G 92 20.52 18.26 36.69
C ASP G 92 21.43 18.83 35.59
N GLY G 93 22.44 18.07 35.19
CA GLY G 93 23.42 18.52 34.22
C GLY G 93 24.81 18.73 34.79
N ASN G 94 24.95 18.73 36.11
CA ASN G 94 26.26 18.87 36.74
C ASN G 94 26.95 17.51 36.79
N GLY G 95 28.05 17.42 37.53
CA GLY G 95 28.79 16.18 37.64
C GLY G 95 28.90 15.65 39.04
N TYR G 96 27.83 15.79 39.83
CA TYR G 96 27.80 15.32 41.21
C TYR G 96 26.52 14.53 41.45
N ILE G 97 26.62 13.54 42.33
CA ILE G 97 25.50 12.67 42.69
C ILE G 97 25.31 12.74 44.20
N SER G 98 24.07 12.93 44.63
CA SER G 98 23.76 12.94 46.05
C SER G 98 23.96 11.55 46.65
N ALA G 99 24.53 11.52 47.86
CA ALA G 99 24.78 10.24 48.52
C ALA G 99 23.48 9.52 48.83
N ALA G 100 22.46 10.24 49.31
CA ALA G 100 21.19 9.62 49.62
C ALA G 100 20.53 9.05 48.37
N GLU G 101 20.57 9.80 47.27
CA GLU G 101 20.00 9.31 46.01
C GLU G 101 20.75 8.07 45.53
N LEU G 102 22.08 8.09 45.61
CA LEU G 102 22.86 6.92 45.21
C LEU G 102 22.51 5.70 46.05
N ARG G 103 22.40 5.88 47.37
CA ARG G 103 22.03 4.76 48.24
C ARG G 103 20.64 4.24 47.90
N HIS G 104 19.69 5.14 47.66
CA HIS G 104 18.33 4.73 47.36
C HIS G 104 18.26 3.95 46.06
N VAL G 105 18.91 4.45 45.00
CA VAL G 105 18.87 3.76 43.72
C VAL G 105 19.64 2.45 43.78
N MET G 106 20.66 2.36 44.64
CA MET G 106 21.38 1.11 44.78
C MET G 106 20.56 0.06 45.54
N THR G 107 19.80 0.50 46.54
CA THR G 107 19.06 -0.42 47.40
C THR G 107 17.63 -0.67 46.95
N ASN G 108 17.15 0.01 45.91
CA ASN G 108 15.76 -0.14 45.50
C ASN G 108 15.54 -0.31 44.00
N LEU G 109 16.59 -0.27 43.19
CA LEU G 109 16.44 -0.37 41.74
C LEU G 109 17.24 -1.56 41.21
N GLY G 110 16.64 -2.29 40.27
CA GLY G 110 17.30 -3.43 39.68
C GLY G 110 17.47 -4.56 40.68
N GLU G 111 18.53 -5.34 40.49
CA GLU G 111 18.90 -6.38 41.45
C GLU G 111 19.35 -5.71 42.74
N LYS G 112 18.55 -5.84 43.79
CA LYS G 112 18.81 -5.11 45.03
C LYS G 112 20.11 -5.57 45.67
N LEU G 113 20.75 -4.64 46.37
CA LEU G 113 22.00 -4.88 47.09
C LEU G 113 21.76 -4.64 48.57
N THR G 114 22.45 -5.41 49.41
CA THR G 114 22.20 -5.35 50.85
C THR G 114 22.67 -4.02 51.43
N ASP G 115 22.14 -3.69 52.61
CA ASP G 115 22.41 -2.41 53.23
C ASP G 115 23.88 -2.26 53.61
N GLU G 116 24.50 -3.32 54.14
CA GLU G 116 25.89 -3.23 54.55
C GLU G 116 26.81 -2.96 53.35
N GLU G 117 26.58 -3.66 52.24
CA GLU G 117 27.44 -3.48 51.07
C GLU G 117 27.30 -2.09 50.48
N VAL G 118 26.07 -1.57 50.38
CA VAL G 118 25.89 -0.23 49.84
C VAL G 118 26.45 0.82 50.80
N ASP G 119 26.35 0.57 52.11
CA ASP G 119 26.97 1.49 53.08
C ASP G 119 28.48 1.51 52.91
N GLU G 120 29.10 0.35 52.74
CA GLU G 120 30.53 0.29 52.49
C GLU G 120 30.90 1.01 51.20
N MET G 121 30.09 0.82 50.15
CA MET G 121 30.36 1.48 48.88
C MET G 121 30.27 3.00 49.02
N ILE G 122 29.27 3.49 49.75
CA ILE G 122 29.12 4.93 49.96
C ILE G 122 30.30 5.47 50.77
N ARG G 123 30.71 4.76 51.82
CA ARG G 123 31.83 5.22 52.64
C ARG G 123 33.12 5.26 51.82
N GLU G 124 33.35 4.26 50.99
CA GLU G 124 34.57 4.23 50.18
C GLU G 124 34.54 5.26 49.06
N ALA G 125 33.35 5.52 48.49
CA ALA G 125 33.25 6.46 47.39
C ALA G 125 33.46 7.89 47.86
N ASP G 126 32.89 8.25 49.01
CA ASP G 126 32.99 9.61 49.53
C ASP G 126 34.34 9.79 50.22
N ILE G 127 35.27 10.47 49.54
CA ILE G 127 36.55 10.77 50.15
C ILE G 127 36.36 11.68 51.36
N ASP G 128 35.51 12.70 51.21
CA ASP G 128 35.18 13.60 52.30
C ASP G 128 33.70 13.50 52.62
N GLY G 129 33.33 14.01 53.79
CA GLY G 129 31.95 13.97 54.23
C GLY G 129 31.10 15.11 53.67
N ASP G 130 31.43 15.55 52.46
CA ASP G 130 30.69 16.65 51.84
C ASP G 130 29.27 16.24 51.46
N GLY G 131 29.09 14.98 51.06
CA GLY G 131 27.80 14.51 50.60
C GLY G 131 27.51 14.79 49.14
N GLN G 132 28.48 15.27 48.38
CA GLN G 132 28.30 15.55 46.97
C GLN G 132 29.29 14.74 46.14
N VAL G 133 29.37 13.43 46.43
CA VAL G 133 30.39 12.57 45.85
C VAL G 133 30.36 12.66 44.33
N ASN G 134 31.55 12.77 43.73
CA ASN G 134 31.68 12.82 42.28
C ASN G 134 31.78 11.40 41.72
N TYR G 135 31.27 11.22 40.51
CA TYR G 135 31.30 9.92 39.87
C TYR G 135 32.42 9.76 38.85
N GLU G 136 32.90 10.85 38.25
CA GLU G 136 34.00 10.76 37.30
C GLU G 136 35.26 10.22 37.98
N GLU G 137 35.59 10.76 39.15
CA GLU G 137 36.70 10.22 39.92
C GLU G 137 36.41 8.79 40.39
N PHE G 138 35.15 8.53 40.74
CA PHE G 138 34.75 7.19 41.13
C PHE G 138 34.83 6.18 39.99
N VAL G 139 34.83 6.66 38.74
CA VAL G 139 35.05 5.79 37.59
C VAL G 139 36.54 5.63 37.31
N GLN G 140 37.30 6.72 37.37
CA GLN G 140 38.72 6.63 37.07
C GLN G 140 39.48 5.84 38.11
N MET G 141 39.09 5.93 39.39
CA MET G 141 39.77 5.16 40.43
C MET G 141 39.56 3.67 40.27
N MET G 142 38.35 3.26 39.90
CA MET G 142 38.03 1.84 39.81
C MET G 142 38.51 1.24 38.50
N THR G 143 38.15 1.86 37.37
CA THR G 143 38.56 1.38 36.06
C THR G 143 39.96 1.91 35.78
N ALA G 144 40.95 1.25 36.38
CA ALA G 144 42.35 1.63 36.24
C ALA G 144 42.96 1.03 34.98
N LEU H 1 13.94 22.30 -40.45
CA LEU H 1 13.91 23.16 -41.62
C LEU H 1 12.51 23.22 -42.23
N THR H 2 11.75 22.14 -42.05
CA THR H 2 10.39 22.08 -42.57
C THR H 2 9.46 22.97 -41.76
N GLU H 3 8.30 23.28 -42.34
CA GLU H 3 7.34 24.17 -41.69
C GLU H 3 6.73 23.53 -40.45
N GLU H 4 6.57 22.20 -40.45
CA GLU H 4 5.97 21.54 -39.29
C GLU H 4 6.82 21.72 -38.04
N GLN H 5 8.13 21.53 -38.17
CA GLN H 5 9.02 21.70 -37.01
C GLN H 5 8.96 23.13 -36.49
N ILE H 6 8.89 24.10 -37.40
CA ILE H 6 8.71 25.49 -36.99
C ILE H 6 7.40 25.65 -36.23
N ALA H 7 6.37 24.91 -36.65
CA ALA H 7 5.08 24.99 -35.97
C ALA H 7 5.18 24.48 -34.53
N GLU H 8 5.80 23.31 -34.33
CA GLU H 8 5.94 22.84 -32.95
C GLU H 8 6.85 23.75 -32.14
N PHE H 9 7.89 24.30 -32.77
CA PHE H 9 8.77 25.21 -32.04
C PHE H 9 8.03 26.46 -31.58
N LYS H 10 7.20 27.04 -32.45
CA LYS H 10 6.42 28.20 -32.08
C LYS H 10 5.41 27.85 -30.99
N GLU H 11 4.78 26.68 -31.10
CA GLU H 11 3.83 26.25 -30.08
C GLU H 11 4.51 26.10 -28.73
N ALA H 12 5.71 25.51 -28.70
CA ALA H 12 6.45 25.38 -27.45
C ALA H 12 6.90 26.74 -26.92
N PHE H 13 7.30 27.65 -27.81
CA PHE H 13 7.66 29.00 -27.40
C PHE H 13 6.48 29.72 -26.78
N SER H 14 5.26 29.43 -27.24
CA SER H 14 4.08 30.07 -26.67
C SER H 14 3.88 29.68 -25.20
N LEU H 15 4.34 28.50 -24.79
CA LEU H 15 4.17 28.07 -23.41
C LEU H 15 4.94 28.97 -22.44
N PHE H 16 6.22 29.22 -22.73
CA PHE H 16 7.05 29.97 -21.79
C PHE H 16 6.56 31.41 -21.65
N ASP H 17 6.32 32.09 -22.77
CA ASP H 17 5.90 33.48 -22.74
C ASP H 17 4.42 33.54 -22.39
N LYS H 18 4.13 33.80 -21.11
CA LYS H 18 2.73 33.87 -20.67
C LYS H 18 2.00 35.01 -21.35
N ASP H 19 2.64 36.17 -21.45
CA ASP H 19 2.02 37.34 -22.07
C ASP H 19 2.28 37.31 -23.58
N GLY H 20 1.91 38.39 -24.26
CA GLY H 20 2.11 38.49 -25.70
C GLY H 20 3.27 39.39 -26.07
N ASP H 21 4.19 39.60 -25.14
CA ASP H 21 5.33 40.49 -25.36
C ASP H 21 6.43 39.85 -26.19
N GLY H 22 6.32 38.57 -26.51
CA GLY H 22 7.38 37.89 -27.25
C GLY H 22 8.69 37.81 -26.49
N THR H 23 8.62 37.67 -25.17
CA THR H 23 9.80 37.68 -24.32
C THR H 23 9.71 36.55 -23.30
N ILE H 24 10.85 35.93 -23.00
CA ILE H 24 10.98 35.00 -21.89
C ILE H 24 11.98 35.59 -20.91
N THR H 25 11.51 35.90 -19.70
CA THR H 25 12.33 36.52 -18.68
C THR H 25 12.51 35.55 -17.51
N THR H 26 13.17 36.04 -16.46
CA THR H 26 13.40 35.22 -15.27
C THR H 26 12.11 34.91 -14.54
N LYS H 27 11.03 35.66 -14.80
CA LYS H 27 9.76 35.39 -14.14
C LYS H 27 9.05 34.19 -14.75
N GLU H 28 8.80 34.24 -16.07
CA GLU H 28 8.14 33.12 -16.74
C GLU H 28 8.98 31.85 -16.62
N LEU H 29 10.29 31.98 -16.88
CA LEU H 29 11.21 30.87 -16.66
C LEU H 29 11.43 30.72 -15.16
N GLY H 30 10.61 29.88 -14.54
CA GLY H 30 10.60 29.70 -13.11
C GLY H 30 9.18 29.65 -12.61
N THR H 31 8.29 30.47 -13.19
CA THR H 31 6.87 30.26 -12.97
C THR H 31 6.42 28.97 -13.64
N VAL H 32 6.85 28.75 -14.89
CA VAL H 32 6.56 27.49 -15.57
C VAL H 32 7.18 26.33 -14.81
N MET H 33 8.42 26.49 -14.34
CA MET H 33 9.12 25.39 -13.68
C MET H 33 8.47 25.03 -12.35
N ARG H 34 7.99 26.04 -11.60
CA ARG H 34 7.25 25.74 -10.38
C ARG H 34 5.86 25.19 -10.68
N SER H 35 5.27 25.54 -11.82
CA SER H 35 4.05 24.87 -12.25
C SER H 35 4.29 23.40 -12.59
N LEU H 36 5.51 23.07 -13.03
CA LEU H 36 5.89 21.69 -13.32
C LEU H 36 6.39 20.96 -12.08
N GLY H 37 6.43 21.61 -10.92
CA GLY H 37 6.90 20.99 -9.70
C GLY H 37 8.36 21.24 -9.37
N GLN H 38 9.13 21.79 -10.30
CA GLN H 38 10.54 22.08 -10.03
C GLN H 38 10.66 23.31 -9.12
N ASN H 39 11.78 23.39 -8.40
CA ASN H 39 12.04 24.48 -7.47
C ASN H 39 13.43 25.05 -7.72
N PRO H 40 13.62 25.75 -8.82
CA PRO H 40 14.92 26.39 -9.06
C PRO H 40 15.12 27.61 -8.18
N THR H 41 16.38 27.92 -7.93
CA THR H 41 16.74 29.10 -7.14
C THR H 41 17.01 30.27 -8.09
N GLU H 42 17.48 31.40 -7.54
CA GLU H 42 17.75 32.56 -8.37
C GLU H 42 19.00 32.35 -9.21
N ALA H 43 20.06 31.78 -8.63
CA ALA H 43 21.29 31.56 -9.38
C ALA H 43 21.10 30.57 -10.51
N GLU H 44 20.38 29.47 -10.24
CA GLU H 44 20.13 28.48 -11.28
C GLU H 44 19.29 29.05 -12.41
N LEU H 45 18.25 29.82 -12.08
CA LEU H 45 17.43 30.46 -13.10
C LEU H 45 18.26 31.45 -13.92
N GLN H 46 19.13 32.21 -13.25
CA GLN H 46 19.97 33.16 -13.96
C GLN H 46 20.93 32.44 -14.91
N ASP H 47 21.51 31.33 -14.47
CA ASP H 47 22.41 30.58 -15.34
C ASP H 47 21.66 29.99 -16.54
N MET H 48 20.46 29.45 -16.31
CA MET H 48 19.68 28.89 -17.40
C MET H 48 19.30 29.96 -18.42
N ILE H 49 18.85 31.13 -17.96
CA ILE H 49 18.48 32.20 -18.87
C ILE H 49 19.71 32.86 -19.50
N ASN H 50 20.89 32.71 -18.88
CA ASN H 50 22.10 33.28 -19.45
C ASN H 50 22.65 32.43 -20.57
N GLU H 51 22.75 31.12 -20.37
CA GLU H 51 23.37 30.28 -21.38
C GLU H 51 22.39 29.85 -22.47
N VAL H 52 21.56 30.77 -22.97
CA VAL H 52 20.88 30.60 -24.25
C VAL H 52 20.90 31.93 -24.99
N ASP H 53 21.19 33.01 -24.27
CA ASP H 53 21.04 34.36 -24.80
C ASP H 53 22.20 34.69 -25.75
N ALA H 54 21.90 35.47 -26.78
CA ALA H 54 22.89 35.87 -27.77
C ALA H 54 23.15 37.37 -27.76
N ASP H 55 22.11 38.18 -27.93
CA ASP H 55 22.30 39.63 -28.09
C ASP H 55 22.20 40.38 -26.76
N GLY H 56 22.89 39.88 -25.74
CA GLY H 56 23.06 40.56 -24.46
C GLY H 56 21.88 41.36 -23.95
N ASN H 57 20.67 40.83 -24.11
CA ASN H 57 19.45 41.57 -23.79
C ASN H 57 18.75 41.10 -22.52
N GLY H 58 19.12 39.94 -21.99
CA GLY H 58 18.43 39.40 -20.83
C GLY H 58 17.17 38.63 -21.23
N THR H 59 16.41 39.20 -22.15
CA THR H 59 15.23 38.51 -22.67
C THR H 59 15.63 37.55 -23.78
N ILE H 60 14.94 36.43 -23.83
CA ILE H 60 15.27 35.35 -24.76
C ILE H 60 14.49 35.56 -26.06
N ASP H 61 15.20 35.40 -27.17
CA ASP H 61 14.65 35.69 -28.50
C ASP H 61 14.25 34.39 -29.18
N PHE H 62 13.27 34.48 -30.08
CA PHE H 62 12.83 33.30 -30.82
C PHE H 62 13.94 32.69 -31.67
N PRO H 63 14.74 33.46 -32.43
CA PRO H 63 15.91 32.84 -33.07
C PRO H 63 16.88 32.23 -32.07
N GLU H 64 17.03 32.85 -30.89
CA GLU H 64 17.86 32.26 -29.84
C GLU H 64 17.29 30.91 -29.38
N PHE H 65 15.95 30.83 -29.29
CA PHE H 65 15.31 29.56 -28.98
C PHE H 65 15.61 28.52 -30.07
N LEU H 66 15.46 28.91 -31.33
CA LEU H 66 15.64 27.97 -32.43
C LEU H 66 17.07 27.46 -32.51
N THR H 67 18.05 28.35 -32.26
CA THR H 67 19.44 27.94 -32.36
C THR H 67 19.77 26.83 -31.36
N MET H 68 19.27 26.95 -30.13
CA MET H 68 19.53 25.92 -29.13
C MET H 68 18.70 24.67 -29.39
N MET H 69 17.45 24.83 -29.82
CA MET H 69 16.58 23.68 -30.02
C MET H 69 17.00 22.83 -31.21
N ALA H 70 17.53 23.45 -32.28
CA ALA H 70 17.96 22.69 -33.43
C ALA H 70 19.22 21.86 -33.18
N ARG H 71 19.94 22.15 -32.10
CA ARG H 71 21.15 21.40 -31.76
C ARG H 71 20.96 20.44 -30.60
N LYS H 72 20.13 20.80 -29.61
CA LYS H 72 19.92 19.94 -28.45
C LYS H 72 18.87 18.85 -28.70
N MET H 73 18.57 18.55 -29.96
CA MET H 73 17.59 17.52 -30.30
C MET H 73 18.21 16.29 -30.95
N LYS H 74 19.46 16.37 -31.40
CA LYS H 74 20.11 15.24 -32.07
C LYS H 74 21.60 15.27 -31.77
N ASP H 75 22.23 14.11 -31.97
CA ASP H 75 23.68 13.93 -31.82
C ASP H 75 24.15 14.12 -30.39
N THR H 76 25.39 13.72 -30.11
CA THR H 76 26.01 13.85 -28.78
C THR H 76 27.36 14.53 -28.98
N ASP H 77 27.38 15.86 -28.78
CA ASP H 77 28.62 16.62 -28.92
C ASP H 77 29.66 16.17 -27.89
N SER H 78 30.75 15.57 -28.38
CA SER H 78 31.76 15.01 -27.47
C SER H 78 32.44 16.11 -26.65
N GLU H 79 32.48 17.33 -27.19
CA GLU H 79 33.09 18.46 -26.50
C GLU H 79 32.30 18.90 -25.28
N GLU H 80 31.12 18.31 -25.05
CA GLU H 80 30.32 18.59 -23.87
C GLU H 80 30.57 17.58 -22.76
N GLU H 81 31.02 16.37 -23.08
CA GLU H 81 31.39 15.39 -22.08
C GLU H 81 32.88 15.35 -21.77
N ILE H 82 33.75 15.72 -22.71
CA ILE H 82 35.17 15.80 -22.38
C ILE H 82 35.42 16.87 -21.32
N ARG H 83 34.75 18.02 -21.46
CA ARG H 83 34.91 19.08 -20.47
C ARG H 83 34.35 18.66 -19.12
N GLU H 84 33.26 17.89 -19.11
CA GLU H 84 32.73 17.36 -17.86
C GLU H 84 33.70 16.37 -17.22
N ALA H 85 34.32 15.52 -18.03
CA ALA H 85 35.33 14.60 -17.51
C ALA H 85 36.53 15.33 -16.93
N PHE H 86 36.97 16.42 -17.55
CA PHE H 86 37.95 17.32 -16.94
C PHE H 86 37.46 17.97 -15.65
N ARG H 87 36.22 18.44 -15.61
CA ARG H 87 35.67 19.05 -14.39
C ARG H 87 35.49 18.08 -13.24
N VAL H 88 35.43 16.78 -13.53
CA VAL H 88 35.27 15.78 -12.47
C VAL H 88 36.39 15.90 -11.45
N PHE H 89 37.62 16.10 -11.93
CA PHE H 89 38.78 16.23 -11.06
C PHE H 89 39.11 17.67 -10.69
N ASP H 90 38.29 18.64 -11.12
CA ASP H 90 38.49 20.05 -10.79
C ASP H 90 37.54 20.43 -9.66
N LYS H 91 37.97 20.15 -8.44
CA LYS H 91 37.12 20.41 -7.28
C LYS H 91 37.11 21.89 -6.92
N ASP H 92 38.23 22.58 -7.14
CA ASP H 92 38.34 23.98 -6.71
C ASP H 92 37.34 24.87 -7.42
N GLY H 93 37.16 24.67 -8.73
CA GLY H 93 36.27 25.49 -9.53
C GLY H 93 36.97 26.38 -10.54
N ASN H 94 38.31 26.39 -10.58
CA ASN H 94 39.03 27.20 -11.55
C ASN H 94 39.11 26.43 -12.87
N GLY H 95 39.91 26.93 -13.80
CA GLY H 95 40.05 26.30 -15.10
C GLY H 95 41.40 25.66 -15.34
N TYR H 96 42.16 25.43 -14.28
CA TYR H 96 43.51 24.89 -14.39
C TYR H 96 43.62 23.58 -13.62
N ILE H 97 44.44 22.67 -14.14
CA ILE H 97 44.73 21.39 -13.50
C ILE H 97 46.24 21.25 -13.37
N SER H 98 46.69 20.90 -12.17
CA SER H 98 48.12 20.71 -11.95
C SER H 98 48.63 19.48 -12.69
N ALA H 99 49.86 19.56 -13.19
CA ALA H 99 50.42 18.47 -13.98
C ALA H 99 50.59 17.20 -13.15
N ALA H 100 51.01 17.33 -11.89
CA ALA H 100 51.22 16.16 -11.05
C ALA H 100 49.93 15.40 -10.82
N GLU H 101 48.84 16.12 -10.54
CA GLU H 101 47.55 15.47 -10.33
C GLU H 101 47.08 14.77 -11.60
N LEU H 102 47.25 15.42 -12.76
CA LEU H 102 46.86 14.80 -14.02
C LEU H 102 47.65 13.51 -14.27
N ARG H 103 48.97 13.56 -14.03
CA ARG H 103 49.78 12.36 -14.22
C ARG H 103 49.36 11.26 -13.26
N HIS H 104 49.08 11.62 -12.00
CA HIS H 104 48.68 10.62 -11.02
C HIS H 104 47.36 9.95 -11.41
N VAL H 105 46.38 10.76 -11.83
CA VAL H 105 45.08 10.17 -12.17
C VAL H 105 45.16 9.38 -13.46
N MET H 106 46.03 9.78 -14.40
CA MET H 106 46.19 9.01 -15.63
C MET H 106 46.98 7.73 -15.41
N THR H 107 47.83 7.68 -14.39
CA THR H 107 48.66 6.50 -14.14
C THR H 107 48.01 5.51 -13.19
N ASN H 108 47.15 5.97 -12.28
CA ASN H 108 46.60 5.10 -11.25
C ASN H 108 45.12 4.79 -11.40
N LEU H 109 44.37 5.60 -12.14
CA LEU H 109 42.92 5.44 -12.27
C LEU H 109 42.55 5.02 -13.68
N GLY H 110 41.58 4.11 -13.78
CA GLY H 110 41.09 3.65 -15.06
C GLY H 110 41.82 2.42 -15.57
N GLU H 111 42.08 2.37 -16.88
CA GLU H 111 42.85 1.29 -17.47
C GLU H 111 44.35 1.51 -17.38
N LYS H 112 44.78 2.71 -16.97
CA LYS H 112 46.18 3.05 -16.71
C LYS H 112 47.00 3.12 -17.98
N LEU H 113 47.92 4.09 -18.03
CA LEU H 113 48.84 4.24 -19.15
C LEU H 113 50.28 4.12 -18.64
N THR H 114 51.16 3.69 -19.53
CA THR H 114 52.56 3.52 -19.17
C THR H 114 53.22 4.88 -18.95
N ASP H 115 54.42 4.84 -18.37
CA ASP H 115 55.14 6.08 -18.07
C ASP H 115 55.52 6.83 -19.33
N GLU H 116 55.84 6.12 -20.41
CA GLU H 116 56.23 6.79 -21.65
C GLU H 116 55.07 7.59 -22.23
N GLU H 117 53.85 7.05 -22.20
CA GLU H 117 52.71 7.75 -22.78
C GLU H 117 52.38 9.01 -21.98
N VAL H 118 52.37 8.92 -20.66
CA VAL H 118 52.11 10.10 -19.85
C VAL H 118 53.27 11.08 -19.89
N ASP H 119 54.47 10.61 -20.22
CA ASP H 119 55.61 11.51 -20.41
C ASP H 119 55.49 12.27 -21.73
N GLU H 120 55.00 11.60 -22.77
CA GLU H 120 54.68 12.30 -24.00
C GLU H 120 53.57 13.33 -23.77
N MET H 121 52.54 12.93 -23.01
CA MET H 121 51.57 13.90 -22.51
C MET H 121 52.25 14.85 -21.54
N ILE H 122 51.52 15.85 -21.06
CA ILE H 122 52.08 16.91 -20.22
C ILE H 122 53.09 17.71 -21.04
N ARG H 123 54.16 17.07 -21.49
CA ARG H 123 55.12 17.78 -22.35
C ARG H 123 54.50 18.16 -23.69
N GLU H 124 53.49 17.41 -24.14
CA GLU H 124 52.69 17.86 -25.27
C GLU H 124 51.42 18.56 -24.84
N ALA H 125 50.84 18.16 -23.71
CA ALA H 125 49.60 18.77 -23.25
C ALA H 125 49.83 20.21 -22.80
N ASP H 126 50.88 20.45 -22.02
CA ASP H 126 51.19 21.79 -21.52
C ASP H 126 52.01 22.53 -22.57
N ILE H 127 51.53 23.70 -22.98
CA ILE H 127 52.21 24.52 -23.97
C ILE H 127 53.21 25.44 -23.28
N ASP H 128 53.43 25.22 -21.98
CA ASP H 128 54.35 26.03 -21.21
C ASP H 128 54.85 25.22 -20.03
N GLY H 129 55.93 25.69 -19.42
CA GLY H 129 56.52 25.03 -18.27
C GLY H 129 56.00 25.57 -16.95
N ASP H 130 54.84 26.24 -17.01
CA ASP H 130 54.27 26.83 -15.80
C ASP H 130 53.89 25.78 -14.78
N GLY H 131 53.36 24.64 -15.22
CA GLY H 131 52.90 23.62 -14.32
C GLY H 131 51.46 23.74 -13.90
N GLN H 132 50.66 24.52 -14.63
CA GLN H 132 49.25 24.76 -14.33
C GLN H 132 48.40 24.44 -15.57
N VAL H 133 48.62 23.24 -16.12
CA VAL H 133 48.09 22.82 -17.41
C VAL H 133 46.60 23.13 -17.53
N ASN H 134 46.25 23.90 -18.56
CA ASN H 134 44.86 24.22 -18.83
C ASN H 134 44.17 23.07 -19.55
N TYR H 135 42.90 22.85 -19.20
CA TYR H 135 42.12 21.80 -19.84
C TYR H 135 41.10 22.32 -20.85
N GLU H 136 40.89 23.63 -20.91
CA GLU H 136 39.99 24.23 -21.88
C GLU H 136 40.60 24.30 -23.28
N GLU H 137 41.92 24.36 -23.39
CA GLU H 137 42.62 24.38 -24.67
C GLU H 137 42.90 22.98 -25.19
N PHE H 138 42.96 21.99 -24.31
CA PHE H 138 43.24 20.62 -24.71
C PHE H 138 41.97 19.96 -25.23
N VAL H 139 40.93 20.76 -25.47
CA VAL H 139 39.68 20.31 -26.08
C VAL H 139 39.54 20.99 -27.44
N GLN H 140 40.06 22.20 -27.54
CA GLN H 140 40.00 22.98 -28.78
C GLN H 140 41.24 22.78 -29.65
N MET H 141 42.27 22.13 -29.14
CA MET H 141 43.43 21.76 -29.95
C MET H 141 43.46 20.27 -30.28
N MET H 142 43.27 19.41 -29.27
CA MET H 142 43.37 17.97 -29.49
C MET H 142 42.14 17.44 -30.21
N THR H 143 40.95 17.93 -29.85
CA THR H 143 39.69 17.40 -30.37
C THR H 143 38.98 18.41 -31.28
N ALA H 144 39.75 19.08 -32.14
CA ALA H 144 39.18 20.02 -33.09
C ALA H 144 40.01 20.06 -34.37
K K I . -6.77 -23.06 -5.80
K K J . -5.84 -19.93 -5.00
K K K . -4.25 -14.52 -3.65
N1 A1B92 L . -18.60 31.63 -2.75
C7 A1B92 L . -17.81 30.53 -2.99
C8 A1B92 L . -17.14 28.45 -2.35
N2 A1B92 L . -17.88 29.52 -2.12
C9 A1B92 L . -17.80 27.38 -0.19
O1 A1B92 L . -14.60 28.15 -7.84
C1 A1B92 L . -20.94 33.53 0.20
C5 A1B92 L . -20.70 31.79 -1.53
C6 A1B92 L . -19.20 31.96 -1.47
N3 A1B92 L . -17.23 27.38 -1.42
C4 A1B92 L . -21.35 32.14 -0.18
C3 A1B92 L . -18.82 33.37 -1.05
C2 A1B92 L . -19.45 33.72 0.30
N4 A1B92 L . -16.70 26.15 -1.71
C10 A1B92 L . -17.64 26.13 0.33
C11 A1B92 L . -16.96 25.40 -0.65
C12 A1B92 L . -16.51 23.97 -0.61
C13 A1B92 L . -16.22 29.29 -4.28
C14 A1B92 L . -15.31 30.01 -6.47
C15 A1B92 L . -14.30 29.49 -7.46
C16 A1B92 L . -14.60 27.28 -6.71
C17 A1B92 L . -14.42 28.01 -5.41
C18 A1B92 L . -16.97 30.46 -4.11
F1 A1B92 L . -21.45 34.42 -0.73
F2 A1B92 L . -21.54 33.89 1.38
N5 A1B92 L . -16.31 28.29 -3.38
N6 A1B92 L . -15.36 29.12 -5.33
CA CA M . -20.53 36.86 11.52
CA CA N . -24.23 43.55 1.38
N1 A1B92 O . -3.33 18.52 31.62
C7 A1B92 O . -3.57 17.98 30.37
C8 A1B92 O . -2.96 16.48 28.75
N2 A1B92 O . -2.74 17.01 29.94
C9 A1B92 O . -0.90 15.09 28.87
O1 A1B92 O . -8.28 17.88 26.19
C1 A1B92 O . -0.73 19.00 34.87
C5 A1B92 O . -2.18 17.53 33.53
C6 A1B92 O . -2.06 18.43 32.31
N3 A1B92 O . -2.09 15.46 28.32
C4 A1B92 O . -2.07 18.34 34.82
C3 A1B92 O . -1.57 19.82 32.70
C2 A1B92 O . -0.36 19.73 33.61
N4 A1B92 O . -2.39 14.69 27.24
C10 A1B92 O . -0.42 14.06 28.11
C11 A1B92 O . -1.37 13.84 27.11
C12 A1B92 O . -1.36 12.83 26.00
C13 A1B92 O . -4.79 17.81 28.33
C14 A1B92 O . -6.91 19.03 27.82
C15 A1B92 O . -7.84 19.16 26.65
C16 A1B92 O . -7.17 17.06 25.80
C17 A1B92 O . -5.84 17.71 26.06
C18 A1B92 O . -4.63 18.42 29.56
F1 A1B92 O . 0.24 18.06 35.15
F2 A1B92 O . -0.67 19.87 35.94
N5 A1B92 O . -3.94 16.83 27.93
N6 A1B92 O . -5.79 18.16 27.46
CA CA P . 10.69 22.51 36.76
CA CA Q . 0.13 26.05 41.96
N1 A1B92 R . 31.66 12.72 13.77
C7 A1B92 R . 30.38 12.22 13.63
C8 A1B92 R . 28.78 11.32 12.25
N2 A1B92 R . 30.01 11.81 12.40
C9 A1B92 R . 29.04 11.13 9.78
O1 A1B92 R . 25.82 10.07 17.40
C1 A1B92 R . 35.06 14.31 11.88
C5 A1B92 R . 33.60 12.37 12.33
C6 A1B92 R . 32.43 13.28 12.67
N3 A1B92 R . 28.40 10.89 10.96
C4 A1B92 R . 34.94 13.03 12.67
C3 A1B92 R . 32.91 14.68 13.05
C2 A1B92 R . 33.88 15.22 11.99
N4 A1B92 R . 27.28 10.14 10.77
C10 A1B92 R . 28.31 10.52 8.80
C11 A1B92 R . 27.23 9.92 9.47
C12 A1B92 R . 26.11 9.11 8.89
C13 A1B92 R . 28.23 11.60 14.47
C14 A1B92 R . 27.58 11.66 16.88
C15 A1B92 R . 26.34 11.37 17.67
C16 A1B92 R . 25.51 9.93 16.02
C17 A1B92 R . 25.90 11.12 15.19
C18 A1B92 R . 29.51 12.13 14.71
F1 A1B92 R . 35.28 14.01 10.55
F2 A1B92 R . 36.20 14.98 12.27
N5 A1B92 R . 27.89 11.20 13.22
N6 A1B92 R . 27.29 11.46 15.45
CA CA S . 38.01 22.21 3.67
CA CA T . 42.10 20.56 15.15
N1 A1B92 U . 16.53 25.74 -20.32
C7 A1B92 U . 16.21 24.67 -19.52
C8 A1B92 U . 14.63 23.22 -18.74
N2 A1B92 U . 14.95 24.25 -19.51
C9 A1B92 U . 12.21 23.40 -19.28
O1 A1B92 U . 19.41 20.19 -16.48
C1 A1B92 U . 14.69 28.76 -22.63
C5 A1B92 U . 15.14 26.36 -22.24
C6 A1B92 U . 15.56 26.71 -20.81
N3 A1B92 U . 13.29 22.78 -18.74
C4 A1B92 U . 14.12 27.38 -22.76
C3 A1B92 U . 16.12 28.11 -20.74
C2 A1B92 U . 16.09 28.80 -22.10
N4 A1B92 U . 12.93 21.59 -18.18
C10 A1B92 U . 11.12 22.62 -19.05
C11 A1B92 U . 11.62 21.48 -18.36
C12 A1B92 U . 10.87 20.29 -17.86
C13 A1B92 U . 16.77 22.96 -17.96
C14 A1B92 U . 17.21 21.18 -16.27
C15 A1B92 U . 18.42 20.61 -15.56
C16 A1B92 U . 19.83 21.25 -17.33
C17 A1B92 U . 19.07 22.53 -17.08
C18 A1B92 U . 17.18 24.03 -18.74
F1 A1B92 U . 13.87 29.52 -21.81
F2 A1B92 U . 14.64 29.39 -23.86
N5 A1B92 U . 15.49 22.56 -17.97
N6 A1B92 U . 17.63 22.26 -17.15
CA CA V . 7.22 37.74 -21.59
CA CA W . 17.92 37.75 -26.61
#